data_2LY9
#
_entry.id   2LY9
#
_entity_poly.entity_id   1
_entity_poly.type   'polypeptide(L)'
_entity_poly.pdbx_seq_one_letter_code
;SHMPDSFGIRAKKTKEQLAELKVSYLKNQFPHDSEIIRLMKITGLTKGEIKKWFSDTRYNQRNSKSNQCLHLNN
;
_entity_poly.pdbx_strand_id   A
#
# COMPACT_ATOMS: atom_id res chain seq x y z
N SER A 1 -13.57 22.26 12.77
CA SER A 1 -12.10 22.40 12.72
C SER A 1 -11.46 22.24 14.11
N HIS A 2 -10.80 21.08 14.35
CA HIS A 2 -10.06 20.79 15.61
C HIS A 2 -8.64 20.25 15.29
N MET A 3 -8.57 19.30 14.35
CA MET A 3 -7.29 18.70 13.88
C MET A 3 -6.82 19.39 12.58
N PRO A 4 -5.78 20.30 12.63
CA PRO A 4 -5.36 21.10 11.45
C PRO A 4 -4.37 20.36 10.50
N ASP A 5 -4.12 19.06 10.75
CA ASP A 5 -3.12 18.27 9.98
C ASP A 5 -3.62 16.84 9.67
N SER A 6 -3.31 16.39 8.44
CA SER A 6 -3.46 14.98 7.99
C SER A 6 -2.39 14.67 6.90
N PHE A 7 -1.39 15.57 6.78
CA PHE A 7 -0.41 15.58 5.66
C PHE A 7 0.98 15.08 6.12
N GLY A 8 1.26 13.79 5.86
CA GLY A 8 2.53 13.17 6.23
C GLY A 8 3.65 13.45 5.22
N ILE A 9 4.42 14.53 5.47
CA ILE A 9 5.60 14.91 4.66
C ILE A 9 6.69 13.80 4.74
N ARG A 10 6.83 13.01 3.65
CA ARG A 10 7.78 11.86 3.55
C ARG A 10 7.55 10.77 4.64
N ALA A 11 6.34 10.77 5.23
CA ALA A 11 5.98 9.86 6.33
C ALA A 11 5.65 8.44 5.80
N LYS A 12 6.24 7.43 6.45
CA LYS A 12 6.08 6.02 6.07
C LYS A 12 4.76 5.46 6.64
N LYS A 13 3.98 4.76 5.79
CA LYS A 13 2.73 4.10 6.21
C LYS A 13 3.04 2.94 7.18
N THR A 14 2.63 3.08 8.47
CA THR A 14 2.85 2.05 9.52
C THR A 14 2.15 0.72 9.15
N LYS A 15 2.56 -0.40 9.78
CA LYS A 15 2.04 -1.75 9.46
C LYS A 15 0.49 -1.81 9.59
N GLU A 16 -0.06 -1.07 10.57
CA GLU A 16 -1.52 -0.97 10.79
C GLU A 16 -2.23 -0.24 9.62
N GLN A 17 -1.70 0.95 9.25
CA GLN A 17 -2.26 1.79 8.15
C GLN A 17 -2.16 1.05 6.79
N LEU A 18 -1.03 0.40 6.59
CA LEU A 18 -0.69 -0.35 5.37
C LEU A 18 -1.54 -1.65 5.25
N ALA A 19 -1.88 -2.25 6.40
CA ALA A 19 -2.76 -3.44 6.48
C ALA A 19 -4.24 -3.11 6.14
N GLU A 20 -4.69 -1.89 6.50
CA GLU A 20 -6.05 -1.40 6.12
C GLU A 20 -6.15 -1.23 4.59
N LEU A 21 -5.04 -0.76 3.98
CA LEU A 21 -4.89 -0.68 2.50
C LEU A 21 -4.93 -2.09 1.85
N LYS A 22 -4.32 -3.09 2.54
CA LYS A 22 -4.38 -4.51 2.11
C LYS A 22 -5.83 -5.04 2.06
N VAL A 23 -6.63 -4.72 3.10
CA VAL A 23 -8.08 -5.09 3.16
C VAL A 23 -8.85 -4.58 1.91
N SER A 24 -8.53 -3.33 1.52
CA SER A 24 -9.12 -2.69 0.32
C SER A 24 -8.69 -3.39 -0.99
N TYR A 25 -7.43 -3.88 -1.06
CA TYR A 25 -6.92 -4.60 -2.26
C TYR A 25 -7.55 -6.01 -2.39
N LEU A 26 -7.75 -6.68 -1.24
CA LEU A 26 -8.34 -8.05 -1.17
C LEU A 26 -9.83 -8.05 -1.61
N LYS A 27 -10.59 -6.99 -1.22
CA LYS A 27 -12.01 -6.86 -1.62
C LYS A 27 -12.15 -6.41 -3.12
N ASN A 28 -11.27 -5.48 -3.56
CA ASN A 28 -11.18 -5.03 -4.97
C ASN A 28 -9.79 -4.40 -5.28
N GLN A 29 -9.11 -4.92 -6.30
CA GLN A 29 -7.71 -4.54 -6.65
C GLN A 29 -7.62 -3.12 -7.29
N PHE A 30 -8.78 -2.61 -7.71
CA PHE A 30 -8.93 -1.23 -8.22
C PHE A 30 -9.96 -0.48 -7.34
N PRO A 31 -9.48 0.21 -6.24
CA PRO A 31 -10.37 0.82 -5.21
C PRO A 31 -11.25 1.97 -5.72
N HIS A 32 -12.54 1.96 -5.30
CA HIS A 32 -13.48 3.07 -5.56
C HIS A 32 -13.13 4.28 -4.66
N ASP A 33 -13.40 5.50 -5.15
CA ASP A 33 -13.01 6.76 -4.47
C ASP A 33 -13.57 6.86 -3.02
N SER A 34 -14.84 6.44 -2.83
CA SER A 34 -15.51 6.47 -1.50
C SER A 34 -14.81 5.54 -0.47
N GLU A 35 -14.33 4.38 -0.96
CA GLU A 35 -13.54 3.41 -0.13
C GLU A 35 -12.17 4.01 0.27
N ILE A 36 -11.55 4.75 -0.67
CA ILE A 36 -10.26 5.45 -0.45
C ILE A 36 -10.40 6.56 0.63
N ILE A 37 -11.51 7.33 0.57
CA ILE A 37 -11.82 8.35 1.61
C ILE A 37 -12.01 7.68 2.99
N ARG A 38 -12.67 6.51 3.00
CA ARG A 38 -12.85 5.69 4.22
C ARG A 38 -11.49 5.21 4.80
N LEU A 39 -10.54 4.87 3.92
CA LEU A 39 -9.14 4.55 4.32
C LEU A 39 -8.45 5.77 4.96
N MET A 40 -8.63 6.96 4.35
CA MET A 40 -8.11 8.26 4.88
C MET A 40 -8.66 8.57 6.30
N LYS A 41 -9.91 8.14 6.56
CA LYS A 41 -10.57 8.28 7.89
C LYS A 41 -9.93 7.35 8.96
N ILE A 42 -9.83 6.05 8.63
CA ILE A 42 -9.36 5.00 9.58
C ILE A 42 -7.84 5.14 9.87
N THR A 43 -7.05 5.26 8.79
CA THR A 43 -5.57 5.30 8.87
C THR A 43 -5.04 6.71 9.23
N GLY A 44 -5.69 7.75 8.67
CA GLY A 44 -5.22 9.14 8.79
C GLY A 44 -4.32 9.58 7.62
N LEU A 45 -4.32 8.77 6.53
CA LEU A 45 -3.48 9.01 5.33
C LEU A 45 -4.13 9.99 4.33
N THR A 46 -3.38 10.28 3.25
CA THR A 46 -3.86 11.08 2.11
C THR A 46 -4.22 10.15 0.93
N LYS A 47 -5.15 10.59 0.06
CA LYS A 47 -5.57 9.85 -1.15
C LYS A 47 -4.37 9.63 -2.14
N GLY A 48 -3.34 10.51 -2.05
CA GLY A 48 -2.09 10.37 -2.81
C GLY A 48 -1.22 9.18 -2.38
N GLU A 49 -1.00 9.03 -1.05
CA GLU A 49 -0.24 7.88 -0.47
C GLU A 49 -0.92 6.53 -0.77
N ILE A 50 -2.26 6.55 -0.77
CA ILE A 50 -3.10 5.38 -1.04
C ILE A 50 -2.99 4.94 -2.52
N LYS A 51 -3.23 5.89 -3.46
CA LYS A 51 -3.09 5.65 -4.93
C LYS A 51 -1.66 5.17 -5.31
N LYS A 52 -0.66 5.72 -4.61
CA LYS A 52 0.76 5.29 -4.75
C LYS A 52 0.91 3.79 -4.38
N TRP A 53 0.40 3.44 -3.19
CA TRP A 53 0.55 2.08 -2.60
C TRP A 53 -0.06 0.97 -3.49
N PHE A 54 -1.30 1.20 -3.99
CA PHE A 54 -2.02 0.22 -4.84
C PHE A 54 -1.32 -0.03 -6.20
N SER A 55 -0.60 1.00 -6.71
CA SER A 55 0.23 0.85 -7.94
C SER A 55 1.45 -0.07 -7.66
N ASP A 56 2.04 0.06 -6.45
CA ASP A 56 3.13 -0.81 -5.97
C ASP A 56 2.64 -2.26 -5.77
N THR A 57 1.44 -2.40 -5.18
CA THR A 57 0.82 -3.70 -4.82
C THR A 57 0.32 -4.46 -6.07
N ARG A 58 -0.03 -3.71 -7.13
CA ARG A 58 -0.44 -4.31 -8.42
C ARG A 58 0.75 -5.03 -9.09
N TYR A 59 1.97 -4.47 -8.95
CA TYR A 59 3.22 -5.14 -9.36
C TYR A 59 3.66 -6.22 -8.35
N ASN A 60 3.44 -5.96 -7.05
CA ASN A 60 3.78 -6.90 -5.94
C ASN A 60 2.99 -8.23 -6.08
N GLN A 61 1.81 -8.14 -6.71
CA GLN A 61 0.94 -9.29 -7.06
C GLN A 61 1.63 -10.24 -8.09
N ARG A 62 2.52 -9.67 -8.93
CA ARG A 62 3.26 -10.40 -9.99
C ARG A 62 4.80 -10.25 -9.81
N ASN A 63 5.27 -10.34 -8.56
CA ASN A 63 6.67 -10.01 -8.17
C ASN A 63 7.75 -10.91 -8.89
N SER A 64 7.56 -12.23 -8.84
CA SER A 64 8.56 -13.22 -9.36
C SER A 64 8.54 -13.31 -10.91
N LYS A 65 7.33 -13.48 -11.47
CA LYS A 65 7.13 -13.52 -12.94
C LYS A 65 7.43 -12.14 -13.60
N SER A 66 7.21 -11.06 -12.83
CA SER A 66 7.57 -9.65 -13.16
C SER A 66 6.64 -9.02 -14.24
N ASN A 67 6.61 -9.62 -15.45
CA ASN A 67 5.83 -9.12 -16.59
C ASN A 67 4.35 -9.59 -16.54
N GLN A 68 4.12 -10.90 -16.78
CA GLN A 68 2.75 -11.47 -16.86
C GLN A 68 2.39 -12.31 -15.59
N CYS A 69 1.15 -12.82 -15.55
CA CYS A 69 0.62 -13.62 -14.41
C CYS A 69 0.04 -14.97 -14.88
N LEU A 70 -0.06 -15.92 -13.93
CA LEU A 70 -0.77 -17.21 -14.16
C LEU A 70 -2.31 -17.00 -14.11
N HIS A 71 -3.06 -17.86 -14.82
CA HIS A 71 -4.54 -17.83 -14.86
C HIS A 71 -5.05 -16.44 -15.37
N LEU A 72 -4.33 -15.88 -16.36
CA LEU A 72 -4.63 -14.56 -16.95
C LEU A 72 -5.99 -14.58 -17.71
N ASN A 73 -6.88 -13.62 -17.38
CA ASN A 73 -8.25 -13.56 -17.96
C ASN A 73 -8.22 -13.09 -19.43
N ASN A 74 -8.84 -13.88 -20.33
CA ASN A 74 -8.92 -13.60 -21.78
C ASN A 74 -10.36 -13.91 -22.31
N SER A 1 7.69 0.60 -8.98
CA SER A 1 8.49 1.76 -8.51
C SER A 1 9.92 1.70 -9.07
N HIS A 2 10.30 2.75 -9.82
CA HIS A 2 11.68 2.95 -10.29
C HIS A 2 12.20 4.27 -9.70
N MET A 3 13.05 4.17 -8.63
CA MET A 3 13.58 5.32 -7.85
C MET A 3 12.43 6.07 -7.09
N PRO A 4 12.28 5.88 -5.73
CA PRO A 4 11.17 6.49 -4.94
C PRO A 4 11.30 8.03 -4.80
N ASP A 5 10.25 8.76 -5.21
CA ASP A 5 10.16 10.23 -5.06
C ASP A 5 10.08 10.63 -3.56
N SER A 6 11.24 10.78 -2.94
CA SER A 6 11.34 11.09 -1.49
C SER A 6 11.40 12.62 -1.29
N PHE A 7 10.27 13.30 -1.58
CA PHE A 7 10.19 14.79 -1.56
C PHE A 7 9.09 15.28 -0.57
N GLY A 8 9.49 16.18 0.36
CA GLY A 8 8.55 16.80 1.31
C GLY A 8 8.19 15.93 2.51
N ILE A 9 7.48 16.53 3.48
CA ILE A 9 6.99 15.81 4.68
C ILE A 9 5.80 14.92 4.25
N ARG A 10 6.05 13.60 4.06
CA ARG A 10 5.05 12.66 3.47
C ARG A 10 4.69 11.48 4.40
N ALA A 11 5.40 11.37 5.55
CA ALA A 11 5.28 10.22 6.48
C ALA A 11 5.60 8.87 5.78
N LYS A 12 5.14 7.74 6.36
CA LYS A 12 5.26 6.41 5.73
C LYS A 12 4.08 5.50 6.14
N LYS A 13 3.71 4.61 5.21
CA LYS A 13 2.59 3.66 5.40
C LYS A 13 2.95 2.59 6.46
N THR A 14 2.47 2.79 7.69
CA THR A 14 2.75 1.89 8.84
C THR A 14 2.02 0.54 8.68
N LYS A 15 2.27 -0.43 9.58
CA LYS A 15 1.62 -1.78 9.53
C LYS A 15 0.09 -1.70 9.75
N GLU A 16 -0.31 -0.77 10.62
CA GLU A 16 -1.73 -0.52 10.95
C GLU A 16 -2.48 0.18 9.79
N GLN A 17 -1.78 1.11 9.12
CA GLN A 17 -2.28 1.81 7.92
C GLN A 17 -2.37 0.85 6.71
N LEU A 18 -1.32 0.03 6.55
CA LEU A 18 -1.16 -0.96 5.47
C LEU A 18 -2.25 -2.06 5.59
N ALA A 19 -2.62 -2.42 6.83
CA ALA A 19 -3.64 -3.46 7.13
C ALA A 19 -5.02 -3.13 6.51
N GLU A 20 -5.42 -1.86 6.62
CA GLU A 20 -6.70 -1.38 6.04
C GLU A 20 -6.66 -1.40 4.50
N LEU A 21 -5.52 -1.00 3.95
CA LEU A 21 -5.25 -1.02 2.49
C LEU A 21 -5.21 -2.47 1.95
N LYS A 22 -4.72 -3.39 2.81
CA LYS A 22 -4.55 -4.81 2.46
C LYS A 22 -5.92 -5.49 2.27
N VAL A 23 -6.82 -5.28 3.25
CA VAL A 23 -8.23 -5.78 3.21
C VAL A 23 -9.01 -5.17 2.01
N SER A 24 -8.75 -3.88 1.74
CA SER A 24 -9.36 -3.16 0.60
C SER A 24 -8.78 -3.66 -0.76
N TYR A 25 -7.55 -4.19 -0.75
CA TYR A 25 -6.91 -4.83 -1.93
C TYR A 25 -7.47 -6.25 -2.18
N LEU A 26 -7.81 -6.95 -1.08
CA LEU A 26 -8.40 -8.31 -1.13
C LEU A 26 -9.80 -8.31 -1.79
N LYS A 27 -10.63 -7.31 -1.43
CA LYS A 27 -11.97 -7.14 -2.03
C LYS A 27 -11.88 -6.68 -3.52
N ASN A 28 -10.86 -5.82 -3.82
CA ASN A 28 -10.63 -5.27 -5.18
C ASN A 28 -9.24 -4.58 -5.27
N GLN A 29 -8.43 -4.96 -6.29
CA GLN A 29 -7.05 -4.42 -6.49
C GLN A 29 -7.07 -2.92 -6.89
N PHE A 30 -8.18 -2.49 -7.53
CA PHE A 30 -8.40 -1.08 -7.94
C PHE A 30 -9.72 -0.54 -7.32
N PRO A 31 -9.77 -0.25 -5.97
CA PRO A 31 -11.02 0.20 -5.30
C PRO A 31 -11.39 1.66 -5.68
N HIS A 32 -12.70 1.98 -5.64
CA HIS A 32 -13.19 3.33 -6.00
C HIS A 32 -12.69 4.41 -5.00
N ASP A 33 -12.58 5.65 -5.47
CA ASP A 33 -11.98 6.76 -4.69
C ASP A 33 -12.82 7.13 -3.43
N SER A 34 -14.10 6.70 -3.40
CA SER A 34 -15.00 6.84 -2.23
C SER A 34 -14.53 5.95 -1.05
N GLU A 35 -13.98 4.75 -1.38
CA GLU A 35 -13.36 3.85 -0.38
C GLU A 35 -12.10 4.50 0.22
N ILE A 36 -11.29 5.13 -0.66
CA ILE A 36 -10.04 5.85 -0.29
C ILE A 36 -10.30 7.00 0.73
N ILE A 37 -11.45 7.71 0.56
CA ILE A 37 -11.91 8.75 1.54
C ILE A 37 -12.00 8.16 2.97
N ARG A 38 -12.70 7.02 3.08
CA ARG A 38 -12.91 6.31 4.36
C ARG A 38 -11.58 5.77 4.93
N LEU A 39 -10.73 5.24 4.03
CA LEU A 39 -9.41 4.70 4.38
C LEU A 39 -8.48 5.80 4.95
N MET A 40 -8.54 7.05 4.42
CA MET A 40 -7.74 8.20 4.94
C MET A 40 -8.08 8.53 6.40
N LYS A 41 -9.36 8.32 6.78
CA LYS A 41 -9.85 8.58 8.15
C LYS A 41 -9.36 7.50 9.15
N ILE A 42 -9.37 6.23 8.72
CA ILE A 42 -8.98 5.08 9.57
C ILE A 42 -7.43 4.95 9.69
N THR A 43 -6.74 5.07 8.54
CA THR A 43 -5.27 4.93 8.45
C THR A 43 -4.54 6.20 8.95
N GLY A 44 -4.94 7.36 8.40
CA GLY A 44 -4.25 8.63 8.64
C GLY A 44 -3.43 9.11 7.42
N LEU A 45 -3.38 8.28 6.36
CA LEU A 45 -2.69 8.63 5.08
C LEU A 45 -3.52 9.63 4.24
N THR A 46 -2.93 10.10 3.13
CA THR A 46 -3.56 11.08 2.22
C THR A 46 -4.14 10.42 0.93
N LYS A 47 -4.80 11.25 0.12
CA LYS A 47 -5.48 10.85 -1.14
C LYS A 47 -4.51 10.13 -2.13
N GLY A 48 -3.37 10.77 -2.39
CA GLY A 48 -2.34 10.25 -3.30
C GLY A 48 -1.54 9.08 -2.73
N GLU A 49 -1.27 9.12 -1.41
CA GLU A 49 -0.57 8.02 -0.67
C GLU A 49 -1.25 6.65 -0.89
N ILE A 50 -2.55 6.62 -0.63
CA ILE A 50 -3.35 5.38 -0.73
C ILE A 50 -3.43 4.86 -2.19
N LYS A 51 -3.61 5.77 -3.18
CA LYS A 51 -3.57 5.40 -4.62
C LYS A 51 -2.21 4.78 -5.02
N LYS A 52 -1.10 5.36 -4.50
CA LYS A 52 0.27 4.88 -4.74
C LYS A 52 0.50 3.47 -4.15
N TRP A 53 -0.18 3.13 -3.03
CA TRP A 53 -0.07 1.78 -2.45
C TRP A 53 -0.73 0.72 -3.36
N PHE A 54 -2.00 0.97 -3.77
CA PHE A 54 -2.77 0.01 -4.61
C PHE A 54 -2.15 -0.15 -6.02
N SER A 55 -1.62 0.95 -6.57
CA SER A 55 -0.96 0.96 -7.89
C SER A 55 0.35 0.14 -7.87
N ASP A 56 1.21 0.42 -6.88
CA ASP A 56 2.57 -0.17 -6.79
C ASP A 56 2.53 -1.65 -6.32
N THR A 57 1.73 -1.93 -5.25
CA THR A 57 1.55 -3.30 -4.69
C THR A 57 0.98 -4.28 -5.75
N ARG A 58 0.09 -3.75 -6.63
CA ARG A 58 -0.46 -4.51 -7.78
C ARG A 58 0.68 -5.08 -8.67
N TYR A 59 1.72 -4.26 -8.89
CA TYR A 59 2.93 -4.67 -9.61
C TYR A 59 3.86 -5.56 -8.73
N ASN A 60 3.91 -5.28 -7.42
CA ASN A 60 4.78 -6.05 -6.46
C ASN A 60 4.31 -7.50 -6.27
N GLN A 61 3.01 -7.77 -6.52
CA GLN A 61 2.44 -9.15 -6.51
C GLN A 61 2.95 -9.97 -7.74
N ARG A 62 3.38 -9.27 -8.81
CA ARG A 62 4.05 -9.89 -9.98
C ARG A 62 5.46 -10.37 -9.61
N ASN A 63 6.17 -9.58 -8.78
CA ASN A 63 7.56 -9.86 -8.39
C ASN A 63 7.57 -10.80 -7.15
N SER A 64 8.33 -11.89 -7.24
CA SER A 64 8.42 -12.92 -6.16
C SER A 64 9.07 -12.37 -4.87
N LYS A 65 9.88 -11.31 -5.02
CA LYS A 65 10.59 -10.65 -3.89
C LYS A 65 9.68 -9.64 -3.14
N SER A 66 8.56 -10.13 -2.59
CA SER A 66 7.67 -9.33 -1.73
C SER A 66 8.20 -9.33 -0.28
N ASN A 67 9.00 -8.31 0.04
CA ASN A 67 9.63 -8.15 1.37
C ASN A 67 8.61 -7.62 2.43
N GLN A 68 7.45 -7.13 1.95
CA GLN A 68 6.35 -6.64 2.80
C GLN A 68 5.61 -7.82 3.52
N CYS A 69 5.96 -8.03 4.82
CA CYS A 69 5.32 -9.02 5.74
C CYS A 69 5.58 -10.50 5.31
N LEU A 70 4.95 -11.46 6.06
CA LEU A 70 4.93 -12.92 5.77
C LEU A 70 6.29 -13.60 6.13
N HIS A 71 7.34 -13.31 5.34
CA HIS A 71 8.67 -13.96 5.46
C HIS A 71 9.35 -13.59 6.81
N LEU A 72 9.61 -14.62 7.67
CA LEU A 72 10.19 -14.44 9.02
C LEU A 72 11.22 -15.56 9.37
N ASN A 73 11.80 -15.49 10.58
CA ASN A 73 12.82 -16.44 11.08
C ASN A 73 12.34 -17.06 12.43
N ASN A 74 12.65 -18.36 12.64
CA ASN A 74 12.30 -19.10 13.89
C ASN A 74 13.23 -18.67 15.07
N SER A 1 10.80 27.80 -7.90
CA SER A 1 9.38 28.20 -8.17
C SER A 1 8.42 27.49 -7.19
N HIS A 2 7.70 28.27 -6.35
CA HIS A 2 6.75 27.73 -5.36
C HIS A 2 5.50 27.08 -6.04
N MET A 3 5.11 25.90 -5.55
CA MET A 3 3.87 25.22 -5.95
C MET A 3 3.25 24.47 -4.73
N PRO A 4 1.92 24.68 -4.43
CA PRO A 4 1.22 24.03 -3.27
C PRO A 4 1.28 22.47 -3.27
N ASP A 5 0.95 21.89 -2.09
CA ASP A 5 0.90 20.43 -1.82
C ASP A 5 2.30 19.77 -1.77
N SER A 6 2.51 18.93 -0.74
CA SER A 6 3.72 18.09 -0.61
C SER A 6 3.63 16.88 -1.59
N PHE A 7 4.61 16.78 -2.52
CA PHE A 7 4.59 15.79 -3.62
C PHE A 7 4.86 14.34 -3.12
N GLY A 8 3.77 13.64 -2.72
CA GLY A 8 3.78 12.18 -2.47
C GLY A 8 4.52 11.70 -1.20
N ILE A 9 5.86 11.81 -1.23
CA ILE A 9 6.76 11.19 -0.23
C ILE A 9 6.70 11.91 1.14
N ARG A 10 5.87 11.39 2.06
CA ARG A 10 6.00 11.61 3.52
C ARG A 10 6.72 10.39 4.17
N ALA A 11 6.98 9.34 3.33
CA ALA A 11 7.82 8.16 3.65
C ALA A 11 7.17 7.17 4.65
N LYS A 12 7.11 7.55 5.94
CA LYS A 12 6.70 6.66 7.05
C LYS A 12 5.21 6.25 6.97
N LYS A 13 4.94 4.95 6.72
CA LYS A 13 3.60 4.33 6.79
C LYS A 13 3.64 3.17 7.80
N THR A 14 2.89 3.28 8.91
CA THR A 14 2.89 2.26 9.99
C THR A 14 2.09 0.99 9.60
N LYS A 15 2.28 -0.09 10.38
CA LYS A 15 1.80 -1.45 10.03
C LYS A 15 0.26 -1.53 9.93
N GLU A 16 -0.45 -1.04 10.97
CA GLU A 16 -1.94 -1.03 10.99
C GLU A 16 -2.55 -0.18 9.86
N GLN A 17 -1.81 0.86 9.37
CA GLN A 17 -2.25 1.65 8.20
C GLN A 17 -2.24 0.81 6.90
N LEU A 18 -1.10 0.13 6.67
CA LEU A 18 -0.92 -0.78 5.51
C LEU A 18 -1.89 -1.99 5.57
N ALA A 19 -2.23 -2.43 6.80
CA ALA A 19 -3.11 -3.59 7.05
C ALA A 19 -4.54 -3.37 6.52
N GLU A 20 -5.11 -2.18 6.82
CA GLU A 20 -6.47 -1.80 6.36
C GLU A 20 -6.53 -1.69 4.82
N LEU A 21 -5.45 -1.16 4.24
CA LEU A 21 -5.29 -1.02 2.78
C LEU A 21 -5.22 -2.42 2.10
N LYS A 22 -4.57 -3.41 2.75
CA LYS A 22 -4.43 -4.79 2.19
C LYS A 22 -5.75 -5.59 2.24
N VAL A 23 -6.58 -5.37 3.28
CA VAL A 23 -7.95 -5.96 3.34
C VAL A 23 -8.82 -5.39 2.20
N SER A 24 -8.70 -4.06 1.97
CA SER A 24 -9.34 -3.37 0.84
C SER A 24 -8.80 -3.87 -0.52
N TYR A 25 -7.49 -4.16 -0.58
CA TYR A 25 -6.78 -4.56 -1.82
C TYR A 25 -7.21 -5.97 -2.31
N LEU A 26 -7.22 -6.95 -1.38
CA LEU A 26 -7.60 -8.35 -1.69
C LEU A 26 -9.07 -8.44 -2.17
N LYS A 27 -9.93 -7.57 -1.61
CA LYS A 27 -11.35 -7.44 -2.02
C LYS A 27 -11.47 -6.71 -3.39
N ASN A 28 -10.75 -5.57 -3.51
CA ASN A 28 -10.81 -4.65 -4.66
C ASN A 28 -9.42 -4.00 -4.91
N GLN A 29 -8.72 -4.46 -5.96
CA GLN A 29 -7.37 -3.94 -6.34
C GLN A 29 -7.49 -2.50 -6.93
N PHE A 30 -8.68 -2.19 -7.46
CA PHE A 30 -9.02 -0.88 -8.05
C PHE A 30 -10.32 -0.32 -7.39
N PRO A 31 -10.22 0.50 -6.28
CA PRO A 31 -11.40 1.04 -5.56
C PRO A 31 -11.91 2.40 -6.13
N HIS A 32 -13.10 2.82 -5.65
CA HIS A 32 -13.72 4.14 -5.97
C HIS A 32 -13.14 5.26 -5.07
N ASP A 33 -13.45 6.53 -5.42
CA ASP A 33 -12.93 7.72 -4.71
C ASP A 33 -13.39 7.78 -3.23
N SER A 34 -14.70 7.53 -3.01
CA SER A 34 -15.33 7.52 -1.66
C SER A 34 -14.73 6.42 -0.75
N GLU A 35 -14.32 5.30 -1.36
CA GLU A 35 -13.62 4.20 -0.65
C GLU A 35 -12.27 4.69 -0.07
N ILE A 36 -11.52 5.39 -0.92
CA ILE A 36 -10.21 5.97 -0.57
C ILE A 36 -10.34 7.05 0.53
N ILE A 37 -11.42 7.87 0.47
CA ILE A 37 -11.73 8.90 1.50
C ILE A 37 -11.91 8.26 2.90
N ARG A 38 -12.69 7.17 2.95
CA ARG A 38 -12.86 6.35 4.17
C ARG A 38 -11.50 5.81 4.67
N LEU A 39 -10.73 5.20 3.74
CA LEU A 39 -9.40 4.62 4.04
C LEU A 39 -8.40 5.67 4.60
N MET A 40 -8.54 6.95 4.20
CA MET A 40 -7.70 8.05 4.76
C MET A 40 -7.95 8.23 6.28
N LYS A 41 -9.22 8.13 6.67
CA LYS A 41 -9.64 8.29 8.09
C LYS A 41 -9.34 7.05 8.94
N ILE A 42 -9.40 5.86 8.31
CA ILE A 42 -9.13 4.57 8.99
C ILE A 42 -7.61 4.36 9.20
N THR A 43 -6.79 4.75 8.20
CA THR A 43 -5.33 4.59 8.24
C THR A 43 -4.63 5.83 8.86
N GLY A 44 -4.80 7.00 8.20
CA GLY A 44 -4.08 8.23 8.55
C GLY A 44 -3.30 8.83 7.36
N LEU A 45 -3.32 8.12 6.22
CA LEU A 45 -2.65 8.55 4.97
C LEU A 45 -3.53 9.49 4.12
N THR A 46 -2.94 10.06 3.05
CA THR A 46 -3.65 10.93 2.08
C THR A 46 -4.12 10.13 0.85
N LYS A 47 -5.05 10.71 0.08
CA LYS A 47 -5.62 10.10 -1.14
C LYS A 47 -4.51 9.77 -2.19
N GLY A 48 -3.55 10.69 -2.33
CA GLY A 48 -2.40 10.50 -3.25
C GLY A 48 -1.51 9.30 -2.87
N GLU A 49 -1.25 9.13 -1.55
CA GLU A 49 -0.47 7.99 -1.02
C GLU A 49 -1.20 6.65 -1.24
N ILE A 50 -2.52 6.64 -1.02
CA ILE A 50 -3.35 5.42 -1.07
C ILE A 50 -3.59 4.94 -2.54
N LYS A 51 -3.88 5.88 -3.45
CA LYS A 51 -4.01 5.56 -4.91
C LYS A 51 -2.70 4.98 -5.48
N LYS A 52 -1.57 5.62 -5.12
CA LYS A 52 -0.22 5.13 -5.46
C LYS A 52 0.05 3.74 -4.81
N TRP A 53 -0.41 3.57 -3.55
CA TRP A 53 -0.20 2.30 -2.80
C TRP A 53 -0.80 1.09 -3.55
N PHE A 54 -2.07 1.23 -4.03
CA PHE A 54 -2.76 0.17 -4.81
C PHE A 54 -2.00 -0.20 -6.12
N SER A 55 -1.29 0.80 -6.70
CA SER A 55 -0.46 0.59 -7.91
C SER A 55 0.81 -0.25 -7.60
N ASP A 56 1.58 0.19 -6.59
CA ASP A 56 2.86 -0.46 -6.18
C ASP A 56 2.64 -1.89 -5.59
N THR A 57 1.53 -2.07 -4.86
CA THR A 57 1.14 -3.37 -4.27
C THR A 57 0.59 -4.34 -5.36
N ARG A 58 0.01 -3.75 -6.44
CA ARG A 58 -0.39 -4.51 -7.65
C ARG A 58 0.87 -5.00 -8.41
N TYR A 59 1.91 -4.14 -8.44
CA TYR A 59 3.22 -4.47 -9.02
C TYR A 59 3.91 -5.61 -8.22
N ASN A 60 3.75 -5.58 -6.88
CA ASN A 60 4.38 -6.56 -5.96
C ASN A 60 3.97 -8.03 -6.30
N GLN A 61 2.71 -8.24 -6.70
CA GLN A 61 2.18 -9.58 -7.06
C GLN A 61 2.72 -10.10 -8.42
N ARG A 62 2.92 -9.17 -9.38
CA ARG A 62 3.56 -9.50 -10.69
C ARG A 62 5.10 -9.33 -10.64
N ASN A 63 5.64 -8.95 -9.46
CA ASN A 63 7.10 -8.91 -9.19
C ASN A 63 7.56 -10.23 -8.51
N SER A 64 6.65 -10.83 -7.72
CA SER A 64 6.90 -12.12 -7.03
C SER A 64 7.05 -13.27 -8.05
N LYS A 65 8.08 -14.12 -7.85
CA LYS A 65 8.46 -15.21 -8.79
C LYS A 65 7.29 -16.17 -9.11
N SER A 66 6.55 -16.57 -8.06
CA SER A 66 5.39 -17.51 -8.13
C SER A 66 5.79 -18.95 -8.59
N ASN A 67 4.84 -19.89 -8.54
CA ASN A 67 5.08 -21.29 -8.98
C ASN A 67 3.80 -21.90 -9.60
N GLN A 68 3.85 -22.16 -10.93
CA GLN A 68 2.75 -22.81 -11.67
C GLN A 68 2.87 -24.35 -11.55
N CYS A 69 2.10 -24.94 -10.61
CA CYS A 69 2.10 -26.40 -10.36
C CYS A 69 1.30 -27.16 -11.44
N LEU A 70 0.02 -26.78 -11.61
CA LEU A 70 -0.89 -27.39 -12.61
C LEU A 70 -0.44 -26.99 -14.04
N HIS A 71 -0.03 -27.99 -14.85
CA HIS A 71 0.35 -27.81 -16.26
C HIS A 71 -0.72 -28.43 -17.20
N LEU A 72 -1.59 -27.57 -17.76
CA LEU A 72 -2.55 -27.97 -18.83
C LEU A 72 -1.86 -27.91 -20.21
N ASN A 73 -2.58 -28.32 -21.28
CA ASN A 73 -2.06 -28.29 -22.66
C ASN A 73 -1.84 -26.82 -23.13
N ASN A 74 -0.58 -26.35 -23.03
CA ASN A 74 -0.20 -24.96 -23.39
C ASN A 74 -0.20 -24.73 -24.94
N SER A 1 16.12 -8.70 8.58
CA SER A 1 15.04 -7.68 8.68
C SER A 1 15.26 -6.78 9.91
N HIS A 2 15.22 -5.45 9.69
CA HIS A 2 15.42 -4.43 10.74
C HIS A 2 14.21 -3.47 10.73
N MET A 3 13.90 -2.85 11.88
CA MET A 3 12.80 -1.87 12.00
C MET A 3 13.09 -0.61 11.13
N PRO A 4 12.08 -0.10 10.35
CA PRO A 4 12.28 1.08 9.43
C PRO A 4 12.87 2.34 10.13
N ASP A 5 14.17 2.61 9.86
CA ASP A 5 14.89 3.77 10.42
C ASP A 5 14.52 5.07 9.66
N SER A 6 13.33 5.61 9.98
CA SER A 6 12.81 6.86 9.39
C SER A 6 11.74 7.50 10.29
N PHE A 7 11.44 8.77 10.01
CA PHE A 7 10.47 9.58 10.79
C PHE A 7 9.00 9.34 10.32
N GLY A 8 8.84 8.91 9.04
CA GLY A 8 7.51 8.76 8.41
C GLY A 8 6.75 10.09 8.32
N ILE A 9 7.40 11.09 7.71
CA ILE A 9 6.96 12.51 7.73
C ILE A 9 5.59 12.69 7.02
N ARG A 10 4.50 12.77 7.84
CA ARG A 10 3.08 12.84 7.39
C ARG A 10 2.66 11.57 6.59
N ALA A 11 3.16 11.47 5.34
CA ALA A 11 3.03 10.26 4.51
C ALA A 11 3.86 9.09 5.11
N LYS A 12 3.19 8.29 5.95
CA LYS A 12 3.82 7.20 6.74
C LYS A 12 3.23 5.82 6.32
N LYS A 13 4.03 4.74 6.47
CA LYS A 13 3.56 3.36 6.22
C LYS A 13 3.87 2.44 7.43
N THR A 14 2.97 2.43 8.43
CA THR A 14 3.02 1.44 9.54
C THR A 14 2.29 0.14 9.14
N LYS A 15 2.41 -0.92 9.96
CA LYS A 15 1.67 -2.18 9.75
C LYS A 15 0.14 -1.92 9.85
N GLU A 16 -0.26 -1.02 10.75
CA GLU A 16 -1.68 -0.62 10.95
C GLU A 16 -2.28 0.06 9.70
N GLN A 17 -1.55 1.06 9.16
CA GLN A 17 -1.97 1.83 7.96
C GLN A 17 -1.99 0.94 6.70
N LEU A 18 -0.91 0.16 6.52
CA LEU A 18 -0.69 -0.73 5.37
C LEU A 18 -1.73 -1.89 5.34
N ALA A 19 -2.14 -2.36 6.55
CA ALA A 19 -3.14 -3.44 6.71
C ALA A 19 -4.54 -3.04 6.23
N GLU A 20 -4.95 -1.79 6.53
CA GLU A 20 -6.26 -1.24 6.09
C GLU A 20 -6.32 -1.09 4.55
N LEU A 21 -5.18 -0.75 3.96
CA LEU A 21 -5.02 -0.67 2.49
C LEU A 21 -5.19 -2.07 1.85
N LYS A 22 -4.72 -3.12 2.57
CA LYS A 22 -4.92 -4.54 2.17
C LYS A 22 -6.39 -4.96 2.25
N VAL A 23 -7.10 -4.51 3.30
CA VAL A 23 -8.55 -4.82 3.51
C VAL A 23 -9.40 -4.36 2.30
N SER A 24 -9.01 -3.23 1.68
CA SER A 24 -9.64 -2.74 0.41
C SER A 24 -9.19 -3.58 -0.81
N TYR A 25 -7.86 -3.77 -0.95
CA TYR A 25 -7.20 -4.42 -2.12
C TYR A 25 -7.69 -5.89 -2.34
N LEU A 26 -7.93 -6.60 -1.24
CA LEU A 26 -8.35 -8.03 -1.25
C LEU A 26 -9.81 -8.23 -1.73
N LYS A 27 -10.62 -7.15 -1.72
CA LYS A 27 -11.94 -7.13 -2.42
C LYS A 27 -11.74 -6.64 -3.87
N ASN A 28 -11.17 -5.44 -4.03
CA ASN A 28 -10.91 -4.83 -5.36
C ASN A 28 -9.61 -3.99 -5.32
N GLN A 29 -8.76 -4.11 -6.38
CA GLN A 29 -7.44 -3.47 -6.42
C GLN A 29 -7.55 -1.94 -6.59
N PHE A 30 -8.58 -1.50 -7.35
CA PHE A 30 -8.88 -0.07 -7.56
C PHE A 30 -10.40 0.20 -7.34
N PRO A 31 -10.83 0.48 -6.05
CA PRO A 31 -12.25 0.82 -5.72
C PRO A 31 -12.60 2.30 -6.03
N HIS A 32 -13.84 2.72 -5.65
CA HIS A 32 -14.27 4.14 -5.76
C HIS A 32 -13.50 5.05 -4.77
N ASP A 33 -13.45 6.35 -5.07
CA ASP A 33 -12.72 7.35 -4.24
C ASP A 33 -13.30 7.47 -2.81
N SER A 34 -14.61 7.19 -2.66
CA SER A 34 -15.31 7.18 -1.34
C SER A 34 -14.75 6.08 -0.40
N GLU A 35 -14.45 4.90 -0.98
CA GLU A 35 -13.84 3.76 -0.25
C GLU A 35 -12.40 4.13 0.23
N ILE A 36 -11.71 4.90 -0.61
CA ILE A 36 -10.37 5.43 -0.32
C ILE A 36 -10.42 6.49 0.82
N ILE A 37 -11.52 7.28 0.88
CA ILE A 37 -11.76 8.26 1.98
C ILE A 37 -12.01 7.53 3.33
N ARG A 38 -12.68 6.35 3.27
CA ARG A 38 -12.81 5.44 4.44
C ARG A 38 -11.42 5.04 4.98
N LEU A 39 -10.51 4.67 4.06
CA LEU A 39 -9.11 4.33 4.38
C LEU A 39 -8.36 5.57 4.95
N MET A 40 -8.63 6.78 4.40
CA MET A 40 -8.02 8.06 4.89
C MET A 40 -8.41 8.36 6.36
N LYS A 41 -9.66 8.01 6.73
CA LYS A 41 -10.20 8.23 8.10
C LYS A 41 -9.58 7.26 9.14
N ILE A 42 -9.06 6.10 8.69
CA ILE A 42 -8.47 5.07 9.60
C ILE A 42 -6.91 5.16 9.61
N THR A 43 -6.30 5.42 8.45
CA THR A 43 -4.82 5.47 8.28
C THR A 43 -4.26 6.87 8.62
N GLY A 44 -5.08 7.92 8.41
CA GLY A 44 -4.63 9.32 8.57
C GLY A 44 -3.82 9.85 7.37
N LEU A 45 -3.78 9.06 6.28
CA LEU A 45 -3.08 9.42 5.02
C LEU A 45 -4.03 10.15 4.04
N THR A 46 -3.55 10.45 2.82
CA THR A 46 -4.37 11.08 1.76
C THR A 46 -4.67 10.07 0.65
N LYS A 47 -5.53 10.48 -0.30
CA LYS A 47 -5.86 9.67 -1.50
C LYS A 47 -4.58 9.29 -2.30
N GLY A 48 -3.59 10.20 -2.29
CA GLY A 48 -2.32 10.02 -3.01
C GLY A 48 -1.48 8.80 -2.55
N GLU A 49 -1.30 8.65 -1.23
CA GLU A 49 -0.52 7.51 -0.65
C GLU A 49 -1.22 6.16 -0.88
N ILE A 50 -2.55 6.19 -0.83
CA ILE A 50 -3.39 4.99 -0.97
C ILE A 50 -3.45 4.49 -2.44
N LYS A 51 -3.57 5.44 -3.39
CA LYS A 51 -3.53 5.14 -4.84
C LYS A 51 -2.14 4.64 -5.28
N LYS A 52 -1.08 5.29 -4.72
CA LYS A 52 0.32 4.85 -4.90
C LYS A 52 0.52 3.41 -4.39
N TRP A 53 -0.11 3.09 -3.26
CA TRP A 53 0.00 1.75 -2.65
C TRP A 53 -0.64 0.67 -3.57
N PHE A 54 -1.88 0.93 -4.05
CA PHE A 54 -2.63 -0.02 -4.94
C PHE A 54 -1.81 -0.39 -6.20
N SER A 55 -1.18 0.62 -6.81
CA SER A 55 -0.36 0.46 -8.04
C SER A 55 0.94 -0.33 -7.77
N ASP A 56 1.70 0.09 -6.74
CA ASP A 56 2.98 -0.55 -6.35
C ASP A 56 2.78 -1.98 -5.79
N THR A 57 1.60 -2.27 -5.21
CA THR A 57 1.26 -3.64 -4.71
C THR A 57 1.00 -4.60 -5.89
N ARG A 58 0.52 -4.09 -7.05
CA ARG A 58 0.44 -4.91 -8.29
C ARG A 58 1.86 -5.32 -8.78
N TYR A 59 2.82 -4.38 -8.65
CA TYR A 59 4.25 -4.66 -8.91
C TYR A 59 4.81 -5.69 -7.89
N ASN A 60 4.36 -5.55 -6.63
CA ASN A 60 4.73 -6.46 -5.52
C ASN A 60 4.21 -7.91 -5.77
N GLN A 61 3.13 -8.04 -6.59
CA GLN A 61 2.57 -9.35 -7.00
C GLN A 61 3.35 -9.99 -8.19
N ARG A 62 3.67 -9.20 -9.23
CA ARG A 62 4.43 -9.69 -10.41
C ARG A 62 5.92 -9.99 -10.08
N ASN A 63 6.45 -9.25 -9.09
CA ASN A 63 7.84 -9.39 -8.61
C ASN A 63 7.82 -10.08 -7.20
N SER A 64 7.03 -11.17 -7.09
CA SER A 64 6.85 -11.93 -5.82
C SER A 64 7.97 -12.99 -5.62
N LYS A 65 9.23 -12.51 -5.68
CA LYS A 65 10.46 -13.32 -5.45
C LYS A 65 11.61 -12.34 -5.14
N SER A 66 12.28 -12.52 -3.96
CA SER A 66 13.23 -11.51 -3.39
C SER A 66 12.49 -10.16 -3.15
N ASN A 67 11.18 -10.29 -2.89
CA ASN A 67 10.21 -9.18 -2.89
C ASN A 67 10.31 -8.33 -1.59
N GLN A 68 10.96 -7.17 -1.72
CA GLN A 68 11.20 -6.23 -0.60
C GLN A 68 11.48 -4.81 -1.14
N CYS A 69 11.61 -3.83 -0.23
CA CYS A 69 11.93 -2.43 -0.59
C CYS A 69 13.43 -2.30 -0.97
N LEU A 70 13.73 -2.50 -2.27
CA LEU A 70 15.10 -2.35 -2.82
C LEU A 70 15.48 -0.87 -2.99
N HIS A 71 16.78 -0.61 -3.23
CA HIS A 71 17.34 0.76 -3.27
C HIS A 71 18.07 1.05 -4.60
N LEU A 72 18.22 2.36 -4.90
CA LEU A 72 18.95 2.85 -6.09
C LEU A 72 20.00 3.89 -5.64
N ASN A 73 21.23 3.41 -5.32
CA ASN A 73 22.32 4.26 -4.81
C ASN A 73 22.88 5.16 -5.93
N ASN A 74 22.48 6.45 -5.93
CA ASN A 74 22.90 7.44 -6.95
C ASN A 74 23.65 8.64 -6.28
N SER A 1 21.01 7.11 7.90
CA SER A 1 20.55 7.89 6.71
C SER A 1 21.73 8.61 6.03
N HIS A 2 21.66 8.72 4.69
CA HIS A 2 22.66 9.46 3.88
C HIS A 2 21.90 10.27 2.80
N MET A 3 21.92 11.62 2.96
CA MET A 3 20.98 12.57 2.30
C MET A 3 19.54 12.45 2.91
N PRO A 4 18.70 13.55 2.92
CA PRO A 4 17.32 13.52 3.50
C PRO A 4 16.40 12.41 2.91
N ASP A 5 16.40 11.22 3.56
CA ASP A 5 15.58 10.06 3.16
C ASP A 5 14.09 10.25 3.55
N SER A 6 13.18 9.90 2.60
CA SER A 6 11.71 10.10 2.75
C SER A 6 11.35 11.60 2.97
N PHE A 7 12.08 12.48 2.28
CA PHE A 7 11.94 13.96 2.39
C PHE A 7 10.52 14.43 1.95
N GLY A 8 9.61 14.59 2.94
CA GLY A 8 8.22 15.01 2.69
C GLY A 8 7.36 15.00 3.95
N ILE A 9 6.31 15.83 3.98
CA ILE A 9 5.40 15.96 5.13
C ILE A 9 4.43 14.75 5.21
N ARG A 10 4.59 13.94 6.30
CA ARG A 10 3.79 12.72 6.58
C ARG A 10 4.10 11.57 5.57
N ALA A 11 5.36 11.53 5.09
CA ALA A 11 5.84 10.46 4.18
C ALA A 11 6.30 9.20 4.97
N LYS A 12 5.31 8.50 5.59
CA LYS A 12 5.54 7.25 6.35
C LYS A 12 4.20 6.51 6.62
N LYS A 13 4.15 5.20 6.29
CA LYS A 13 3.02 4.31 6.62
C LYS A 13 3.41 3.30 7.73
N THR A 14 2.56 3.19 8.78
CA THR A 14 2.75 2.18 9.84
C THR A 14 2.18 0.81 9.40
N LYS A 15 2.59 -0.27 10.10
CA LYS A 15 2.04 -1.63 9.86
C LYS A 15 0.50 -1.69 10.11
N GLU A 16 0.04 -0.84 11.04
CA GLU A 16 -1.39 -0.71 11.41
C GLU A 16 -2.22 -0.12 10.22
N GLN A 17 -1.72 1.00 9.66
CA GLN A 17 -2.33 1.66 8.47
C GLN A 17 -2.27 0.75 7.21
N LEU A 18 -1.12 0.06 7.05
CA LEU A 18 -0.82 -0.80 5.89
C LEU A 18 -1.75 -2.04 5.86
N ALA A 19 -2.06 -2.59 7.05
CA ALA A 19 -2.93 -3.78 7.20
C ALA A 19 -4.39 -3.50 6.75
N GLU A 20 -4.88 -2.28 7.03
CA GLU A 20 -6.23 -1.83 6.59
C GLU A 20 -6.32 -1.81 5.04
N LEU A 21 -5.24 -1.33 4.41
CA LEU A 21 -5.12 -1.24 2.94
C LEU A 21 -5.03 -2.65 2.29
N LYS A 22 -4.37 -3.60 3.00
CA LYS A 22 -4.25 -5.02 2.55
C LYS A 22 -5.61 -5.76 2.56
N VAL A 23 -6.40 -5.58 3.63
CA VAL A 23 -7.77 -6.16 3.73
C VAL A 23 -8.69 -5.58 2.62
N SER A 24 -8.54 -4.26 2.34
CA SER A 24 -9.24 -3.58 1.23
C SER A 24 -8.78 -4.13 -0.16
N TYR A 25 -7.48 -4.48 -0.27
CA TYR A 25 -6.87 -5.02 -1.51
C TYR A 25 -7.41 -6.44 -1.84
N LEU A 26 -7.55 -7.28 -0.79
CA LEU A 26 -8.04 -8.68 -0.93
C LEU A 26 -9.48 -8.73 -1.50
N LYS A 27 -10.32 -7.77 -1.08
CA LYS A 27 -11.69 -7.60 -1.62
C LYS A 27 -11.69 -7.00 -3.04
N ASN A 28 -10.83 -5.99 -3.28
CA ASN A 28 -10.76 -5.29 -4.59
C ASN A 28 -9.39 -4.56 -4.76
N GLN A 29 -8.69 -4.84 -5.88
CA GLN A 29 -7.38 -4.23 -6.19
C GLN A 29 -7.51 -2.75 -6.64
N PHE A 30 -8.74 -2.36 -7.07
CA PHE A 30 -9.03 -1.01 -7.62
C PHE A 30 -10.06 -0.27 -6.73
N PRO A 31 -9.63 0.37 -5.59
CA PRO A 31 -10.56 1.15 -4.73
C PRO A 31 -11.00 2.47 -5.41
N HIS A 32 -12.31 2.73 -5.39
CA HIS A 32 -12.89 3.97 -5.95
C HIS A 32 -12.53 5.19 -5.06
N ASP A 33 -12.26 6.36 -5.68
CA ASP A 33 -11.77 7.58 -4.96
C ASP A 33 -12.69 8.03 -3.79
N SER A 34 -13.98 7.70 -3.89
CA SER A 34 -14.96 7.90 -2.78
C SER A 34 -14.63 6.99 -1.57
N GLU A 35 -14.40 5.69 -1.85
CA GLU A 35 -13.99 4.68 -0.83
C GLU A 35 -12.55 4.96 -0.29
N ILE A 36 -11.72 5.62 -1.10
CA ILE A 36 -10.36 6.03 -0.69
C ILE A 36 -10.43 7.15 0.38
N ILE A 37 -11.45 8.04 0.27
CA ILE A 37 -11.75 9.05 1.32
C ILE A 37 -12.16 8.35 2.65
N ARG A 38 -12.88 7.21 2.55
CA ARG A 38 -13.17 6.33 3.72
C ARG A 38 -11.86 5.83 4.36
N LEU A 39 -10.97 5.27 3.53
CA LEU A 39 -9.63 4.77 3.96
C LEU A 39 -8.72 5.92 4.49
N MET A 40 -8.96 7.17 4.04
CA MET A 40 -8.23 8.37 4.56
C MET A 40 -8.68 8.70 6.01
N LYS A 41 -9.96 8.42 6.31
CA LYS A 41 -10.54 8.62 7.67
C LYS A 41 -10.20 7.44 8.62
N ILE A 42 -9.93 6.25 8.04
CA ILE A 42 -9.53 5.04 8.81
C ILE A 42 -8.00 5.05 9.11
N THR A 43 -7.17 5.12 8.06
CA THR A 43 -5.69 5.05 8.17
C THR A 43 -5.07 6.42 8.58
N GLY A 44 -5.68 7.52 8.12
CA GLY A 44 -5.12 8.86 8.34
C GLY A 44 -4.03 9.25 7.32
N LEU A 45 -3.91 8.46 6.24
CA LEU A 45 -3.01 8.75 5.11
C LEU A 45 -3.73 9.62 4.06
N THR A 46 -2.94 10.24 3.14
CA THR A 46 -3.50 11.02 2.02
C THR A 46 -3.98 10.09 0.88
N LYS A 47 -4.83 10.64 -0.01
CA LYS A 47 -5.26 9.95 -1.25
C LYS A 47 -4.04 9.51 -2.11
N GLY A 48 -3.04 10.40 -2.20
CA GLY A 48 -1.82 10.15 -2.98
C GLY A 48 -0.98 8.98 -2.45
N GLU A 49 -0.91 8.84 -1.12
CA GLU A 49 -0.18 7.72 -0.48
C GLU A 49 -0.94 6.37 -0.65
N ILE A 50 -2.26 6.40 -0.45
CA ILE A 50 -3.12 5.19 -0.53
C ILE A 50 -3.17 4.63 -1.99
N LYS A 51 -3.48 5.48 -2.97
CA LYS A 51 -3.57 5.04 -4.41
C LYS A 51 -2.22 4.52 -4.94
N LYS A 52 -1.13 5.23 -4.59
CA LYS A 52 0.24 4.85 -5.00
C LYS A 52 0.67 3.53 -4.32
N TRP A 53 0.16 3.28 -3.09
CA TRP A 53 0.36 2.00 -2.38
C TRP A 53 -0.30 0.85 -3.18
N PHE A 54 -1.58 1.03 -3.58
CA PHE A 54 -2.34 0.04 -4.38
C PHE A 54 -1.72 -0.16 -5.78
N SER A 55 -1.17 0.91 -6.37
CA SER A 55 -0.48 0.85 -7.68
C SER A 55 0.82 0.02 -7.59
N ASP A 56 1.56 0.19 -6.48
CA ASP A 56 2.78 -0.60 -6.20
C ASP A 56 2.43 -2.08 -5.97
N THR A 57 1.40 -2.33 -5.15
CA THR A 57 0.96 -3.71 -4.78
C THR A 57 0.44 -4.48 -6.04
N ARG A 58 -0.18 -3.74 -6.98
CA ARG A 58 -0.57 -4.27 -8.32
C ARG A 58 0.67 -4.47 -9.25
N TYR A 59 1.67 -3.58 -9.14
CA TYR A 59 2.97 -3.71 -9.84
C TYR A 59 3.71 -5.01 -9.42
N ASN A 60 3.73 -5.28 -8.10
CA ASN A 60 4.39 -6.49 -7.53
C ASN A 60 3.79 -7.78 -8.10
N GLN A 61 2.47 -7.78 -8.42
CA GLN A 61 1.77 -8.94 -9.02
C GLN A 61 2.39 -9.37 -10.39
N ARG A 62 2.82 -8.37 -11.19
CA ARG A 62 3.50 -8.60 -12.49
C ARG A 62 4.83 -9.38 -12.29
N ASN A 63 5.68 -8.85 -11.38
CA ASN A 63 7.04 -9.35 -11.16
C ASN A 63 7.16 -10.26 -9.91
N SER A 64 6.03 -10.80 -9.41
CA SER A 64 6.00 -11.69 -8.20
C SER A 64 6.54 -13.10 -8.52
N LYS A 65 7.88 -13.23 -8.51
CA LYS A 65 8.58 -14.54 -8.69
C LYS A 65 9.27 -14.94 -7.35
N SER A 66 9.90 -16.13 -7.35
CA SER A 66 10.62 -16.65 -6.16
C SER A 66 11.76 -15.70 -5.73
N ASN A 67 12.77 -15.54 -6.63
CA ASN A 67 13.99 -14.75 -6.37
C ASN A 67 14.72 -15.25 -5.09
N GLN A 68 15.49 -14.38 -4.42
CA GLN A 68 16.05 -14.70 -3.08
C GLN A 68 15.09 -14.23 -1.97
N CYS A 69 14.52 -13.02 -2.13
CA CYS A 69 13.51 -12.46 -1.20
C CYS A 69 12.43 -11.69 -1.98
N LEU A 70 11.34 -12.40 -2.35
CA LEU A 70 10.18 -11.78 -3.05
C LEU A 70 8.88 -12.59 -2.80
N HIS A 71 8.80 -13.84 -3.33
CA HIS A 71 7.66 -14.75 -3.01
C HIS A 71 7.90 -15.39 -1.61
N LEU A 72 7.37 -14.73 -0.56
CA LEU A 72 7.56 -15.17 0.83
C LEU A 72 6.48 -16.22 1.20
N ASN A 73 6.82 -17.51 1.03
CA ASN A 73 5.95 -18.65 1.39
C ASN A 73 6.28 -19.17 2.81
N ASN A 74 5.29 -19.80 3.48
CA ASN A 74 5.41 -20.29 4.88
C ASN A 74 4.26 -21.30 5.20
N SER A 1 27.09 -7.94 2.50
CA SER A 1 26.20 -6.76 2.30
C SER A 1 24.73 -7.14 2.55
N HIS A 2 23.85 -6.12 2.76
CA HIS A 2 22.38 -6.33 2.90
C HIS A 2 21.56 -5.03 2.59
N MET A 3 22.20 -4.03 1.94
CA MET A 3 21.50 -2.78 1.50
C MET A 3 22.21 -2.15 0.25
N PRO A 4 21.84 -2.59 -1.00
CA PRO A 4 22.39 -2.00 -2.26
C PRO A 4 21.55 -0.81 -2.79
N ASP A 5 21.82 -0.38 -4.05
CA ASP A 5 20.99 0.61 -4.77
C ASP A 5 19.63 -0.04 -5.17
N SER A 6 18.65 0.03 -4.25
CA SER A 6 17.31 -0.58 -4.45
C SER A 6 16.22 0.51 -4.44
N PHE A 7 15.82 0.95 -3.22
CA PHE A 7 14.78 1.99 -2.99
C PHE A 7 13.42 1.67 -3.67
N GLY A 8 13.13 0.36 -3.85
CA GLY A 8 11.84 -0.10 -4.38
C GLY A 8 10.67 0.23 -3.43
N ILE A 9 10.94 0.17 -2.12
CA ILE A 9 10.00 0.61 -1.07
C ILE A 9 10.42 2.00 -0.54
N ARG A 10 9.70 3.06 -0.96
CA ARG A 10 9.88 4.43 -0.43
C ARG A 10 8.72 4.81 0.52
N ALA A 11 7.74 3.89 0.68
CA ALA A 11 6.59 4.05 1.58
C ALA A 11 7.03 3.88 3.06
N LYS A 12 7.05 5.00 3.80
CA LYS A 12 7.34 5.04 5.26
C LYS A 12 6.04 4.76 6.10
N LYS A 13 4.98 4.34 5.39
CA LYS A 13 3.66 4.02 5.98
C LYS A 13 3.77 2.86 6.99
N THR A 14 3.11 2.99 8.15
CA THR A 14 3.15 1.95 9.22
C THR A 14 2.40 0.68 8.76
N LYS A 15 2.77 -0.49 9.32
CA LYS A 15 2.10 -1.78 9.01
C LYS A 15 0.58 -1.74 9.38
N GLU A 16 0.24 -0.87 10.35
CA GLU A 16 -1.17 -0.58 10.75
C GLU A 16 -1.98 -0.05 9.55
N GLN A 17 -1.41 0.96 8.87
CA GLN A 17 -2.01 1.60 7.69
C GLN A 17 -1.99 0.64 6.48
N LEU A 18 -0.81 0.07 6.24
CA LEU A 18 -0.49 -0.78 5.06
C LEU A 18 -1.42 -2.03 4.98
N ALA A 19 -1.72 -2.63 6.15
CA ALA A 19 -2.61 -3.81 6.26
C ALA A 19 -4.08 -3.49 5.92
N GLU A 20 -4.57 -2.31 6.35
CA GLU A 20 -5.95 -1.83 6.04
C GLU A 20 -6.12 -1.55 4.53
N LEU A 21 -5.05 -1.06 3.91
CA LEU A 21 -5.00 -0.84 2.45
C LEU A 21 -5.08 -2.17 1.68
N LYS A 22 -4.44 -3.24 2.24
CA LYS A 22 -4.50 -4.62 1.68
C LYS A 22 -5.95 -5.17 1.66
N VAL A 23 -6.73 -4.87 2.73
CA VAL A 23 -8.16 -5.27 2.81
C VAL A 23 -8.98 -4.70 1.63
N SER A 24 -8.71 -3.42 1.31
CA SER A 24 -9.32 -2.73 0.14
C SER A 24 -8.82 -3.32 -1.20
N TYR A 25 -7.52 -3.69 -1.25
CA TYR A 25 -6.88 -4.29 -2.45
C TYR A 25 -7.50 -5.67 -2.81
N LEU A 26 -7.80 -6.48 -1.77
CA LEU A 26 -8.45 -7.82 -1.93
C LEU A 26 -9.85 -7.71 -2.58
N LYS A 27 -10.50 -6.55 -2.38
CA LYS A 27 -11.77 -6.22 -3.06
C LYS A 27 -11.49 -5.72 -4.50
N ASN A 28 -10.56 -4.75 -4.59
CA ASN A 28 -10.27 -3.99 -5.82
C ASN A 28 -8.94 -3.18 -5.70
N GLN A 29 -8.10 -3.21 -6.75
CA GLN A 29 -6.89 -2.36 -6.85
C GLN A 29 -7.29 -0.89 -7.12
N PHE A 30 -8.38 -0.73 -7.86
CA PHE A 30 -8.98 0.59 -8.19
C PHE A 30 -10.40 0.67 -7.56
N PRO A 31 -10.51 1.13 -6.26
CA PRO A 31 -11.83 1.28 -5.56
C PRO A 31 -12.69 2.44 -6.12
N HIS A 32 -13.90 2.58 -5.57
CA HIS A 32 -14.87 3.62 -5.96
C HIS A 32 -14.31 5.05 -5.70
N ASP A 33 -14.39 5.48 -4.42
CA ASP A 33 -13.91 6.80 -3.95
C ASP A 33 -14.18 6.89 -2.43
N SER A 34 -15.43 6.59 -2.05
CA SER A 34 -15.91 6.58 -0.64
C SER A 34 -15.13 5.60 0.26
N GLU A 35 -14.81 4.40 -0.29
CA GLU A 35 -13.99 3.37 0.39
C GLU A 35 -12.59 3.94 0.75
N ILE A 36 -12.02 4.71 -0.19
CA ILE A 36 -10.68 5.33 -0.02
C ILE A 36 -10.72 6.48 1.03
N ILE A 37 -11.82 7.26 1.04
CA ILE A 37 -12.06 8.34 2.05
C ILE A 37 -12.15 7.74 3.48
N ARG A 38 -12.85 6.60 3.59
CA ARG A 38 -12.94 5.80 4.82
C ARG A 38 -11.53 5.38 5.30
N LEU A 39 -10.71 4.86 4.35
CA LEU A 39 -9.30 4.47 4.62
C LEU A 39 -8.45 5.69 5.09
N MET A 40 -8.71 6.90 4.52
CA MET A 40 -7.99 8.14 4.92
C MET A 40 -8.21 8.46 6.42
N LYS A 41 -9.45 8.29 6.86
CA LYS A 41 -9.87 8.59 8.25
C LYS A 41 -9.34 7.54 9.26
N ILE A 42 -9.30 6.26 8.84
CA ILE A 42 -8.79 5.15 9.69
C ILE A 42 -7.24 5.19 9.80
N THR A 43 -6.57 5.14 8.64
CA THR A 43 -5.09 5.03 8.56
C THR A 43 -4.37 6.37 8.86
N GLY A 44 -4.89 7.47 8.30
CA GLY A 44 -4.25 8.80 8.41
C GLY A 44 -3.57 9.26 7.11
N LEU A 45 -3.59 8.39 6.09
CA LEU A 45 -3.04 8.67 4.75
C LEU A 45 -4.01 9.50 3.89
N THR A 46 -3.51 10.13 2.81
CA THR A 46 -4.37 10.84 1.82
C THR A 46 -4.81 9.88 0.70
N LYS A 47 -5.88 10.25 -0.02
CA LYS A 47 -6.41 9.47 -1.17
C LYS A 47 -5.31 9.24 -2.25
N GLY A 48 -4.49 10.28 -2.48
CA GLY A 48 -3.35 10.19 -3.39
C GLY A 48 -2.30 9.14 -2.98
N GLU A 49 -1.97 9.08 -1.66
CA GLU A 49 -1.02 8.09 -1.08
C GLU A 49 -1.55 6.64 -1.18
N ILE A 50 -2.85 6.47 -0.96
CA ILE A 50 -3.52 5.16 -0.98
C ILE A 50 -3.56 4.57 -2.41
N LYS A 51 -3.96 5.39 -3.39
CA LYS A 51 -4.01 5.00 -4.83
C LYS A 51 -2.59 4.83 -5.42
N LYS A 52 -1.62 5.60 -4.87
CA LYS A 52 -0.17 5.45 -5.18
C LYS A 52 0.36 4.07 -4.73
N TRP A 53 -0.07 3.68 -3.52
CA TRP A 53 0.32 2.40 -2.87
C TRP A 53 -0.15 1.17 -3.71
N PHE A 54 -1.41 1.22 -4.22
CA PHE A 54 -2.01 0.11 -5.02
C PHE A 54 -1.16 -0.30 -6.25
N SER A 55 -0.49 0.70 -6.86
CA SER A 55 0.39 0.50 -8.05
C SER A 55 1.58 -0.43 -7.73
N ASP A 56 2.28 -0.14 -6.60
CA ASP A 56 3.42 -0.96 -6.12
C ASP A 56 2.95 -2.32 -5.56
N THR A 57 1.71 -2.36 -5.03
CA THR A 57 1.13 -3.55 -4.40
C THR A 57 0.86 -4.70 -5.39
N ARG A 58 0.53 -4.38 -6.67
CA ARG A 58 0.28 -5.42 -7.67
C ARG A 58 1.58 -6.22 -7.98
N TYR A 59 2.73 -5.52 -7.98
CA TYR A 59 4.08 -6.14 -7.99
C TYR A 59 4.26 -7.04 -6.75
N ASN A 60 4.07 -6.44 -5.56
CA ASN A 60 4.20 -7.13 -4.23
C ASN A 60 3.28 -8.39 -4.10
N GLN A 61 2.13 -8.34 -4.77
CA GLN A 61 1.10 -9.40 -4.73
C GLN A 61 1.58 -10.69 -5.45
N ARG A 62 2.02 -10.55 -6.72
CA ARG A 62 2.50 -11.70 -7.55
C ARG A 62 4.02 -11.96 -7.36
N ASN A 63 4.72 -11.03 -6.67
CA ASN A 63 6.15 -11.17 -6.32
C ASN A 63 6.30 -11.10 -4.78
N SER A 64 6.06 -12.25 -4.13
CA SER A 64 6.30 -12.44 -2.68
C SER A 64 7.65 -13.18 -2.45
N LYS A 65 7.92 -14.16 -3.34
CA LYS A 65 9.15 -14.99 -3.33
C LYS A 65 9.62 -15.26 -4.78
N SER A 66 10.83 -14.78 -5.15
CA SER A 66 11.44 -15.07 -6.47
C SER A 66 11.93 -16.54 -6.52
N ASN A 67 11.07 -17.42 -7.07
CA ASN A 67 11.31 -18.88 -7.17
C ASN A 67 11.90 -19.27 -8.56
N GLN A 68 12.36 -20.53 -8.67
CA GLN A 68 12.92 -21.06 -9.93
C GLN A 68 11.80 -21.41 -10.93
N CYS A 69 11.78 -20.71 -12.08
CA CYS A 69 10.81 -20.90 -13.19
C CYS A 69 9.36 -20.50 -12.80
N LEU A 70 9.04 -19.20 -12.98
CA LEU A 70 7.69 -18.65 -12.69
C LEU A 70 6.65 -19.07 -13.75
N HIS A 71 5.37 -19.02 -13.36
CA HIS A 71 4.21 -19.36 -14.22
C HIS A 71 3.31 -18.10 -14.42
N LEU A 72 2.34 -18.20 -15.34
CA LEU A 72 1.36 -17.12 -15.60
C LEU A 72 0.32 -17.02 -14.46
N ASN A 73 0.61 -16.14 -13.48
CA ASN A 73 -0.24 -15.93 -12.29
C ASN A 73 -1.07 -14.63 -12.39
N ASN A 74 -2.30 -14.67 -11.84
CA ASN A 74 -3.15 -13.47 -11.68
C ASN A 74 -2.70 -12.70 -10.41
N SER A 1 1.11 -7.14 27.93
CA SER A 1 1.64 -7.58 26.61
C SER A 1 2.42 -6.43 25.91
N HIS A 2 3.21 -6.77 24.88
CA HIS A 2 4.00 -5.80 24.10
C HIS A 2 4.24 -6.29 22.64
N MET A 3 4.32 -5.35 21.69
CA MET A 3 4.65 -5.65 20.28
C MET A 3 5.66 -4.60 19.74
N PRO A 4 6.99 -4.77 20.02
CA PRO A 4 8.05 -3.88 19.48
C PRO A 4 8.70 -4.43 18.18
N ASP A 5 8.64 -3.66 17.07
CA ASP A 5 9.29 -4.02 15.78
C ASP A 5 10.78 -3.57 15.74
N SER A 6 11.43 -3.59 16.94
CA SER A 6 12.84 -3.21 17.14
C SER A 6 13.77 -4.09 16.28
N PHE A 7 14.60 -3.44 15.44
CA PHE A 7 15.38 -4.08 14.35
C PHE A 7 14.45 -4.74 13.30
N GLY A 8 14.07 -3.96 12.27
CA GLY A 8 13.19 -4.48 11.20
C GLY A 8 12.71 -3.42 10.21
N ILE A 9 13.57 -2.44 9.89
CA ILE A 9 13.27 -1.43 8.86
C ILE A 9 13.38 -2.06 7.44
N ARG A 10 12.22 -2.50 6.91
CA ARG A 10 12.10 -3.14 5.60
C ARG A 10 10.67 -2.98 5.06
N ALA A 11 9.67 -3.15 5.95
CA ALA A 11 8.26 -2.84 5.68
C ALA A 11 7.96 -1.39 6.13
N LYS A 12 7.83 -0.47 5.15
CA LYS A 12 7.62 0.97 5.40
C LYS A 12 6.17 1.27 5.87
N LYS A 13 5.98 2.45 6.52
CA LYS A 13 4.72 2.87 7.19
C LYS A 13 4.42 2.00 8.43
N THR A 14 3.33 2.31 9.16
CA THR A 14 2.89 1.52 10.35
C THR A 14 2.13 0.24 9.94
N LYS A 15 2.20 -0.79 10.81
CA LYS A 15 1.51 -2.09 10.63
C LYS A 15 0.00 -1.92 10.32
N GLU A 16 -0.67 -1.07 11.12
CA GLU A 16 -2.14 -0.86 11.03
C GLU A 16 -2.57 -0.21 9.69
N GLN A 17 -1.85 0.86 9.29
CA GLN A 17 -2.11 1.59 8.01
C GLN A 17 -1.96 0.67 6.77
N LEU A 18 -0.83 -0.05 6.70
CA LEU A 18 -0.49 -0.94 5.58
C LEU A 18 -1.48 -2.14 5.50
N ALA A 19 -1.87 -2.66 6.68
CA ALA A 19 -2.79 -3.82 6.80
C ALA A 19 -4.22 -3.49 6.28
N GLU A 20 -4.74 -2.30 6.64
CA GLU A 20 -6.08 -1.84 6.16
C GLU A 20 -6.10 -1.63 4.63
N LEU A 21 -4.96 -1.21 4.05
CA LEU A 21 -4.78 -1.09 2.59
C LEU A 21 -4.74 -2.50 1.92
N LYS A 22 -4.08 -3.47 2.60
CA LYS A 22 -4.04 -4.89 2.13
C LYS A 22 -5.45 -5.52 2.10
N VAL A 23 -6.24 -5.29 3.17
CA VAL A 23 -7.65 -5.71 3.26
C VAL A 23 -8.49 -5.05 2.14
N SER A 24 -8.23 -3.75 1.90
CA SER A 24 -8.89 -2.98 0.82
C SER A 24 -8.49 -3.47 -0.58
N TYR A 25 -7.27 -4.05 -0.71
CA TYR A 25 -6.78 -4.65 -1.99
C TYR A 25 -7.49 -5.99 -2.28
N LEU A 26 -7.80 -6.74 -1.20
CA LEU A 26 -8.60 -7.98 -1.27
C LEU A 26 -10.06 -7.69 -1.66
N LYS A 27 -10.61 -6.58 -1.11
CA LYS A 27 -11.97 -6.07 -1.42
C LYS A 27 -12.07 -5.58 -2.89
N ASN A 28 -11.19 -4.64 -3.26
CA ASN A 28 -11.11 -4.05 -4.62
C ASN A 28 -9.67 -3.54 -4.90
N GLN A 29 -9.09 -4.02 -6.00
CA GLN A 29 -7.66 -3.78 -6.34
C GLN A 29 -7.43 -2.34 -6.82
N PHE A 30 -8.52 -1.67 -7.28
CA PHE A 30 -8.50 -0.27 -7.71
C PHE A 30 -9.73 0.47 -7.14
N PRO A 31 -9.69 0.94 -5.83
CA PRO A 31 -10.79 1.72 -5.22
C PRO A 31 -10.93 3.12 -5.88
N HIS A 32 -12.18 3.50 -6.22
CA HIS A 32 -12.48 4.74 -6.99
C HIS A 32 -12.18 6.02 -6.16
N ASP A 33 -13.02 6.27 -5.14
CA ASP A 33 -12.87 7.43 -4.23
C ASP A 33 -13.62 7.20 -2.89
N SER A 34 -14.86 6.65 -2.97
CA SER A 34 -15.72 6.42 -1.78
C SER A 34 -15.06 5.48 -0.73
N GLU A 35 -14.43 4.40 -1.22
CA GLU A 35 -13.67 3.47 -0.37
C GLU A 35 -12.44 4.18 0.24
N ILE A 36 -11.80 5.04 -0.56
CA ILE A 36 -10.61 5.83 -0.15
C ILE A 36 -10.99 6.90 0.91
N ILE A 37 -12.23 7.45 0.86
CA ILE A 37 -12.75 8.40 1.88
C ILE A 37 -12.71 7.76 3.29
N ARG A 38 -13.18 6.50 3.36
CA ARG A 38 -13.05 5.64 4.56
C ARG A 38 -11.55 5.49 4.95
N LEU A 39 -10.74 4.96 4.01
CA LEU A 39 -9.31 4.62 4.25
C LEU A 39 -8.47 5.83 4.76
N MET A 40 -8.76 7.05 4.27
CA MET A 40 -8.04 8.27 4.67
C MET A 40 -8.33 8.66 6.13
N LYS A 41 -9.60 8.54 6.56
CA LYS A 41 -10.03 8.89 7.93
C LYS A 41 -9.68 7.77 8.95
N ILE A 42 -9.58 6.53 8.46
CA ILE A 42 -9.26 5.35 9.29
C ILE A 42 -7.73 5.23 9.52
N THR A 43 -6.95 5.17 8.43
CA THR A 43 -5.47 4.99 8.51
C THR A 43 -4.72 6.31 8.77
N GLY A 44 -5.20 7.40 8.14
CA GLY A 44 -4.51 8.71 8.16
C GLY A 44 -3.86 9.05 6.82
N LEU A 45 -3.58 8.01 6.01
CA LEU A 45 -2.94 8.15 4.68
C LEU A 45 -3.90 8.80 3.65
N THR A 46 -3.37 9.75 2.84
CA THR A 46 -4.20 10.61 1.94
C THR A 46 -4.56 9.94 0.58
N LYS A 47 -5.35 10.68 -0.24
CA LYS A 47 -5.86 10.22 -1.55
C LYS A 47 -4.74 9.74 -2.51
N GLY A 48 -3.75 10.63 -2.76
CA GLY A 48 -2.60 10.32 -3.61
C GLY A 48 -1.67 9.24 -3.03
N GLU A 49 -1.56 9.21 -1.69
CA GLU A 49 -0.77 8.20 -0.94
C GLU A 49 -1.31 6.76 -1.18
N ILE A 50 -2.63 6.62 -1.06
CA ILE A 50 -3.35 5.34 -1.24
C ILE A 50 -3.31 4.88 -2.73
N LYS A 51 -3.66 5.80 -3.65
CA LYS A 51 -3.57 5.57 -5.12
C LYS A 51 -2.15 5.15 -5.58
N LYS A 52 -1.12 5.69 -4.90
CA LYS A 52 0.29 5.32 -5.09
C LYS A 52 0.52 3.85 -4.68
N TRP A 53 0.06 3.49 -3.46
CA TRP A 53 0.29 2.17 -2.84
C TRP A 53 -0.25 0.99 -3.71
N PHE A 54 -1.50 1.13 -4.21
CA PHE A 54 -2.17 0.08 -5.03
C PHE A 54 -1.42 -0.20 -6.36
N SER A 55 -0.73 0.82 -6.91
CA SER A 55 0.10 0.66 -8.14
C SER A 55 1.31 -0.27 -7.88
N ASP A 56 2.04 -0.01 -6.77
CA ASP A 56 3.23 -0.80 -6.36
C ASP A 56 2.84 -2.20 -5.83
N THR A 57 1.63 -2.33 -5.26
CA THR A 57 1.10 -3.62 -4.76
C THR A 57 0.68 -4.54 -5.91
N ARG A 58 0.11 -3.95 -6.97
CA ARG A 58 -0.16 -4.66 -8.24
C ARG A 58 1.16 -5.23 -8.85
N TYR A 59 2.22 -4.38 -8.84
CA TYR A 59 3.58 -4.78 -9.27
C TYR A 59 4.13 -5.97 -8.43
N ASN A 60 4.05 -5.83 -7.10
CA ASN A 60 4.61 -6.80 -6.13
C ASN A 60 3.88 -8.17 -6.21
N GLN A 61 2.54 -8.12 -6.45
CA GLN A 61 1.68 -9.32 -6.52
C GLN A 61 1.95 -10.15 -7.81
N ARG A 62 2.70 -9.56 -8.77
CA ARG A 62 3.08 -10.24 -10.04
C ARG A 62 4.62 -10.13 -10.31
N ASN A 63 5.39 -9.82 -9.26
CA ASN A 63 6.87 -9.73 -9.33
C ASN A 63 7.51 -11.09 -8.90
N SER A 64 8.71 -11.39 -9.44
CA SER A 64 9.40 -12.69 -9.21
C SER A 64 10.06 -12.82 -7.81
N LYS A 65 9.84 -11.83 -6.92
CA LYS A 65 10.38 -11.85 -5.54
C LYS A 65 9.43 -12.59 -4.57
N SER A 66 9.66 -13.89 -4.39
CA SER A 66 8.89 -14.76 -3.47
C SER A 66 9.63 -14.99 -2.14
N ASN A 67 10.98 -15.05 -2.20
CA ASN A 67 11.84 -15.29 -1.00
C ASN A 67 11.89 -14.04 -0.07
N GLN A 68 10.85 -13.90 0.79
CA GLN A 68 10.66 -12.71 1.66
C GLN A 68 9.68 -13.06 2.82
N CYS A 69 9.88 -12.45 4.02
CA CYS A 69 8.99 -12.59 5.20
C CYS A 69 8.98 -14.03 5.77
N LEU A 70 10.13 -14.74 5.66
CA LEU A 70 10.32 -16.08 6.28
C LEU A 70 10.36 -15.94 7.83
N HIS A 71 11.26 -15.07 8.32
CA HIS A 71 11.34 -14.70 9.75
C HIS A 71 10.82 -13.26 9.95
N LEU A 72 9.75 -13.11 10.74
CA LEU A 72 9.15 -11.80 11.08
C LEU A 72 9.42 -11.44 12.57
N ASN A 73 8.87 -10.30 13.03
CA ASN A 73 8.92 -9.90 14.45
C ASN A 73 8.01 -10.84 15.30
N ASN A 74 8.60 -11.91 15.86
CA ASN A 74 7.89 -12.91 16.70
C ASN A 74 8.92 -13.84 17.43
N SER A 1 -0.30 19.98 25.52
CA SER A 1 0.66 20.87 24.83
C SER A 1 0.01 21.59 23.64
N HIS A 2 0.27 22.91 23.50
CA HIS A 2 -0.28 23.75 22.40
C HIS A 2 0.57 23.57 21.12
N MET A 3 0.21 22.55 20.30
CA MET A 3 0.96 22.16 19.09
C MET A 3 0.68 23.11 17.89
N PRO A 4 1.73 23.84 17.37
CA PRO A 4 1.59 24.67 16.14
C PRO A 4 1.81 23.85 14.83
N ASP A 5 2.01 22.52 14.96
CA ASP A 5 2.35 21.64 13.84
C ASP A 5 1.07 21.09 13.13
N SER A 6 0.68 21.73 12.04
CA SER A 6 -0.39 21.24 11.13
C SER A 6 0.11 21.29 9.68
N PHE A 7 0.77 20.20 9.26
CA PHE A 7 1.39 20.09 7.92
C PHE A 7 0.82 18.88 7.13
N GLY A 8 0.83 17.68 7.74
CA GLY A 8 0.34 16.44 7.10
C GLY A 8 1.05 16.08 5.79
N ILE A 9 2.30 16.55 5.62
CA ILE A 9 3.08 16.38 4.37
C ILE A 9 3.61 14.93 4.25
N ARG A 10 2.85 14.09 3.50
CA ARG A 10 3.27 12.74 3.07
C ARG A 10 3.45 11.77 4.27
N ALA A 11 2.36 11.07 4.65
CA ALA A 11 2.34 10.16 5.81
C ALA A 11 2.82 8.74 5.42
N LYS A 12 4.03 8.34 5.88
CA LYS A 12 4.57 6.99 5.64
C LYS A 12 3.63 5.92 6.26
N LYS A 13 3.25 4.89 5.46
CA LYS A 13 2.23 3.89 5.85
C LYS A 13 2.75 2.98 7.01
N THR A 14 2.17 3.22 8.22
CA THR A 14 2.54 2.49 9.47
C THR A 14 1.93 1.06 9.51
N LYS A 15 2.14 0.36 10.64
CA LYS A 15 1.83 -1.09 10.78
C LYS A 15 0.36 -1.44 10.44
N GLU A 16 -0.60 -0.86 11.21
CA GLU A 16 -2.05 -1.19 11.06
C GLU A 16 -2.69 -0.46 9.84
N GLN A 17 -2.11 0.69 9.46
CA GLN A 17 -2.57 1.48 8.30
C GLN A 17 -2.31 0.73 6.98
N LEU A 18 -1.10 0.18 6.85
CA LEU A 18 -0.67 -0.66 5.71
C LEU A 18 -1.51 -1.96 5.67
N ALA A 19 -1.82 -2.50 6.86
CA ALA A 19 -2.66 -3.73 7.01
C ALA A 19 -4.11 -3.52 6.51
N GLU A 20 -4.67 -2.32 6.75
CA GLU A 20 -6.02 -1.96 6.23
C GLU A 20 -6.03 -1.78 4.69
N LEU A 21 -4.90 -1.30 4.14
CA LEU A 21 -4.71 -1.21 2.67
C LEU A 21 -4.65 -2.62 2.04
N LYS A 22 -4.10 -3.61 2.78
CA LYS A 22 -4.07 -5.04 2.35
C LYS A 22 -5.51 -5.61 2.24
N VAL A 23 -6.29 -5.43 3.32
CA VAL A 23 -7.72 -5.86 3.37
C VAL A 23 -8.54 -5.18 2.24
N SER A 24 -8.22 -3.90 1.98
CA SER A 24 -8.85 -3.12 0.89
C SER A 24 -8.43 -3.64 -0.49
N TYR A 25 -7.15 -4.04 -0.64
CA TYR A 25 -6.57 -4.56 -1.91
C TYR A 25 -7.27 -5.86 -2.35
N LEU A 26 -7.50 -6.76 -1.38
CA LEU A 26 -8.13 -8.09 -1.59
C LEU A 26 -9.54 -7.98 -2.21
N LYS A 27 -10.37 -7.07 -1.66
CA LYS A 27 -11.76 -6.84 -2.16
C LYS A 27 -11.79 -5.93 -3.41
N ASN A 28 -10.90 -4.91 -3.45
CA ASN A 28 -10.89 -3.88 -4.50
C ASN A 28 -9.56 -3.07 -4.51
N GLN A 29 -8.67 -3.42 -5.44
CA GLN A 29 -7.39 -2.69 -5.67
C GLN A 29 -7.58 -1.41 -6.53
N PHE A 30 -8.81 -1.17 -7.00
CA PHE A 30 -9.16 0.06 -7.75
C PHE A 30 -10.41 0.76 -7.14
N PRO A 31 -10.26 1.48 -5.99
CA PRO A 31 -11.35 2.30 -5.41
C PRO A 31 -11.50 3.67 -6.12
N HIS A 32 -12.74 4.19 -6.15
CA HIS A 32 -13.09 5.42 -6.91
C HIS A 32 -12.69 6.71 -6.14
N ASP A 33 -13.42 7.01 -5.04
CA ASP A 33 -13.19 8.24 -4.22
C ASP A 33 -13.70 8.01 -2.78
N SER A 34 -14.99 7.62 -2.65
CA SER A 34 -15.66 7.40 -1.33
C SER A 34 -14.96 6.32 -0.48
N GLU A 35 -14.62 5.18 -1.12
CA GLU A 35 -13.93 4.05 -0.46
C GLU A 35 -12.50 4.45 -0.01
N ILE A 36 -11.88 5.39 -0.75
CA ILE A 36 -10.54 5.91 -0.41
C ILE A 36 -10.59 6.83 0.82
N ILE A 37 -11.61 7.72 0.88
CA ILE A 37 -11.81 8.65 2.03
C ILE A 37 -12.16 7.87 3.32
N ARG A 38 -12.89 6.74 3.16
CA ARG A 38 -13.08 5.73 4.23
C ARG A 38 -11.70 5.30 4.80
N LEU A 39 -10.80 4.83 3.91
CA LEU A 39 -9.40 4.46 4.26
C LEU A 39 -8.64 5.64 4.92
N MET A 40 -8.79 6.87 4.39
CA MET A 40 -8.07 8.09 4.89
C MET A 40 -8.44 8.41 6.36
N LYS A 41 -9.71 8.20 6.73
CA LYS A 41 -10.21 8.47 8.11
C LYS A 41 -10.01 7.27 9.06
N ILE A 42 -9.80 6.06 8.52
CA ILE A 42 -9.41 4.86 9.30
C ILE A 42 -7.90 4.90 9.65
N THR A 43 -7.08 5.23 8.64
CA THR A 43 -5.61 5.14 8.70
C THR A 43 -4.97 6.49 9.11
N GLY A 44 -5.28 7.56 8.36
CA GLY A 44 -4.63 8.87 8.52
C GLY A 44 -3.72 9.23 7.32
N LEU A 45 -4.02 8.61 6.16
CA LEU A 45 -3.27 8.80 4.89
C LEU A 45 -3.97 9.79 3.95
N THR A 46 -3.32 10.09 2.81
CA THR A 46 -3.91 10.92 1.72
C THR A 46 -4.39 10.03 0.55
N LYS A 47 -5.37 10.53 -0.22
CA LYS A 47 -5.96 9.81 -1.38
C LYS A 47 -4.91 9.44 -2.46
N GLY A 48 -3.88 10.29 -2.60
CA GLY A 48 -2.77 10.05 -3.52
C GLY A 48 -1.91 8.82 -3.14
N GLU A 49 -1.44 8.80 -1.88
CA GLU A 49 -0.54 7.72 -1.35
C GLU A 49 -1.21 6.33 -1.36
N ILE A 50 -2.53 6.32 -1.14
CA ILE A 50 -3.34 5.08 -1.16
C ILE A 50 -3.41 4.47 -2.58
N LYS A 51 -3.68 5.32 -3.61
CA LYS A 51 -3.67 4.87 -5.03
C LYS A 51 -2.26 4.38 -5.47
N LYS A 52 -1.22 5.10 -5.04
CA LYS A 52 0.20 4.76 -5.34
C LYS A 52 0.60 3.41 -4.68
N TRP A 53 0.03 3.14 -3.48
CA TRP A 53 0.26 1.86 -2.76
C TRP A 53 -0.30 0.67 -3.58
N PHE A 54 -1.55 0.80 -4.07
CA PHE A 54 -2.22 -0.25 -4.88
C PHE A 54 -1.43 -0.54 -6.18
N SER A 55 -0.90 0.52 -6.83
CA SER A 55 -0.09 0.41 -8.07
C SER A 55 1.24 -0.36 -7.81
N ASP A 56 1.90 -0.08 -6.66
CA ASP A 56 3.14 -0.76 -6.25
C ASP A 56 2.88 -2.25 -5.92
N THR A 57 1.84 -2.52 -5.12
CA THR A 57 1.46 -3.89 -4.68
C THR A 57 1.13 -4.78 -5.90
N ARG A 58 0.41 -4.20 -6.88
CA ARG A 58 0.13 -4.85 -8.18
C ARG A 58 1.42 -5.37 -8.87
N TYR A 59 2.46 -4.51 -8.92
CA TYR A 59 3.78 -4.88 -9.50
C TYR A 59 4.38 -6.11 -8.79
N ASN A 60 4.33 -6.13 -7.44
CA ASN A 60 4.89 -7.23 -6.63
C ASN A 60 4.02 -8.52 -6.65
N GLN A 61 2.78 -8.42 -7.16
CA GLN A 61 1.87 -9.59 -7.34
C GLN A 61 2.01 -10.21 -8.76
N ARG A 62 1.74 -9.42 -9.82
CA ARG A 62 1.81 -9.90 -11.22
C ARG A 62 3.28 -10.18 -11.67
N ASN A 63 4.25 -9.47 -11.07
CA ASN A 63 5.69 -9.71 -11.27
C ASN A 63 6.34 -10.14 -9.93
N SER A 64 6.30 -11.46 -9.67
CA SER A 64 6.79 -12.07 -8.41
C SER A 64 8.33 -11.94 -8.26
N LYS A 65 8.76 -11.13 -7.27
CA LYS A 65 10.18 -11.02 -6.89
C LYS A 65 10.54 -12.12 -5.84
N SER A 66 10.23 -11.85 -4.56
CA SER A 66 10.43 -12.78 -3.42
C SER A 66 9.93 -12.14 -2.11
N ASN A 67 10.63 -11.07 -1.68
CA ASN A 67 10.36 -10.32 -0.42
C ASN A 67 10.46 -11.22 0.84
N GLN A 68 11.58 -11.09 1.57
CA GLN A 68 11.81 -11.81 2.84
C GLN A 68 10.80 -11.35 3.92
N CYS A 69 9.95 -12.29 4.39
CA CYS A 69 8.94 -12.02 5.44
C CYS A 69 9.60 -11.69 6.79
N LEU A 70 8.88 -10.94 7.65
CA LEU A 70 9.43 -10.43 8.93
C LEU A 70 9.34 -11.49 10.07
N HIS A 71 9.68 -12.75 9.75
CA HIS A 71 9.75 -13.85 10.72
C HIS A 71 10.86 -13.59 11.77
N LEU A 72 10.43 -13.24 12.99
CA LEU A 72 11.32 -12.83 14.10
C LEU A 72 10.97 -13.63 15.38
N ASN A 73 11.93 -14.44 15.88
CA ASN A 73 11.78 -15.11 17.19
C ASN A 73 12.28 -14.15 18.32
N ASN A 74 11.42 -13.91 19.31
CA ASN A 74 11.71 -12.96 20.41
C ASN A 74 11.00 -13.39 21.74
N SER A 1 24.60 16.30 -1.83
CA SER A 1 24.07 17.40 -2.70
C SER A 1 23.90 16.91 -4.16
N HIS A 2 24.99 16.38 -4.74
CA HIS A 2 24.98 15.78 -6.10
C HIS A 2 25.35 14.27 -6.00
N MET A 3 24.32 13.41 -6.02
CA MET A 3 24.49 11.94 -6.00
C MET A 3 23.47 11.26 -6.96
N PRO A 4 23.93 10.68 -8.13
CA PRO A 4 23.05 9.92 -9.04
C PRO A 4 22.66 8.55 -8.44
N ASP A 5 21.58 8.53 -7.64
CA ASP A 5 21.11 7.33 -6.94
C ASP A 5 19.56 7.35 -6.79
N SER A 6 19.06 8.17 -5.82
CA SER A 6 17.61 8.35 -5.50
C SER A 6 16.95 7.09 -4.85
N PHE A 7 16.86 5.98 -5.63
CA PHE A 7 16.20 4.70 -5.24
C PHE A 7 14.67 4.87 -5.07
N GLY A 8 14.23 5.44 -3.92
CA GLY A 8 12.80 5.64 -3.62
C GLY A 8 12.51 5.70 -2.12
N ILE A 9 11.47 6.45 -1.74
CA ILE A 9 11.03 6.58 -0.33
C ILE A 9 10.07 5.39 0.02
N ARG A 10 10.66 4.34 0.64
CA ARG A 10 9.92 3.14 1.12
C ARG A 10 9.32 3.37 2.53
N ALA A 11 10.06 4.13 3.36
CA ALA A 11 9.66 4.44 4.74
C ALA A 11 8.61 5.59 4.76
N LYS A 12 7.32 5.20 4.64
CA LYS A 12 6.18 6.14 4.75
C LYS A 12 4.88 5.35 5.05
N LYS A 13 4.71 4.20 4.36
CA LYS A 13 3.62 3.24 4.63
C LYS A 13 3.99 2.34 5.83
N THR A 14 3.30 2.51 6.97
CA THR A 14 3.48 1.61 8.15
C THR A 14 2.71 0.30 7.94
N LYS A 15 3.07 -0.77 8.68
CA LYS A 15 2.47 -2.12 8.50
C LYS A 15 0.95 -2.14 8.86
N GLU A 16 0.54 -1.37 9.90
CA GLU A 16 -0.88 -1.29 10.34
C GLU A 16 -1.77 -0.46 9.36
N GLN A 17 -1.20 0.61 8.78
CA GLN A 17 -1.86 1.39 7.68
C GLN A 17 -2.02 0.50 6.42
N LEU A 18 -0.92 -0.16 6.06
CA LEU A 18 -0.79 -1.08 4.89
C LEU A 18 -1.85 -2.22 4.97
N ALA A 19 -2.09 -2.73 6.20
CA ALA A 19 -3.06 -3.79 6.49
C ALA A 19 -4.51 -3.40 6.11
N GLU A 20 -4.91 -2.17 6.47
CA GLU A 20 -6.25 -1.63 6.18
C GLU A 20 -6.48 -1.40 4.67
N LEU A 21 -5.41 -0.99 3.99
CA LEU A 21 -5.39 -0.79 2.53
C LEU A 21 -5.50 -2.15 1.78
N LYS A 22 -4.87 -3.21 2.36
CA LYS A 22 -4.96 -4.61 1.84
C LYS A 22 -6.42 -5.10 1.79
N VAL A 23 -7.19 -4.78 2.84
CA VAL A 23 -8.64 -5.13 2.93
C VAL A 23 -9.44 -4.59 1.71
N SER A 24 -9.09 -3.37 1.27
CA SER A 24 -9.68 -2.74 0.05
C SER A 24 -9.18 -3.42 -1.24
N TYR A 25 -7.85 -3.66 -1.34
CA TYR A 25 -7.18 -4.25 -2.53
C TYR A 25 -7.71 -5.68 -2.85
N LEU A 26 -7.96 -6.48 -1.81
CA LEU A 26 -8.45 -7.88 -1.92
C LEU A 26 -9.86 -7.95 -2.55
N LYS A 27 -10.69 -6.91 -2.29
CA LYS A 27 -12.01 -6.73 -2.97
C LYS A 27 -11.79 -6.22 -4.43
N ASN A 28 -10.94 -5.18 -4.58
CA ASN A 28 -10.56 -4.62 -5.90
C ASN A 28 -9.41 -3.57 -5.75
N GLN A 29 -8.47 -3.56 -6.72
CA GLN A 29 -7.36 -2.57 -6.76
C GLN A 29 -7.89 -1.12 -7.00
N PHE A 30 -9.06 -1.01 -7.64
CA PHE A 30 -9.68 0.30 -8.00
C PHE A 30 -11.05 0.46 -7.27
N PRO A 31 -11.06 0.87 -5.96
CA PRO A 31 -12.29 0.89 -5.12
C PRO A 31 -13.16 2.16 -5.33
N HIS A 32 -14.25 2.27 -4.54
CA HIS A 32 -15.10 3.49 -4.48
C HIS A 32 -14.31 4.74 -4.01
N ASP A 33 -14.78 5.91 -4.43
CA ASP A 33 -14.24 7.22 -4.00
C ASP A 33 -14.38 7.37 -2.46
N SER A 34 -15.61 7.09 -1.97
CA SER A 34 -15.95 7.13 -0.53
C SER A 34 -15.14 6.08 0.29
N GLU A 35 -14.76 4.96 -0.35
CA GLU A 35 -13.89 3.91 0.27
C GLU A 35 -12.48 4.46 0.58
N ILE A 36 -11.87 5.13 -0.41
CA ILE A 36 -10.53 5.75 -0.28
C ILE A 36 -10.53 6.82 0.85
N ILE A 37 -11.62 7.60 0.91
CA ILE A 37 -11.85 8.61 1.98
C ILE A 37 -11.99 7.94 3.38
N ARG A 38 -12.69 6.79 3.42
CA ARG A 38 -12.87 5.98 4.65
C ARG A 38 -11.48 5.48 5.15
N LEU A 39 -10.64 5.04 4.19
CA LEU A 39 -9.25 4.59 4.47
C LEU A 39 -8.36 5.75 4.98
N MET A 40 -8.59 6.99 4.47
CA MET A 40 -7.88 8.21 4.99
C MET A 40 -8.19 8.45 6.49
N LYS A 41 -9.45 8.19 6.88
CA LYS A 41 -9.94 8.37 8.27
C LYS A 41 -9.38 7.29 9.22
N ILE A 42 -9.18 6.07 8.70
CA ILE A 42 -8.65 4.93 9.50
C ILE A 42 -7.10 4.98 9.60
N THR A 43 -6.42 4.92 8.44
CA THR A 43 -4.95 4.82 8.34
C THR A 43 -4.24 6.14 8.76
N GLY A 44 -4.78 7.28 8.30
CA GLY A 44 -4.13 8.59 8.47
C GLY A 44 -3.24 8.97 7.27
N LEU A 45 -3.52 8.35 6.11
CA LEU A 45 -2.85 8.65 4.81
C LEU A 45 -3.75 9.53 3.93
N THR A 46 -3.17 10.17 2.89
CA THR A 46 -3.94 11.01 1.93
C THR A 46 -4.50 10.17 0.76
N LYS A 47 -5.50 10.73 0.05
CA LYS A 47 -6.27 10.05 -1.01
C LYS A 47 -5.37 9.51 -2.16
N GLY A 48 -4.51 10.41 -2.68
CA GLY A 48 -3.55 10.07 -3.73
C GLY A 48 -2.46 9.09 -3.28
N GLU A 49 -2.07 9.19 -1.99
CA GLU A 49 -1.05 8.30 -1.37
C GLU A 49 -1.53 6.83 -1.33
N ILE A 50 -2.82 6.67 -1.02
CA ILE A 50 -3.52 5.37 -1.03
C ILE A 50 -3.64 4.81 -2.47
N LYS A 51 -3.97 5.70 -3.44
CA LYS A 51 -4.06 5.36 -4.88
C LYS A 51 -2.70 4.86 -5.45
N LYS A 52 -1.59 5.51 -5.02
CA LYS A 52 -0.21 5.11 -5.40
C LYS A 52 0.13 3.72 -4.81
N TRP A 53 -0.32 3.48 -3.57
CA TRP A 53 -0.08 2.22 -2.82
C TRP A 53 -0.53 0.97 -3.62
N PHE A 54 -1.74 1.04 -4.20
CA PHE A 54 -2.34 -0.08 -4.98
C PHE A 54 -1.41 -0.54 -6.15
N SER A 55 -0.71 0.44 -6.75
CA SER A 55 0.24 0.18 -7.86
C SER A 55 1.52 -0.56 -7.39
N ASP A 56 2.14 -0.06 -6.29
CA ASP A 56 3.38 -0.66 -5.71
C ASP A 56 3.12 -2.08 -5.15
N THR A 57 1.92 -2.26 -4.55
CA THR A 57 1.48 -3.55 -3.95
C THR A 57 1.27 -4.66 -5.00
N ARG A 58 0.79 -4.28 -6.19
CA ARG A 58 0.56 -5.20 -7.30
C ARG A 58 1.89 -5.90 -7.75
N TYR A 59 2.97 -5.11 -7.74
CA TYR A 59 4.35 -5.59 -7.98
C TYR A 59 4.93 -6.31 -6.72
N ASN A 60 4.56 -5.80 -5.53
CA ASN A 60 5.07 -6.29 -4.22
C ASN A 60 4.77 -7.78 -4.00
N GLN A 61 3.51 -8.19 -4.24
CA GLN A 61 3.03 -9.58 -3.95
C GLN A 61 3.71 -10.66 -4.83
N ARG A 62 4.28 -10.26 -5.99
CA ARG A 62 5.02 -11.19 -6.90
C ARG A 62 6.56 -11.09 -6.72
N ASN A 63 7.03 -10.12 -5.89
CA ASN A 63 8.49 -9.95 -5.57
C ASN A 63 8.70 -9.73 -4.04
N SER A 64 7.78 -10.25 -3.20
CA SER A 64 7.80 -10.04 -1.73
C SER A 64 8.91 -10.87 -1.04
N LYS A 65 10.09 -10.26 -0.89
CA LYS A 65 11.21 -10.85 -0.12
C LYS A 65 11.16 -10.32 1.34
N SER A 66 10.19 -10.83 2.12
CA SER A 66 9.94 -10.40 3.51
C SER A 66 10.89 -11.14 4.49
N ASN A 67 12.16 -10.68 4.53
CA ASN A 67 13.16 -11.17 5.49
C ASN A 67 13.66 -10.00 6.36
N GLN A 68 13.22 -9.96 7.63
CA GLN A 68 13.66 -8.93 8.61
C GLN A 68 15.12 -9.21 9.11
N CYS A 69 15.49 -8.68 10.30
CA CYS A 69 16.76 -9.01 10.97
C CYS A 69 16.74 -10.48 11.48
N LEU A 70 17.02 -11.42 10.55
CA LEU A 70 16.87 -12.87 10.74
C LEU A 70 17.89 -13.43 11.77
N HIS A 71 19.12 -12.88 11.77
CA HIS A 71 20.24 -13.34 12.62
C HIS A 71 20.32 -12.55 13.96
N LEU A 72 19.38 -11.60 14.16
CA LEU A 72 19.36 -10.72 15.35
C LEU A 72 18.37 -11.23 16.43
N ASN A 73 18.90 -11.59 17.62
CA ASN A 73 18.12 -12.15 18.75
C ASN A 73 17.73 -11.02 19.75
N ASN A 74 16.51 -10.46 19.56
CA ASN A 74 15.94 -9.43 20.48
C ASN A 74 14.50 -9.83 20.94
N SER A 1 14.40 -25.71 8.48
CA SER A 1 13.18 -26.04 9.28
C SER A 1 12.84 -24.91 10.27
N HIS A 2 13.76 -24.63 11.23
CA HIS A 2 13.55 -23.63 12.29
C HIS A 2 13.72 -22.18 11.76
N MET A 3 12.60 -21.60 11.26
CA MET A 3 12.54 -20.19 10.81
C MET A 3 11.25 -19.51 11.39
N PRO A 4 11.38 -18.60 12.41
CA PRO A 4 10.23 -17.86 12.99
C PRO A 4 9.83 -16.60 12.17
N ASP A 5 10.36 -16.50 10.93
CA ASP A 5 10.15 -15.34 10.03
C ASP A 5 8.68 -15.22 9.55
N SER A 6 8.22 -13.95 9.45
CA SER A 6 6.91 -13.58 8.88
C SER A 6 7.08 -12.31 8.03
N PHE A 7 5.97 -11.60 7.69
CA PHE A 7 6.06 -10.26 7.03
C PHE A 7 6.71 -9.24 8.03
N GLY A 8 8.05 -9.18 8.00
CA GLY A 8 8.84 -8.37 8.95
C GLY A 8 9.17 -6.97 8.45
N ILE A 9 9.16 -6.78 7.12
CA ILE A 9 9.46 -5.49 6.47
C ILE A 9 8.35 -4.46 6.79
N ARG A 10 8.75 -3.33 7.39
CA ARG A 10 7.85 -2.23 7.77
C ARG A 10 7.48 -1.37 6.54
N ALA A 11 8.50 -1.10 5.68
CA ALA A 11 8.39 -0.26 4.46
C ALA A 11 7.93 1.19 4.81
N LYS A 12 7.39 1.92 3.82
CA LYS A 12 6.73 3.22 4.08
C LYS A 12 5.29 3.01 4.59
N LYS A 13 4.61 4.12 5.00
CA LYS A 13 3.40 4.09 5.86
C LYS A 13 3.68 3.35 7.21
N THR A 14 2.62 3.10 8.01
CA THR A 14 2.74 2.21 9.21
C THR A 14 2.14 0.84 8.90
N LYS A 15 2.46 -0.18 9.72
CA LYS A 15 1.93 -1.56 9.55
C LYS A 15 0.40 -1.62 9.75
N GLU A 16 -0.08 -0.77 10.66
CA GLU A 16 -1.54 -0.58 10.95
C GLU A 16 -2.29 -0.05 9.71
N GLN A 17 -1.73 1.01 9.10
CA GLN A 17 -2.28 1.65 7.90
C GLN A 17 -2.23 0.71 6.67
N LEU A 18 -1.05 0.12 6.45
CA LEU A 18 -0.75 -0.79 5.32
C LEU A 18 -1.68 -2.04 5.33
N ALA A 19 -2.00 -2.53 6.55
CA ALA A 19 -2.93 -3.67 6.74
C ALA A 19 -4.38 -3.33 6.31
N GLU A 20 -4.84 -2.10 6.62
CA GLU A 20 -6.19 -1.61 6.21
C GLU A 20 -6.30 -1.43 4.67
N LEU A 21 -5.18 -1.00 4.06
CA LEU A 21 -5.06 -0.86 2.58
C LEU A 21 -5.16 -2.24 1.90
N LYS A 22 -4.56 -3.26 2.55
CA LYS A 22 -4.65 -4.67 2.08
C LYS A 22 -6.09 -5.20 2.14
N VAL A 23 -6.88 -4.82 3.17
CA VAL A 23 -8.30 -5.25 3.30
C VAL A 23 -9.13 -4.78 2.07
N SER A 24 -8.91 -3.51 1.66
CA SER A 24 -9.52 -2.94 0.43
C SER A 24 -9.07 -3.71 -0.84
N TYR A 25 -7.78 -4.05 -0.89
CA TYR A 25 -7.16 -4.83 -2.01
C TYR A 25 -7.75 -6.27 -2.10
N LEU A 26 -8.10 -6.86 -0.93
CA LEU A 26 -8.72 -8.20 -0.82
C LEU A 26 -10.18 -8.20 -1.30
N LYS A 27 -10.87 -7.05 -1.13
CA LYS A 27 -12.22 -6.82 -1.69
C LYS A 27 -12.15 -6.69 -3.23
N ASN A 28 -11.31 -5.75 -3.68
CA ASN A 28 -11.09 -5.43 -5.10
C ASN A 28 -9.79 -4.59 -5.24
N GLN A 29 -8.98 -4.89 -6.27
CA GLN A 29 -7.65 -4.23 -6.46
C GLN A 29 -7.77 -2.80 -7.03
N PHE A 30 -9.00 -2.39 -7.41
CA PHE A 30 -9.29 -1.04 -7.96
C PHE A 30 -10.45 -0.35 -7.17
N PRO A 31 -10.17 0.22 -5.94
CA PRO A 31 -11.23 0.84 -5.10
C PRO A 31 -11.68 2.24 -5.61
N HIS A 32 -12.90 2.63 -5.24
CA HIS A 32 -13.46 3.96 -5.57
C HIS A 32 -12.91 5.04 -4.62
N ASP A 33 -12.88 6.31 -5.09
CA ASP A 33 -12.43 7.47 -4.27
C ASP A 33 -13.22 7.62 -2.94
N SER A 34 -14.49 7.18 -2.96
CA SER A 34 -15.35 7.12 -1.74
C SER A 34 -14.77 6.12 -0.70
N GLU A 35 -14.40 4.91 -1.17
CA GLU A 35 -13.76 3.86 -0.34
C GLU A 35 -12.36 4.31 0.16
N ILE A 36 -11.66 5.09 -0.68
CA ILE A 36 -10.35 5.67 -0.35
C ILE A 36 -10.47 6.71 0.80
N ILE A 37 -11.50 7.59 0.73
CA ILE A 37 -11.79 8.58 1.82
C ILE A 37 -12.15 7.88 3.16
N ARG A 38 -12.87 6.75 3.05
CA ARG A 38 -13.12 5.84 4.21
C ARG A 38 -11.79 5.45 4.89
N LEU A 39 -10.87 4.89 4.07
CA LEU A 39 -9.52 4.46 4.50
C LEU A 39 -8.68 5.64 5.04
N MET A 40 -8.81 6.82 4.43
CA MET A 40 -8.07 8.06 4.81
C MET A 40 -8.32 8.44 6.30
N LYS A 41 -9.59 8.33 6.72
CA LYS A 41 -10.01 8.64 8.09
C LYS A 41 -9.66 7.49 9.08
N ILE A 42 -9.69 6.23 8.59
CA ILE A 42 -9.35 5.04 9.41
C ILE A 42 -7.81 4.95 9.68
N THR A 43 -7.01 5.30 8.67
CA THR A 43 -5.53 5.14 8.69
C THR A 43 -4.83 6.45 9.12
N GLY A 44 -5.16 7.54 8.41
CA GLY A 44 -4.46 8.84 8.55
C GLY A 44 -3.76 9.28 7.26
N LEU A 45 -3.79 8.41 6.25
CA LEU A 45 -3.17 8.63 4.92
C LEU A 45 -4.03 9.53 4.01
N THR A 46 -3.42 10.05 2.93
CA THR A 46 -4.12 10.83 1.88
C THR A 46 -4.50 9.92 0.70
N LYS A 47 -5.25 10.46 -0.29
CA LYS A 47 -5.52 9.77 -1.58
C LYS A 47 -4.21 9.47 -2.33
N GLY A 48 -3.22 10.39 -2.23
CA GLY A 48 -1.89 10.18 -2.83
C GLY A 48 -1.17 8.95 -2.26
N GLU A 49 -1.12 8.86 -0.92
CA GLU A 49 -0.51 7.72 -0.19
C GLU A 49 -1.14 6.35 -0.61
N ILE A 50 -2.48 6.33 -0.71
CA ILE A 50 -3.25 5.11 -1.01
C ILE A 50 -3.12 4.68 -2.51
N LYS A 51 -3.25 5.66 -3.43
CA LYS A 51 -3.09 5.44 -4.90
C LYS A 51 -1.68 4.90 -5.26
N LYS A 52 -0.64 5.50 -4.66
CA LYS A 52 0.77 5.07 -4.85
C LYS A 52 1.01 3.68 -4.25
N TRP A 53 0.32 3.36 -3.13
CA TRP A 53 0.41 2.02 -2.50
C TRP A 53 -0.12 0.93 -3.47
N PHE A 54 -1.34 1.14 -4.00
CA PHE A 54 -1.97 0.22 -4.99
C PHE A 54 -1.16 0.14 -6.30
N SER A 55 -0.49 1.25 -6.67
CA SER A 55 0.42 1.31 -7.85
C SER A 55 1.59 0.29 -7.71
N ASP A 56 2.27 0.33 -6.56
CA ASP A 56 3.41 -0.58 -6.26
C ASP A 56 2.93 -2.03 -5.91
N THR A 57 1.74 -2.16 -5.31
CA THR A 57 1.19 -3.47 -4.87
C THR A 57 0.75 -4.34 -6.07
N ARG A 58 0.04 -3.74 -7.05
CA ARG A 58 -0.34 -4.47 -8.29
C ARG A 58 0.90 -4.99 -9.05
N TYR A 59 2.01 -4.21 -8.99
CA TYR A 59 3.31 -4.60 -9.57
C TYR A 59 3.98 -5.76 -8.80
N ASN A 60 4.17 -5.57 -7.47
CA ASN A 60 4.92 -6.50 -6.59
C ASN A 60 4.24 -7.89 -6.48
N GLN A 61 2.91 -7.88 -6.36
CA GLN A 61 2.08 -9.11 -6.21
C GLN A 61 2.04 -9.97 -7.51
N ARG A 62 2.38 -9.39 -8.68
CA ARG A 62 2.48 -10.15 -9.97
C ARG A 62 3.95 -10.38 -10.41
N ASN A 63 4.87 -9.54 -9.91
CA ASN A 63 6.33 -9.67 -10.17
C ASN A 63 6.97 -10.51 -9.05
N SER A 64 7.19 -11.81 -9.32
CA SER A 64 7.80 -12.75 -8.35
C SER A 64 9.29 -12.42 -8.12
N LYS A 65 9.55 -11.60 -7.09
CA LYS A 65 10.93 -11.22 -6.68
C LYS A 65 11.63 -12.38 -5.93
N SER A 66 10.83 -13.26 -5.29
CA SER A 66 11.33 -14.46 -4.59
C SER A 66 11.98 -15.46 -5.58
N ASN A 67 13.31 -15.64 -5.44
CA ASN A 67 14.14 -16.51 -6.31
C ASN A 67 14.09 -16.03 -7.79
N GLN A 68 14.84 -14.94 -8.08
CA GLN A 68 14.92 -14.35 -9.44
C GLN A 68 15.79 -15.24 -10.37
N CYS A 69 17.09 -15.36 -10.03
CA CYS A 69 18.08 -16.14 -10.83
C CYS A 69 19.21 -16.70 -9.94
N LEU A 70 19.91 -17.73 -10.45
CA LEU A 70 21.06 -18.36 -9.75
C LEU A 70 22.26 -17.37 -9.68
N HIS A 71 22.52 -16.66 -10.81
CA HIS A 71 23.55 -15.59 -10.92
C HIS A 71 25.01 -16.14 -10.77
N LEU A 72 25.16 -17.47 -10.96
CA LEU A 72 26.45 -18.17 -10.84
C LEU A 72 27.29 -17.93 -12.11
N ASN A 73 28.56 -17.48 -11.92
CA ASN A 73 29.53 -17.15 -13.01
C ASN A 73 29.09 -15.86 -13.79
N ASN A 74 28.02 -15.18 -13.33
CA ASN A 74 27.50 -13.95 -13.96
C ASN A 74 27.86 -12.70 -13.10
N SER A 1 22.81 5.33 28.89
CA SER A 1 22.32 5.31 27.48
C SER A 1 23.38 4.69 26.54
N HIS A 2 23.02 3.57 25.88
CA HIS A 2 23.92 2.84 24.95
C HIS A 2 23.98 3.55 23.56
N MET A 3 22.80 3.79 22.96
CA MET A 3 22.65 4.52 21.67
C MET A 3 21.63 5.69 21.83
N PRO A 4 21.87 6.90 21.21
CA PRO A 4 20.94 8.06 21.31
C PRO A 4 19.60 7.80 20.56
N ASP A 5 18.50 7.57 21.33
CA ASP A 5 17.18 7.20 20.77
C ASP A 5 16.60 8.31 19.84
N SER A 6 16.17 7.89 18.63
CA SER A 6 15.65 8.79 17.58
C SER A 6 14.53 8.10 16.79
N PHE A 7 13.35 8.75 16.72
CA PHE A 7 12.15 8.20 16.03
C PHE A 7 11.18 9.35 15.66
N GLY A 8 10.54 9.25 14.47
CA GLY A 8 9.55 10.24 14.02
C GLY A 8 8.85 9.83 12.71
N ILE A 9 7.52 10.09 12.61
CA ILE A 9 6.72 9.81 11.40
C ILE A 9 6.56 11.12 10.58
N ARG A 10 6.67 11.02 9.24
CA ARG A 10 6.52 12.20 8.34
C ARG A 10 5.69 11.80 7.08
N ALA A 11 6.12 10.74 6.35
CA ALA A 11 5.46 10.30 5.09
C ALA A 11 5.64 8.78 4.85
N LYS A 12 5.52 7.99 5.93
CA LYS A 12 5.70 6.51 5.91
C LYS A 12 4.39 5.78 6.31
N LYS A 13 3.97 4.81 5.48
CA LYS A 13 2.80 3.95 5.76
C LYS A 13 3.18 2.88 6.82
N THR A 14 2.69 3.05 8.07
CA THR A 14 2.97 2.09 9.17
C THR A 14 2.20 0.77 8.96
N LYS A 15 2.62 -0.30 9.66
CA LYS A 15 2.06 -1.68 9.50
C LYS A 15 0.51 -1.72 9.60
N GLU A 16 -0.05 -0.98 10.58
CA GLU A 16 -1.51 -0.98 10.87
C GLU A 16 -2.33 -0.14 9.85
N GLN A 17 -1.72 0.95 9.34
CA GLN A 17 -2.32 1.77 8.25
C GLN A 17 -2.36 0.98 6.92
N LEU A 18 -1.21 0.39 6.59
CA LEU A 18 -1.02 -0.48 5.41
C LEU A 18 -1.92 -1.75 5.50
N ALA A 19 -2.18 -2.21 6.73
CA ALA A 19 -3.04 -3.39 6.99
C ALA A 19 -4.49 -3.18 6.47
N GLU A 20 -5.07 -1.99 6.76
CA GLU A 20 -6.42 -1.61 6.25
C GLU A 20 -6.45 -1.55 4.70
N LEU A 21 -5.33 -1.10 4.12
CA LEU A 21 -5.16 -1.03 2.65
C LEU A 21 -5.07 -2.44 2.03
N LYS A 22 -4.41 -3.38 2.76
CA LYS A 22 -4.26 -4.80 2.34
C LYS A 22 -5.61 -5.51 2.33
N VAL A 23 -6.42 -5.31 3.38
CA VAL A 23 -7.80 -5.84 3.48
C VAL A 23 -8.69 -5.27 2.34
N SER A 24 -8.51 -3.97 2.04
CA SER A 24 -9.17 -3.29 0.90
C SER A 24 -8.74 -3.89 -0.47
N TYR A 25 -7.44 -4.25 -0.58
CA TYR A 25 -6.85 -4.84 -1.81
C TYR A 25 -7.39 -6.27 -2.08
N LEU A 26 -7.54 -7.05 -0.99
CA LEU A 26 -8.05 -8.44 -1.02
C LEU A 26 -9.52 -8.50 -1.53
N LYS A 27 -10.29 -7.45 -1.21
CA LYS A 27 -11.68 -7.30 -1.71
C LYS A 27 -11.71 -6.73 -3.15
N ASN A 28 -11.04 -5.58 -3.35
CA ASN A 28 -10.94 -4.90 -4.66
C ASN A 28 -9.52 -4.31 -4.91
N GLN A 29 -8.88 -4.70 -6.03
CA GLN A 29 -7.54 -4.19 -6.42
C GLN A 29 -7.64 -2.82 -7.15
N PHE A 30 -8.87 -2.43 -7.50
CA PHE A 30 -9.19 -1.11 -8.11
C PHE A 30 -10.29 -0.37 -7.26
N PRO A 31 -9.97 0.14 -6.03
CA PRO A 31 -10.94 0.90 -5.18
C PRO A 31 -11.23 2.33 -5.72
N HIS A 32 -12.50 2.77 -5.61
CA HIS A 32 -12.96 4.09 -6.11
C HIS A 32 -12.43 5.26 -5.24
N ASP A 33 -12.54 6.50 -5.76
CA ASP A 33 -12.09 7.73 -5.04
C ASP A 33 -12.86 7.92 -3.70
N SER A 34 -14.16 7.56 -3.70
CA SER A 34 -15.04 7.61 -2.50
C SER A 34 -14.56 6.63 -1.40
N GLU A 35 -14.09 5.43 -1.82
CA GLU A 35 -13.48 4.42 -0.92
C GLU A 35 -12.23 4.98 -0.21
N ILE A 36 -11.41 5.74 -0.96
CA ILE A 36 -10.14 6.30 -0.46
C ILE A 36 -10.37 7.36 0.65
N ILE A 37 -11.45 8.18 0.49
CA ILE A 37 -11.87 9.18 1.52
C ILE A 37 -12.11 8.48 2.89
N ARG A 38 -12.84 7.36 2.83
CA ARG A 38 -13.10 6.46 3.98
C ARG A 38 -11.78 5.89 4.56
N LEU A 39 -10.91 5.37 3.67
CA LEU A 39 -9.61 4.76 4.05
C LEU A 39 -8.66 5.78 4.73
N MET A 40 -8.72 7.07 4.32
CA MET A 40 -7.88 8.13 4.94
C MET A 40 -8.27 8.37 6.42
N LYS A 41 -9.57 8.24 6.71
CA LYS A 41 -10.13 8.42 8.06
C LYS A 41 -9.77 7.22 9.00
N ILE A 42 -9.67 6.01 8.42
CA ILE A 42 -9.36 4.78 9.19
C ILE A 42 -7.82 4.61 9.39
N THR A 43 -7.06 4.80 8.30
CA THR A 43 -5.58 4.61 8.30
C THR A 43 -4.85 5.84 8.91
N GLY A 44 -5.14 7.04 8.36
CA GLY A 44 -4.40 8.28 8.69
C GLY A 44 -3.53 8.78 7.53
N LEU A 45 -3.48 7.99 6.44
CA LEU A 45 -2.70 8.31 5.20
C LEU A 45 -3.50 9.25 4.26
N THR A 46 -2.86 9.71 3.16
CA THR A 46 -3.45 10.71 2.24
C THR A 46 -4.11 10.07 0.98
N LYS A 47 -4.90 10.89 0.26
CA LYS A 47 -5.54 10.51 -1.03
C LYS A 47 -4.50 9.98 -2.05
N GLY A 48 -3.38 10.70 -2.15
CA GLY A 48 -2.26 10.32 -3.02
C GLY A 48 -1.59 9.01 -2.59
N GLU A 49 -1.19 8.91 -1.30
CA GLU A 49 -0.50 7.73 -0.72
C GLU A 49 -1.27 6.41 -0.93
N ILE A 50 -2.57 6.43 -0.65
CA ILE A 50 -3.42 5.21 -0.70
C ILE A 50 -3.65 4.71 -2.16
N LYS A 51 -4.07 5.62 -3.06
CA LYS A 51 -4.19 5.32 -4.53
C LYS A 51 -2.83 4.82 -5.13
N LYS A 52 -1.73 5.44 -4.66
CA LYS A 52 -0.35 5.10 -5.06
C LYS A 52 0.03 3.67 -4.62
N TRP A 53 -0.41 3.32 -3.40
CA TRP A 53 -0.10 2.03 -2.75
C TRP A 53 -0.65 0.83 -3.56
N PHE A 54 -1.92 0.93 -4.02
CA PHE A 54 -2.57 -0.14 -4.83
C PHE A 54 -1.80 -0.38 -6.16
N SER A 55 -1.18 0.69 -6.71
CA SER A 55 -0.27 0.58 -7.88
C SER A 55 1.02 -0.20 -7.51
N ASP A 56 1.61 0.13 -6.34
CA ASP A 56 2.84 -0.53 -5.83
C ASP A 56 2.61 -2.04 -5.53
N THR A 57 1.42 -2.36 -5.02
CA THR A 57 1.05 -3.73 -4.60
C THR A 57 0.73 -4.63 -5.82
N ARG A 58 0.08 -4.04 -6.85
CA ARG A 58 -0.18 -4.73 -8.15
C ARG A 58 1.14 -4.99 -8.94
N TYR A 59 2.10 -4.07 -8.81
CA TYR A 59 3.48 -4.23 -9.35
C TYR A 59 4.21 -5.39 -8.63
N ASN A 60 4.18 -5.33 -7.29
CA ASN A 60 4.84 -6.31 -6.39
C ASN A 60 4.20 -7.72 -6.54
N GLN A 61 2.88 -7.74 -6.82
CA GLN A 61 2.11 -8.98 -7.06
C GLN A 61 2.56 -9.66 -8.38
N ARG A 62 2.75 -8.83 -9.44
CA ARG A 62 3.22 -9.30 -10.76
C ARG A 62 4.61 -10.00 -10.65
N ASN A 63 5.49 -9.45 -9.78
CA ASN A 63 6.78 -10.08 -9.46
C ASN A 63 6.58 -11.30 -8.52
N SER A 64 6.57 -12.51 -9.10
CA SER A 64 6.44 -13.78 -8.36
C SER A 64 7.67 -14.03 -7.45
N LYS A 65 7.42 -14.51 -6.22
CA LYS A 65 8.46 -14.64 -5.17
C LYS A 65 9.33 -15.90 -5.42
N SER A 66 10.45 -15.70 -6.15
CA SER A 66 11.38 -16.78 -6.55
C SER A 66 12.52 -16.98 -5.51
N ASN A 67 12.27 -16.56 -4.24
CA ASN A 67 13.27 -16.51 -3.14
C ASN A 67 14.49 -15.65 -3.53
N GLN A 68 14.31 -14.32 -3.42
CA GLN A 68 15.27 -13.30 -3.88
C GLN A 68 15.43 -12.17 -2.83
N CYS A 69 16.51 -11.37 -2.96
CA CYS A 69 16.77 -10.18 -2.10
C CYS A 69 15.85 -9.00 -2.46
N LEU A 70 15.14 -8.44 -1.46
CA LEU A 70 14.24 -7.29 -1.65
C LEU A 70 15.08 -5.99 -1.61
N HIS A 71 15.47 -5.49 -2.81
CA HIS A 71 16.33 -4.30 -2.94
C HIS A 71 15.98 -3.55 -4.26
N LEU A 72 14.93 -2.71 -4.20
CA LEU A 72 14.39 -1.99 -5.38
C LEU A 72 15.08 -0.61 -5.58
N ASN A 73 16.00 -0.55 -6.56
CA ASN A 73 16.65 0.71 -6.98
C ASN A 73 15.80 1.45 -8.04
N ASN A 74 16.16 2.71 -8.31
CA ASN A 74 15.49 3.54 -9.37
C ASN A 74 16.43 3.75 -10.60
N SER A 1 5.31 -14.72 9.27
CA SER A 1 6.61 -15.20 8.75
C SER A 1 7.69 -15.15 9.86
N HIS A 2 7.98 -16.32 10.47
CA HIS A 2 9.06 -16.45 11.47
C HIS A 2 10.44 -16.50 10.78
N MET A 3 11.44 -15.80 11.36
CA MET A 3 12.76 -15.55 10.72
C MET A 3 12.61 -14.83 9.33
N PRO A 4 12.14 -13.54 9.30
CA PRO A 4 11.96 -12.78 8.04
C PRO A 4 13.28 -12.14 7.52
N ASP A 5 14.04 -12.93 6.73
CA ASP A 5 15.29 -12.47 6.07
C ASP A 5 15.01 -11.55 4.85
N SER A 6 13.86 -11.76 4.20
CA SER A 6 13.44 -10.99 3.00
C SER A 6 12.97 -9.57 3.40
N PHE A 7 13.74 -8.54 2.98
CA PHE A 7 13.46 -7.12 3.32
C PHE A 7 12.74 -6.39 2.14
N GLY A 8 12.69 -5.05 2.22
CA GLY A 8 12.11 -4.22 1.13
C GLY A 8 11.86 -2.77 1.57
N ILE A 9 12.84 -2.20 2.31
CA ILE A 9 12.73 -0.85 2.88
C ILE A 9 13.07 0.23 1.81
N ARG A 10 12.06 0.56 0.98
CA ARG A 10 12.14 1.68 -0.02
C ARG A 10 10.98 2.69 0.20
N ALA A 11 10.15 2.43 1.23
CA ALA A 11 8.99 3.26 1.60
C ALA A 11 8.71 3.12 3.11
N LYS A 12 7.95 4.08 3.69
CA LYS A 12 7.59 4.06 5.13
C LYS A 12 6.06 4.20 5.32
N LYS A 13 5.43 3.10 5.76
CA LYS A 13 4.02 3.03 6.19
C LYS A 13 3.95 2.20 7.50
N THR A 14 3.16 2.63 8.49
CA THR A 14 2.95 1.84 9.73
C THR A 14 2.12 0.58 9.39
N LYS A 15 2.40 -0.54 10.07
CA LYS A 15 1.74 -1.83 9.76
C LYS A 15 0.19 -1.76 9.92
N GLU A 16 -0.29 -0.88 10.82
CA GLU A 16 -1.75 -0.63 11.01
C GLU A 16 -2.37 0.03 9.76
N GLN A 17 -1.73 1.10 9.26
CA GLN A 17 -2.17 1.82 8.04
C GLN A 17 -2.14 0.90 6.81
N LEU A 18 -1.01 0.23 6.64
CA LEU A 18 -0.71 -0.67 5.51
C LEU A 18 -1.69 -1.88 5.48
N ALA A 19 -2.07 -2.38 6.68
CA ALA A 19 -3.03 -3.50 6.82
C ALA A 19 -4.44 -3.12 6.33
N GLU A 20 -4.91 -1.93 6.71
CA GLU A 20 -6.24 -1.42 6.30
C GLU A 20 -6.34 -1.25 4.77
N LEU A 21 -5.23 -0.80 4.16
CA LEU A 21 -5.11 -0.69 2.68
C LEU A 21 -5.20 -2.09 2.01
N LYS A 22 -4.56 -3.09 2.64
CA LYS A 22 -4.64 -4.52 2.21
C LYS A 22 -6.09 -5.06 2.29
N VAL A 23 -6.82 -4.71 3.37
CA VAL A 23 -8.23 -5.14 3.58
C VAL A 23 -9.15 -4.71 2.40
N SER A 24 -8.93 -3.48 1.90
CA SER A 24 -9.65 -2.94 0.71
C SER A 24 -9.14 -3.58 -0.60
N TYR A 25 -7.80 -3.80 -0.68
CA TYR A 25 -7.12 -4.36 -1.88
C TYR A 25 -7.58 -5.81 -2.19
N LEU A 26 -7.69 -6.64 -1.14
CA LEU A 26 -8.05 -8.08 -1.27
C LEU A 26 -9.49 -8.29 -1.78
N LYS A 27 -10.36 -7.29 -1.56
CA LYS A 27 -11.75 -7.28 -2.10
C LYS A 27 -11.78 -6.66 -3.51
N ASN A 28 -10.97 -5.59 -3.72
CA ASN A 28 -10.95 -4.81 -4.98
C ASN A 28 -9.57 -4.11 -5.14
N GLN A 29 -8.77 -4.57 -6.12
CA GLN A 29 -7.34 -4.17 -6.28
C GLN A 29 -7.22 -2.71 -6.76
N PHE A 30 -8.19 -2.29 -7.58
CA PHE A 30 -8.36 -0.91 -8.03
C PHE A 30 -9.74 -0.39 -7.56
N PRO A 31 -9.85 0.15 -6.30
CA PRO A 31 -11.15 0.56 -5.71
C PRO A 31 -11.57 2.00 -6.07
N HIS A 32 -12.79 2.36 -5.62
CA HIS A 32 -13.41 3.69 -5.85
C HIS A 32 -12.81 4.76 -4.91
N ASP A 33 -13.00 6.05 -5.28
CA ASP A 33 -12.54 7.19 -4.46
C ASP A 33 -13.24 7.19 -3.07
N SER A 34 -14.47 6.66 -3.02
CA SER A 34 -15.26 6.47 -1.77
C SER A 34 -14.53 5.52 -0.79
N GLU A 35 -14.02 4.39 -1.32
CA GLU A 35 -13.19 3.44 -0.54
C GLU A 35 -11.95 4.15 0.03
N ILE A 36 -11.28 4.89 -0.87
CA ILE A 36 -10.03 5.61 -0.58
C ILE A 36 -10.23 6.75 0.47
N ILE A 37 -11.44 7.36 0.50
CA ILE A 37 -11.83 8.32 1.57
C ILE A 37 -11.95 7.59 2.94
N ARG A 38 -12.68 6.44 2.94
CA ARG A 38 -12.81 5.56 4.14
C ARG A 38 -11.43 5.16 4.70
N LEU A 39 -10.50 4.86 3.77
CA LEU A 39 -9.12 4.50 4.09
C LEU A 39 -8.36 5.70 4.70
N MET A 40 -8.56 6.91 4.15
CA MET A 40 -7.99 8.17 4.74
C MET A 40 -8.50 8.42 6.19
N LYS A 41 -9.77 8.05 6.45
CA LYS A 41 -10.42 8.20 7.77
C LYS A 41 -9.78 7.27 8.84
N ILE A 42 -9.57 6.00 8.47
CA ILE A 42 -9.11 4.95 9.42
C ILE A 42 -7.56 4.95 9.57
N THR A 43 -6.84 4.98 8.43
CA THR A 43 -5.34 4.96 8.40
C THR A 43 -4.75 6.32 8.85
N GLY A 44 -5.42 7.41 8.47
CA GLY A 44 -4.89 8.78 8.69
C GLY A 44 -3.85 9.21 7.66
N LEU A 45 -3.84 8.51 6.50
CA LEU A 45 -2.96 8.83 5.35
C LEU A 45 -3.63 9.83 4.39
N THR A 46 -2.84 10.32 3.42
CA THR A 46 -3.33 11.21 2.35
C THR A 46 -3.80 10.37 1.15
N LYS A 47 -4.75 10.92 0.38
CA LYS A 47 -5.34 10.25 -0.80
C LYS A 47 -4.27 9.89 -1.87
N GLY A 48 -3.22 10.73 -1.98
CA GLY A 48 -2.11 10.50 -2.90
C GLY A 48 -1.28 9.24 -2.57
N GLU A 49 -0.94 9.07 -1.27
CA GLU A 49 -0.19 7.89 -0.76
C GLU A 49 -0.96 6.59 -1.02
N ILE A 50 -2.26 6.61 -0.70
CA ILE A 50 -3.17 5.46 -0.80
C ILE A 50 -3.40 5.00 -2.27
N LYS A 51 -3.63 5.96 -3.20
CA LYS A 51 -3.87 5.64 -4.64
C LYS A 51 -2.62 5.04 -5.32
N LYS A 52 -1.42 5.61 -5.02
CA LYS A 52 -0.15 5.07 -5.54
C LYS A 52 0.14 3.66 -4.94
N TRP A 53 -0.24 3.48 -3.66
CA TRP A 53 -0.05 2.20 -2.92
C TRP A 53 -0.67 1.01 -3.68
N PHE A 54 -1.93 1.16 -4.16
CA PHE A 54 -2.65 0.06 -4.87
C PHE A 54 -1.93 -0.41 -6.15
N SER A 55 -1.38 0.55 -6.94
CA SER A 55 -0.64 0.23 -8.19
C SER A 55 0.74 -0.43 -7.92
N ASP A 56 1.48 0.09 -6.92
CA ASP A 56 2.81 -0.45 -6.51
C ASP A 56 2.69 -1.84 -5.85
N THR A 57 1.60 -2.04 -5.08
CA THR A 57 1.23 -3.36 -4.50
C THR A 57 0.84 -4.34 -5.62
N ARG A 58 0.07 -3.86 -6.61
CA ARG A 58 -0.34 -4.66 -7.79
C ARG A 58 0.89 -5.10 -8.62
N TYR A 59 1.92 -4.24 -8.67
CA TYR A 59 3.22 -4.55 -9.30
C TYR A 59 3.95 -5.69 -8.54
N ASN A 60 3.89 -5.65 -7.20
CA ASN A 60 4.52 -6.67 -6.32
C ASN A 60 3.70 -8.00 -6.31
N GLN A 61 2.39 -7.92 -6.57
CA GLN A 61 1.51 -9.12 -6.68
C GLN A 61 1.55 -9.73 -8.10
N ARG A 62 1.92 -8.90 -9.09
CA ARG A 62 2.19 -9.33 -10.47
C ARG A 62 3.56 -10.04 -10.56
N ASN A 63 4.56 -9.40 -9.91
CA ASN A 63 5.95 -9.91 -9.80
C ASN A 63 6.27 -10.17 -8.30
N SER A 64 5.94 -11.39 -7.83
CA SER A 64 5.94 -11.74 -6.38
C SER A 64 7.34 -12.01 -5.79
N LYS A 65 8.41 -11.83 -6.58
CA LYS A 65 9.82 -11.92 -6.10
C LYS A 65 10.77 -11.04 -6.95
N SER A 66 11.77 -10.43 -6.31
CA SER A 66 12.80 -9.58 -6.99
C SER A 66 14.02 -9.34 -6.05
N ASN A 67 15.10 -10.11 -6.30
CA ASN A 67 16.41 -10.03 -5.58
C ASN A 67 16.32 -10.40 -4.06
N GLN A 68 17.29 -11.19 -3.62
CA GLN A 68 17.41 -11.65 -2.21
C GLN A 68 18.87 -12.08 -1.95
N CYS A 69 19.35 -13.03 -2.77
CA CYS A 69 20.76 -13.49 -2.77
C CYS A 69 21.64 -12.52 -3.59
N LEU A 70 22.09 -11.43 -2.94
CA LEU A 70 22.97 -10.42 -3.57
C LEU A 70 24.44 -10.92 -3.55
N HIS A 71 24.88 -11.50 -4.71
CA HIS A 71 26.22 -12.16 -4.85
C HIS A 71 26.35 -13.38 -3.88
N LEU A 72 25.19 -14.02 -3.56
CA LEU A 72 25.05 -15.06 -2.52
C LEU A 72 25.62 -14.57 -1.15
N ASN A 73 24.83 -13.74 -0.46
CA ASN A 73 25.23 -13.10 0.82
C ASN A 73 25.33 -14.16 1.95
N ASN A 74 26.50 -14.24 2.61
CA ASN A 74 26.80 -15.26 3.65
C ASN A 74 25.99 -15.04 4.97
N SER A 1 3.03 -16.39 11.77
CA SER A 1 3.71 -15.06 11.67
C SER A 1 3.34 -14.35 10.33
N HIS A 2 2.59 -13.24 10.43
CA HIS A 2 2.20 -12.40 9.27
C HIS A 2 2.72 -10.95 9.46
N MET A 3 3.89 -10.84 10.13
CA MET A 3 4.50 -9.55 10.52
C MET A 3 5.12 -8.82 9.29
N PRO A 4 4.92 -7.46 9.15
CA PRO A 4 5.48 -6.66 8.02
C PRO A 4 7.04 -6.68 7.99
N ASP A 5 7.59 -7.45 7.04
CA ASP A 5 9.05 -7.67 6.90
C ASP A 5 9.78 -6.45 6.26
N SER A 6 11.10 -6.37 6.52
CA SER A 6 12.03 -5.37 5.92
C SER A 6 11.78 -3.91 6.39
N PHE A 7 12.82 -3.06 6.31
CA PHE A 7 12.73 -1.62 6.64
C PHE A 7 12.53 -0.78 5.37
N GLY A 8 11.39 -0.06 5.30
CA GLY A 8 11.11 0.88 4.21
C GLY A 8 11.79 2.23 4.42
N ILE A 9 12.72 2.60 3.51
CA ILE A 9 13.48 3.88 3.60
C ILE A 9 12.51 5.09 3.40
N ARG A 10 12.10 5.69 4.55
CA ARG A 10 11.18 6.86 4.62
C ARG A 10 9.77 6.58 4.02
N ALA A 11 9.43 5.27 3.83
CA ALA A 11 8.11 4.86 3.31
C ALA A 11 7.02 5.03 4.40
N LYS A 12 6.04 5.93 4.15
CA LYS A 12 4.97 6.26 5.12
C LYS A 12 3.87 5.18 5.12
N LYS A 13 4.22 3.99 5.65
CA LYS A 13 3.32 2.84 5.83
C LYS A 13 3.59 2.14 7.18
N THR A 14 2.75 2.44 8.20
CA THR A 14 2.77 1.70 9.49
C THR A 14 2.04 0.34 9.30
N LYS A 15 2.24 -0.59 10.24
CA LYS A 15 1.60 -1.94 10.17
C LYS A 15 0.05 -1.85 10.31
N GLU A 16 -0.43 -0.76 10.93
CA GLU A 16 -1.88 -0.44 10.99
C GLU A 16 -2.39 0.01 9.60
N GLN A 17 -1.63 0.91 8.93
CA GLN A 17 -1.98 1.44 7.59
C GLN A 17 -1.98 0.30 6.52
N LEU A 18 -0.88 -0.47 6.50
CA LEU A 18 -0.70 -1.65 5.62
C LEU A 18 -1.87 -2.66 5.76
N ALA A 19 -2.24 -2.98 7.01
CA ALA A 19 -3.33 -3.94 7.32
C ALA A 19 -4.66 -3.55 6.65
N GLU A 20 -5.06 -2.29 6.84
CA GLU A 20 -6.36 -1.75 6.36
C GLU A 20 -6.38 -1.58 4.82
N LEU A 21 -5.22 -1.25 4.23
CA LEU A 21 -5.08 -1.14 2.76
C LEU A 21 -5.12 -2.53 2.07
N LYS A 22 -4.58 -3.56 2.76
CA LYS A 22 -4.64 -4.98 2.28
C LYS A 22 -6.10 -5.50 2.27
N VAL A 23 -6.87 -5.14 3.31
CA VAL A 23 -8.32 -5.43 3.40
C VAL A 23 -9.08 -4.78 2.21
N SER A 24 -8.74 -3.50 1.93
CA SER A 24 -9.32 -2.75 0.79
C SER A 24 -8.84 -3.30 -0.57
N TYR A 25 -7.63 -3.89 -0.61
CA TYR A 25 -7.06 -4.52 -1.83
C TYR A 25 -7.84 -5.82 -2.20
N LEU A 26 -8.25 -6.56 -1.16
CA LEU A 26 -9.08 -7.78 -1.31
C LEU A 26 -10.52 -7.44 -1.78
N LYS A 27 -11.02 -6.26 -1.38
CA LYS A 27 -12.34 -5.73 -1.82
C LYS A 27 -12.25 -5.10 -3.23
N ASN A 28 -11.14 -4.38 -3.48
CA ASN A 28 -10.91 -3.56 -4.69
C ASN A 28 -9.39 -3.27 -4.88
N GLN A 29 -8.77 -3.99 -5.83
CA GLN A 29 -7.34 -3.75 -6.21
C GLN A 29 -7.19 -2.38 -6.90
N PHE A 30 -8.27 -1.95 -7.55
CA PHE A 30 -8.40 -0.63 -8.20
C PHE A 30 -9.50 0.17 -7.45
N PRO A 31 -9.11 1.01 -6.42
CA PRO A 31 -10.08 1.73 -5.57
C PRO A 31 -10.67 2.99 -6.26
N HIS A 32 -11.92 3.34 -5.91
CA HIS A 32 -12.70 4.40 -6.61
C HIS A 32 -12.46 5.80 -5.95
N ASP A 33 -13.31 6.19 -4.96
CA ASP A 33 -13.16 7.44 -4.18
C ASP A 33 -13.67 7.25 -2.74
N SER A 34 -14.95 6.83 -2.60
CA SER A 34 -15.66 6.72 -1.30
C SER A 34 -14.95 5.74 -0.30
N GLU A 35 -14.47 4.59 -0.83
CA GLU A 35 -13.67 3.61 -0.06
C GLU A 35 -12.37 4.27 0.48
N ILE A 36 -11.73 5.05 -0.39
CA ILE A 36 -10.43 5.69 -0.10
C ILE A 36 -10.58 6.79 0.96
N ILE A 37 -11.74 7.49 0.95
CA ILE A 37 -12.10 8.49 1.98
C ILE A 37 -12.18 7.84 3.38
N ARG A 38 -12.78 6.63 3.43
CA ARG A 38 -12.85 5.83 4.67
C ARG A 38 -11.43 5.39 5.12
N LEU A 39 -10.58 5.00 4.13
CA LEU A 39 -9.16 4.67 4.36
C LEU A 39 -8.37 5.89 4.91
N MET A 40 -8.69 7.11 4.42
CA MET A 40 -8.05 8.37 4.91
C MET A 40 -8.40 8.63 6.40
N LYS A 41 -9.63 8.24 6.79
CA LYS A 41 -10.10 8.34 8.20
C LYS A 41 -9.39 7.33 9.13
N ILE A 42 -9.21 6.08 8.62
CA ILE A 42 -8.63 4.97 9.42
C ILE A 42 -7.08 5.03 9.44
N THR A 43 -6.45 4.91 8.26
CA THR A 43 -4.97 4.87 8.10
C THR A 43 -4.32 6.24 8.42
N GLY A 44 -4.99 7.33 8.00
CA GLY A 44 -4.47 8.70 8.20
C GLY A 44 -3.78 9.29 6.95
N LEU A 45 -3.65 8.47 5.89
CA LEU A 45 -3.03 8.87 4.60
C LEU A 45 -3.99 9.73 3.74
N THR A 46 -3.50 10.22 2.58
CA THR A 46 -4.32 11.00 1.60
C THR A 46 -4.69 10.14 0.38
N LYS A 47 -5.78 10.50 -0.32
CA LYS A 47 -6.38 9.67 -1.42
C LYS A 47 -5.37 9.30 -2.55
N GLY A 48 -4.60 10.28 -3.01
CA GLY A 48 -3.58 10.06 -4.06
C GLY A 48 -2.40 9.19 -3.58
N GLU A 49 -2.03 9.36 -2.30
CA GLU A 49 -0.91 8.61 -1.65
C GLU A 49 -1.30 7.11 -1.53
N ILE A 50 -2.57 6.87 -1.15
CA ILE A 50 -3.14 5.53 -0.95
C ILE A 50 -3.18 4.70 -2.27
N LYS A 51 -3.64 5.34 -3.37
CA LYS A 51 -3.71 4.67 -4.70
C LYS A 51 -2.31 4.28 -5.24
N LYS A 52 -1.27 5.06 -4.86
CA LYS A 52 0.14 4.71 -5.18
C LYS A 52 0.55 3.36 -4.51
N TRP A 53 0.00 3.08 -3.31
CA TRP A 53 0.22 1.78 -2.62
C TRP A 53 -0.34 0.61 -3.46
N PHE A 54 -1.58 0.75 -3.96
CA PHE A 54 -2.24 -0.28 -4.81
C PHE A 54 -1.46 -0.52 -6.13
N SER A 55 -0.80 0.54 -6.64
CA SER A 55 0.08 0.46 -7.82
C SER A 55 1.38 -0.33 -7.48
N ASP A 56 1.98 -0.03 -6.31
CA ASP A 56 3.20 -0.72 -5.83
C ASP A 56 2.92 -2.21 -5.46
N THR A 57 1.73 -2.48 -4.92
CA THR A 57 1.33 -3.84 -4.49
C THR A 57 1.08 -4.74 -5.72
N ARG A 58 0.43 -4.18 -6.75
CA ARG A 58 0.21 -4.87 -8.04
C ARG A 58 1.53 -5.01 -8.85
N TYR A 59 2.49 -4.08 -8.65
CA TYR A 59 3.87 -4.22 -9.17
C TYR A 59 4.56 -5.44 -8.50
N ASN A 60 4.60 -5.43 -7.15
CA ASN A 60 5.24 -6.51 -6.34
C ASN A 60 4.44 -7.84 -6.36
N GLN A 61 3.24 -7.83 -6.95
CA GLN A 61 2.45 -9.04 -7.23
C GLN A 61 3.09 -9.81 -8.42
N ARG A 62 3.53 -9.06 -9.45
CA ARG A 62 4.11 -9.63 -10.69
C ARG A 62 5.65 -9.40 -10.81
N ASN A 63 6.28 -8.85 -9.75
CA ASN A 63 7.72 -8.49 -9.80
C ASN A 63 8.35 -8.52 -8.37
N SER A 64 9.68 -8.80 -8.29
CA SER A 64 10.40 -8.89 -6.97
C SER A 64 11.94 -8.85 -7.15
N LYS A 65 12.46 -9.65 -8.10
CA LYS A 65 13.93 -9.88 -8.30
C LYS A 65 14.58 -10.61 -7.07
N SER A 66 15.92 -10.82 -7.15
CA SER A 66 16.73 -11.40 -6.06
C SER A 66 17.85 -10.43 -5.64
N ASN A 67 17.62 -9.68 -4.55
CA ASN A 67 18.58 -8.67 -4.02
C ASN A 67 19.21 -9.13 -2.68
N GLN A 68 20.32 -8.46 -2.32
CA GLN A 68 21.06 -8.73 -1.05
C GLN A 68 20.91 -7.54 -0.06
N CYS A 69 21.42 -7.72 1.17
CA CYS A 69 21.44 -6.65 2.21
C CYS A 69 22.39 -5.50 1.81
N LEU A 70 21.83 -4.42 1.23
CA LEU A 70 22.60 -3.24 0.78
C LEU A 70 23.21 -2.49 2.01
N HIS A 71 24.55 -2.40 2.03
CA HIS A 71 25.30 -1.77 3.14
C HIS A 71 26.16 -0.60 2.58
N LEU A 72 25.64 0.64 2.71
CA LEU A 72 26.33 1.85 2.20
C LEU A 72 27.16 2.54 3.34
N ASN A 73 28.49 2.41 3.26
CA ASN A 73 29.44 3.05 4.20
C ASN A 73 30.85 3.18 3.52
N ASN A 74 31.69 4.12 4.03
CA ASN A 74 33.03 4.40 3.46
C ASN A 74 33.98 3.14 3.44
N SER A 1 -2.63 22.52 -18.15
CA SER A 1 -1.17 22.27 -18.27
C SER A 1 -0.84 20.80 -17.92
N HIS A 2 0.12 20.20 -18.66
CA HIS A 2 0.56 18.80 -18.43
C HIS A 2 1.51 18.68 -17.20
N MET A 3 2.09 19.83 -16.77
CA MET A 3 3.13 19.89 -15.71
C MET A 3 2.63 19.27 -14.36
N PRO A 4 3.12 18.03 -13.99
CA PRO A 4 2.66 17.30 -12.79
C PRO A 4 3.55 17.58 -11.54
N ASP A 5 3.44 16.70 -10.52
CA ASP A 5 4.31 16.74 -9.33
C ASP A 5 5.69 16.11 -9.64
N SER A 6 6.75 16.94 -9.66
CA SER A 6 8.15 16.48 -9.87
C SER A 6 8.63 15.65 -8.66
N PHE A 7 8.56 16.26 -7.45
CA PHE A 7 8.96 15.63 -6.19
C PHE A 7 7.80 15.70 -5.17
N GLY A 8 7.35 14.53 -4.68
CA GLY A 8 6.28 14.42 -3.68
C GLY A 8 6.43 13.16 -2.84
N ILE A 9 7.63 12.97 -2.29
CA ILE A 9 8.00 11.76 -1.51
C ILE A 9 7.44 11.87 -0.06
N ARG A 10 6.50 10.96 0.29
CA ARG A 10 5.95 10.84 1.65
C ARG A 10 6.29 9.46 2.26
N ALA A 11 5.69 8.38 1.67
CA ALA A 11 5.94 6.96 2.07
C ALA A 11 5.63 6.71 3.58
N LYS A 12 4.72 7.54 4.11
CA LYS A 12 4.39 7.62 5.55
C LYS A 12 3.45 6.46 6.02
N LYS A 13 3.03 5.61 5.07
CA LYS A 13 2.16 4.42 5.32
C LYS A 13 2.78 3.43 6.36
N THR A 14 2.22 3.44 7.59
CA THR A 14 2.67 2.59 8.72
C THR A 14 2.08 1.16 8.63
N LYS A 15 2.54 0.25 9.51
CA LYS A 15 2.06 -1.18 9.53
C LYS A 15 0.53 -1.31 9.71
N GLU A 16 -0.03 -0.54 10.66
CA GLU A 16 -1.49 -0.52 10.95
C GLU A 16 -2.30 -0.02 9.72
N GLN A 17 -1.75 0.98 9.02
CA GLN A 17 -2.35 1.56 7.82
C GLN A 17 -2.32 0.58 6.63
N LEU A 18 -1.16 -0.06 6.43
CA LEU A 18 -0.95 -1.09 5.38
C LEU A 18 -1.85 -2.32 5.58
N ALA A 19 -2.14 -2.66 6.85
CA ALA A 19 -3.03 -3.77 7.21
C ALA A 19 -4.48 -3.55 6.69
N GLU A 20 -5.03 -2.34 6.94
CA GLU A 20 -6.36 -1.94 6.44
C GLU A 20 -6.39 -1.82 4.89
N LEU A 21 -5.28 -1.31 4.31
CA LEU A 21 -5.11 -1.21 2.84
C LEU A 21 -5.12 -2.60 2.16
N LYS A 22 -4.43 -3.59 2.79
CA LYS A 22 -4.33 -4.97 2.24
C LYS A 22 -5.68 -5.70 2.25
N VAL A 23 -6.48 -5.51 3.32
CA VAL A 23 -7.88 -6.00 3.37
C VAL A 23 -8.72 -5.43 2.19
N SER A 24 -8.55 -4.11 1.95
CA SER A 24 -9.22 -3.40 0.84
C SER A 24 -8.69 -3.86 -0.54
N TYR A 25 -7.42 -4.30 -0.61
CA TYR A 25 -6.79 -4.80 -1.87
C TYR A 25 -7.35 -6.19 -2.26
N LEU A 26 -7.55 -7.05 -1.24
CA LEU A 26 -8.10 -8.43 -1.42
C LEU A 26 -9.55 -8.40 -1.99
N LYS A 27 -10.26 -7.28 -1.77
CA LYS A 27 -11.61 -7.04 -2.33
C LYS A 27 -11.52 -6.26 -3.67
N ASN A 28 -10.94 -5.05 -3.61
CA ASN A 28 -10.80 -4.11 -4.74
C ASN A 28 -9.33 -3.70 -4.91
N GLN A 29 -8.71 -4.14 -6.01
CA GLN A 29 -7.31 -3.79 -6.34
C GLN A 29 -7.21 -2.34 -6.89
N PHE A 30 -8.36 -1.80 -7.35
CA PHE A 30 -8.48 -0.43 -7.89
C PHE A 30 -9.75 0.26 -7.28
N PRO A 31 -9.61 1.02 -6.13
CA PRO A 31 -10.73 1.78 -5.50
C PRO A 31 -11.09 3.10 -6.28
N HIS A 32 -12.37 3.52 -6.20
CA HIS A 32 -12.90 4.70 -6.95
C HIS A 32 -12.69 6.04 -6.18
N ASP A 33 -13.51 6.31 -5.14
CA ASP A 33 -13.43 7.59 -4.39
C ASP A 33 -13.87 7.45 -2.90
N SER A 34 -15.11 7.00 -2.67
CA SER A 34 -15.71 6.88 -1.31
C SER A 34 -14.91 5.89 -0.42
N GLU A 35 -14.46 4.79 -1.04
CA GLU A 35 -13.63 3.76 -0.36
C GLU A 35 -12.22 4.31 -0.01
N ILE A 36 -11.68 5.18 -0.89
CA ILE A 36 -10.38 5.86 -0.65
C ILE A 36 -10.46 6.80 0.58
N ILE A 37 -11.52 7.65 0.63
CA ILE A 37 -11.75 8.61 1.73
C ILE A 37 -12.04 7.87 3.07
N ARG A 38 -12.74 6.72 2.97
CA ARG A 38 -12.97 5.81 4.11
C ARG A 38 -11.62 5.36 4.72
N LEU A 39 -10.72 4.84 3.87
CA LEU A 39 -9.37 4.42 4.28
C LEU A 39 -8.53 5.61 4.82
N MET A 40 -8.63 6.79 4.17
CA MET A 40 -7.91 8.03 4.58
C MET A 40 -8.15 8.41 6.06
N LYS A 41 -9.42 8.36 6.49
CA LYS A 41 -9.84 8.80 7.85
C LYS A 41 -9.79 7.67 8.91
N ILE A 42 -9.67 6.40 8.47
CA ILE A 42 -9.44 5.24 9.37
C ILE A 42 -7.92 5.06 9.63
N THR A 43 -7.16 4.89 8.54
CA THR A 43 -5.69 4.69 8.59
C THR A 43 -4.96 5.96 9.10
N GLY A 44 -5.31 7.12 8.52
CA GLY A 44 -4.61 8.40 8.80
C GLY A 44 -3.75 8.88 7.64
N LEU A 45 -4.10 8.44 6.42
CA LEU A 45 -3.32 8.72 5.18
C LEU A 45 -3.92 9.85 4.32
N THR A 46 -3.15 10.23 3.28
CA THR A 46 -3.60 11.13 2.21
C THR A 46 -4.05 10.32 0.98
N LYS A 47 -4.66 11.02 0.01
CA LYS A 47 -5.13 10.42 -1.24
C LYS A 47 -3.98 9.78 -2.05
N GLY A 48 -2.94 10.59 -2.33
CA GLY A 48 -1.78 10.15 -3.14
C GLY A 48 -1.05 8.91 -2.59
N GLU A 49 -1.01 8.77 -1.27
CA GLU A 49 -0.43 7.58 -0.58
C GLU A 49 -1.19 6.29 -0.95
N ILE A 50 -2.52 6.33 -0.79
CA ILE A 50 -3.41 5.19 -1.07
C ILE A 50 -3.45 4.85 -2.58
N LYS A 51 -3.67 5.89 -3.41
CA LYS A 51 -3.70 5.80 -4.90
C LYS A 51 -2.44 5.08 -5.46
N LYS A 52 -1.26 5.55 -5.04
CA LYS A 52 0.03 5.00 -5.50
C LYS A 52 0.30 3.61 -4.87
N TRP A 53 -0.20 3.37 -3.64
CA TRP A 53 -0.01 2.08 -2.94
C TRP A 53 -0.63 0.90 -3.73
N PHE A 54 -1.89 1.05 -4.16
CA PHE A 54 -2.61 0.01 -4.95
C PHE A 54 -1.91 -0.28 -6.31
N SER A 55 -1.21 0.74 -6.86
CA SER A 55 -0.37 0.58 -8.07
C SER A 55 0.88 -0.31 -7.79
N ASP A 56 1.68 0.09 -6.77
CA ASP A 56 2.93 -0.63 -6.39
C ASP A 56 2.66 -2.03 -5.80
N THR A 57 1.49 -2.21 -5.15
CA THR A 57 1.09 -3.51 -4.55
C THR A 57 0.56 -4.46 -5.64
N ARG A 58 -0.09 -3.92 -6.69
CA ARG A 58 -0.48 -4.70 -7.88
C ARG A 58 0.79 -5.23 -8.61
N TYR A 59 1.81 -4.36 -8.69
CA TYR A 59 3.16 -4.70 -9.23
C TYR A 59 3.85 -5.76 -8.35
N ASN A 60 3.81 -5.56 -7.01
CA ASN A 60 4.50 -6.43 -6.03
C ASN A 60 3.82 -7.82 -5.90
N GLN A 61 2.51 -7.85 -6.15
CA GLN A 61 1.67 -9.09 -6.12
C GLN A 61 2.04 -10.02 -7.30
N ARG A 62 2.38 -9.43 -8.46
CA ARG A 62 2.83 -10.18 -9.66
C ARG A 62 4.40 -10.17 -9.79
N ASN A 63 5.09 -9.70 -8.74
CA ASN A 63 6.57 -9.62 -8.72
C ASN A 63 7.18 -10.94 -8.17
N SER A 64 8.29 -11.39 -8.79
CA SER A 64 9.04 -12.60 -8.36
C SER A 64 9.90 -12.31 -7.11
N LYS A 65 9.63 -13.03 -6.00
CA LYS A 65 10.39 -12.96 -4.72
C LYS A 65 10.16 -11.60 -3.99
N SER A 66 9.43 -11.65 -2.85
CA SER A 66 9.14 -10.45 -2.00
C SER A 66 8.76 -10.89 -0.56
N ASN A 67 8.72 -9.92 0.37
CA ASN A 67 8.38 -10.17 1.80
C ASN A 67 6.84 -10.30 1.99
N GLN A 68 6.29 -11.51 1.78
CA GLN A 68 4.84 -11.77 1.90
C GLN A 68 4.45 -12.14 3.34
N CYS A 69 3.26 -11.71 3.78
CA CYS A 69 2.78 -11.88 5.16
C CYS A 69 2.07 -13.25 5.36
N LEU A 70 2.87 -14.29 5.66
CA LEU A 70 2.34 -15.64 5.96
C LEU A 70 1.90 -15.75 7.44
N HIS A 71 0.58 -15.76 7.67
CA HIS A 71 -0.01 -16.13 8.97
C HIS A 71 0.03 -17.68 9.10
N LEU A 72 1.13 -18.21 9.66
CA LEU A 72 1.31 -19.66 9.87
C LEU A 72 0.82 -20.07 11.29
N ASN A 73 0.16 -21.24 11.38
CA ASN A 73 -0.29 -21.82 12.66
C ASN A 73 0.02 -23.34 12.64
N ASN A 74 1.14 -23.73 13.29
CA ASN A 74 1.65 -25.11 13.32
C ASN A 74 2.50 -25.38 14.60
N SER A 1 30.65 1.76 11.16
CA SER A 1 29.63 2.63 10.54
C SER A 1 28.24 2.38 11.16
N HIS A 2 27.64 3.42 11.77
CA HIS A 2 26.25 3.37 12.31
C HIS A 2 25.22 3.82 11.23
N MET A 3 25.66 4.76 10.35
CA MET A 3 24.84 5.36 9.26
C MET A 3 23.68 6.24 9.82
N PRO A 4 23.92 7.57 10.06
CA PRO A 4 22.90 8.50 10.59
C PRO A 4 21.97 9.10 9.50
N ASP A 5 21.04 10.00 9.92
CA ASP A 5 20.06 10.68 9.03
C ASP A 5 19.11 9.68 8.29
N SER A 6 18.94 8.48 8.86
CA SER A 6 18.13 7.40 8.26
C SER A 6 16.62 7.69 8.47
N PHE A 7 15.97 8.22 7.42
CA PHE A 7 14.52 8.54 7.43
C PHE A 7 13.68 7.38 6.82
N GLY A 8 14.12 6.87 5.66
CA GLY A 8 13.39 5.83 4.90
C GLY A 8 12.76 6.37 3.60
N ILE A 9 12.50 5.47 2.65
CA ILE A 9 12.03 5.82 1.28
C ILE A 9 10.54 6.22 1.30
N ARG A 10 10.25 7.52 1.02
CA ARG A 10 8.86 8.06 0.86
C ARG A 10 8.01 7.88 2.17
N ALA A 11 8.74 7.80 3.31
CA ALA A 11 8.18 7.46 4.65
C ALA A 11 7.62 6.02 4.68
N LYS A 12 8.41 5.08 5.24
CA LYS A 12 8.01 3.68 5.43
C LYS A 12 6.78 3.59 6.38
N LYS A 13 5.59 3.33 5.82
CA LYS A 13 4.30 3.38 6.56
C LYS A 13 4.19 2.26 7.62
N THR A 14 3.45 2.54 8.71
CA THR A 14 3.21 1.58 9.81
C THR A 14 2.40 0.36 9.34
N LYS A 15 2.51 -0.75 10.09
CA LYS A 15 1.80 -2.01 9.78
C LYS A 15 0.26 -1.85 9.91
N GLU A 16 -0.17 -0.86 10.71
CA GLU A 16 -1.60 -0.53 10.92
C GLU A 16 -2.20 0.17 9.68
N GLN A 17 -1.47 1.18 9.16
CA GLN A 17 -1.83 1.90 7.90
C GLN A 17 -1.86 0.93 6.70
N LEU A 18 -0.88 0.00 6.69
CA LEU A 18 -0.79 -1.05 5.67
C LEU A 18 -2.00 -2.03 5.76
N ALA A 19 -2.31 -2.49 6.99
CA ALA A 19 -3.35 -3.53 7.26
C ALA A 19 -4.74 -3.15 6.67
N GLU A 20 -5.17 -1.89 6.92
CA GLU A 20 -6.46 -1.37 6.41
C GLU A 20 -6.52 -1.35 4.87
N LEU A 21 -5.40 -0.91 4.25
CA LEU A 21 -5.25 -0.86 2.78
C LEU A 21 -5.26 -2.27 2.15
N LYS A 22 -4.63 -3.26 2.84
CA LYS A 22 -4.50 -4.64 2.34
C LYS A 22 -5.84 -5.41 2.38
N VAL A 23 -6.60 -5.28 3.48
CA VAL A 23 -7.95 -5.89 3.61
C VAL A 23 -8.90 -5.35 2.52
N SER A 24 -8.86 -4.02 2.31
CA SER A 24 -9.62 -3.36 1.23
C SER A 24 -9.16 -3.83 -0.17
N TYR A 25 -7.83 -4.03 -0.32
CA TYR A 25 -7.20 -4.51 -1.58
C TYR A 25 -7.68 -5.94 -1.96
N LEU A 26 -7.95 -6.78 -0.94
CA LEU A 26 -8.41 -8.18 -1.17
C LEU A 26 -9.87 -8.24 -1.70
N LYS A 27 -10.71 -7.27 -1.27
CA LYS A 27 -12.10 -7.11 -1.82
C LYS A 27 -12.07 -6.43 -3.21
N ASN A 28 -11.23 -5.39 -3.31
CA ASN A 28 -11.11 -4.52 -4.50
C ASN A 28 -9.63 -4.08 -4.69
N GLN A 29 -8.94 -4.73 -5.66
CA GLN A 29 -7.52 -4.41 -5.98
C GLN A 29 -7.40 -3.00 -6.61
N PHE A 30 -8.49 -2.62 -7.30
CA PHE A 30 -8.71 -1.27 -7.85
C PHE A 30 -9.87 -0.62 -7.04
N PRO A 31 -9.58 0.14 -5.95
CA PRO A 31 -10.62 0.71 -5.06
C PRO A 31 -11.34 1.94 -5.68
N HIS A 32 -12.65 2.06 -5.41
CA HIS A 32 -13.45 3.24 -5.82
C HIS A 32 -12.99 4.48 -5.01
N ASP A 33 -13.19 5.70 -5.57
CA ASP A 33 -12.74 6.96 -4.93
C ASP A 33 -13.30 7.10 -3.48
N SER A 34 -14.58 6.73 -3.30
CA SER A 34 -15.26 6.73 -1.97
C SER A 34 -14.60 5.74 -0.97
N GLU A 35 -14.18 4.57 -1.49
CA GLU A 35 -13.44 3.55 -0.69
C GLU A 35 -12.07 4.11 -0.23
N ILE A 36 -11.37 4.80 -1.14
CA ILE A 36 -10.07 5.46 -0.86
C ILE A 36 -10.24 6.56 0.23
N ILE A 37 -11.39 7.27 0.21
CA ILE A 37 -11.76 8.26 1.25
C ILE A 37 -11.91 7.57 2.62
N ARG A 38 -12.63 6.43 2.67
CA ARG A 38 -12.77 5.61 3.91
C ARG A 38 -11.40 5.23 4.49
N LEU A 39 -10.48 4.82 3.59
CA LEU A 39 -9.10 4.46 3.95
C LEU A 39 -8.34 5.67 4.56
N MET A 40 -8.62 6.91 4.08
CA MET A 40 -8.10 8.15 4.70
C MET A 40 -8.72 8.37 6.10
N LYS A 41 -10.04 8.08 6.22
CA LYS A 41 -10.80 8.28 7.49
C LYS A 41 -10.30 7.35 8.61
N ILE A 42 -9.77 6.16 8.23
CA ILE A 42 -9.24 5.19 9.20
C ILE A 42 -7.71 5.39 9.43
N THR A 43 -6.89 5.19 8.36
CA THR A 43 -5.39 5.20 8.46
C THR A 43 -4.83 6.59 8.83
N GLY A 44 -5.50 7.66 8.35
CA GLY A 44 -5.04 9.04 8.55
C GLY A 44 -4.18 9.58 7.40
N LEU A 45 -3.95 8.75 6.37
CA LEU A 45 -3.17 9.12 5.15
C LEU A 45 -3.99 10.04 4.21
N THR A 46 -3.33 10.49 3.13
CA THR A 46 -3.99 11.24 2.03
C THR A 46 -4.26 10.32 0.82
N LYS A 47 -5.20 10.75 -0.04
CA LYS A 47 -5.64 9.98 -1.23
C LYS A 47 -4.47 9.65 -2.19
N GLY A 48 -3.51 10.59 -2.29
CA GLY A 48 -2.29 10.39 -3.08
C GLY A 48 -1.43 9.22 -2.57
N GLU A 49 -1.07 9.25 -1.27
CA GLU A 49 -0.22 8.21 -0.61
C GLU A 49 -0.82 6.79 -0.76
N ILE A 50 -2.14 6.72 -0.62
CA ILE A 50 -2.91 5.46 -0.71
C ILE A 50 -2.86 4.86 -2.13
N LYS A 51 -3.10 5.68 -3.17
CA LYS A 51 -3.04 5.23 -4.59
C LYS A 51 -1.60 4.90 -5.03
N LYS A 52 -0.60 5.59 -4.45
CA LYS A 52 0.84 5.27 -4.63
C LYS A 52 1.18 3.88 -4.07
N TRP A 53 0.50 3.51 -2.96
CA TRP A 53 0.61 2.17 -2.38
C TRP A 53 -0.05 1.12 -3.31
N PHE A 54 -1.31 1.38 -3.73
CA PHE A 54 -2.09 0.48 -4.62
C PHE A 54 -1.39 0.27 -5.99
N SER A 55 -0.65 1.30 -6.46
CA SER A 55 0.16 1.22 -7.71
C SER A 55 1.25 0.14 -7.59
N ASP A 56 2.06 0.24 -6.52
CA ASP A 56 3.15 -0.72 -6.22
C ASP A 56 2.60 -2.14 -5.96
N THR A 57 1.54 -2.22 -5.14
CA THR A 57 0.92 -3.50 -4.70
C THR A 57 0.32 -4.28 -5.90
N ARG A 58 -0.25 -3.57 -6.89
CA ARG A 58 -0.67 -4.15 -8.18
C ARG A 58 0.53 -4.70 -8.98
N TYR A 59 1.64 -3.93 -8.99
CA TYR A 59 2.89 -4.30 -9.70
C TYR A 59 3.56 -5.56 -9.07
N ASN A 60 3.52 -5.68 -7.73
CA ASN A 60 4.13 -6.83 -7.00
C ASN A 60 3.38 -8.16 -7.22
N GLN A 61 2.19 -8.10 -7.87
CA GLN A 61 1.44 -9.32 -8.27
C GLN A 61 1.88 -9.78 -9.69
N ARG A 62 2.46 -8.85 -10.47
CA ARG A 62 2.88 -9.08 -11.88
C ARG A 62 4.40 -8.83 -12.09
N ASN A 63 5.18 -8.83 -10.97
CA ASN A 63 6.64 -8.59 -11.01
C ASN A 63 7.43 -9.75 -11.71
N SER A 64 7.54 -9.66 -13.03
CA SER A 64 8.23 -10.68 -13.86
C SER A 64 9.47 -10.06 -14.57
N LYS A 65 10.07 -9.04 -13.91
CA LYS A 65 11.29 -8.34 -14.39
C LYS A 65 12.45 -9.32 -14.71
N SER A 66 12.99 -9.23 -15.95
CA SER A 66 14.08 -10.12 -16.42
C SER A 66 15.34 -10.06 -15.52
N ASN A 67 15.85 -11.24 -15.12
CA ASN A 67 17.02 -11.36 -14.23
C ASN A 67 18.31 -10.91 -14.96
N GLN A 68 18.68 -9.64 -14.73
CA GLN A 68 19.92 -9.05 -15.31
C GLN A 68 21.19 -9.55 -14.56
N CYS A 69 22.35 -9.39 -15.21
CA CYS A 69 23.67 -9.70 -14.61
C CYS A 69 24.19 -8.52 -13.75
N LEU A 70 23.64 -7.31 -14.04
CA LEU A 70 23.99 -6.04 -13.38
C LEU A 70 25.49 -5.67 -13.58
N HIS A 71 25.76 -4.92 -14.67
CA HIS A 71 27.08 -4.41 -15.07
C HIS A 71 28.05 -5.55 -15.52
N LEU A 72 28.41 -5.53 -16.82
CA LEU A 72 29.37 -6.48 -17.42
C LEU A 72 30.79 -5.88 -17.31
N ASN A 73 31.68 -6.57 -16.55
CA ASN A 73 33.06 -6.11 -16.30
C ASN A 73 34.06 -7.27 -16.49
N ASN A 74 35.10 -7.02 -17.31
CA ASN A 74 36.20 -7.99 -17.58
C ASN A 74 37.43 -7.21 -18.15
N SER A 1 1.32 8.75 -19.92
CA SER A 1 2.70 9.12 -19.52
C SER A 1 3.72 8.07 -20.00
N HIS A 2 4.76 8.51 -20.74
CA HIS A 2 5.87 7.63 -21.18
C HIS A 2 7.01 7.60 -20.14
N MET A 3 7.14 8.66 -19.32
CA MET A 3 8.18 8.78 -18.28
C MET A 3 7.59 8.47 -16.87
N PRO A 4 7.89 7.26 -16.27
CA PRO A 4 7.55 6.95 -14.86
C PRO A 4 8.74 7.23 -13.90
N ASP A 5 8.81 8.47 -13.38
CA ASP A 5 9.92 8.93 -12.50
C ASP A 5 9.83 8.32 -11.07
N SER A 6 8.93 8.90 -10.23
CA SER A 6 8.70 8.49 -8.82
C SER A 6 10.02 8.45 -7.99
N PHE A 7 10.57 9.63 -7.67
CA PHE A 7 11.83 9.75 -6.86
C PHE A 7 11.54 10.00 -5.37
N GLY A 8 10.30 10.40 -5.03
CA GLY A 8 9.89 10.66 -3.64
C GLY A 8 9.29 9.43 -2.95
N ILE A 9 10.11 8.37 -2.76
CA ILE A 9 9.67 7.15 -2.02
C ILE A 9 9.76 7.41 -0.49
N ARG A 10 8.64 7.89 0.08
CA ARG A 10 8.46 8.09 1.54
C ARG A 10 7.26 7.24 2.03
N ALA A 11 7.02 6.11 1.33
CA ALA A 11 5.86 5.22 1.56
C ALA A 11 6.05 4.25 2.75
N LYS A 12 6.89 4.64 3.73
CA LYS A 12 7.05 3.90 5.00
C LYS A 12 5.81 4.16 5.90
N LYS A 13 4.78 3.31 5.74
CA LYS A 13 3.48 3.44 6.44
C LYS A 13 3.39 2.42 7.60
N THR A 14 2.71 2.79 8.69
CA THR A 14 2.63 1.96 9.92
C THR A 14 1.83 0.65 9.71
N LYS A 15 1.87 -0.24 10.72
CA LYS A 15 1.30 -1.61 10.62
C LYS A 15 -0.24 -1.57 10.44
N GLU A 16 -0.87 -0.54 11.04
CA GLU A 16 -2.31 -0.31 10.98
C GLU A 16 -2.72 0.09 9.55
N GLN A 17 -1.98 1.10 9.02
CA GLN A 17 -2.19 1.68 7.68
C GLN A 17 -2.03 0.63 6.56
N LEU A 18 -0.88 -0.05 6.56
CA LEU A 18 -0.52 -1.08 5.55
C LEU A 18 -1.58 -2.24 5.55
N ALA A 19 -2.07 -2.60 6.76
CA ALA A 19 -3.11 -3.64 6.92
C ALA A 19 -4.45 -3.24 6.27
N GLU A 20 -4.94 -2.01 6.57
CA GLU A 20 -6.21 -1.46 6.01
C GLU A 20 -6.21 -1.45 4.47
N LEU A 21 -5.06 -1.09 3.90
CA LEU A 21 -4.86 -1.03 2.45
C LEU A 21 -4.88 -2.45 1.81
N LYS A 22 -4.25 -3.42 2.50
CA LYS A 22 -4.26 -4.84 2.05
C LYS A 22 -5.68 -5.45 2.10
N VAL A 23 -6.43 -5.16 3.17
CA VAL A 23 -7.84 -5.62 3.35
C VAL A 23 -8.73 -5.11 2.19
N SER A 24 -8.56 -3.81 1.83
CA SER A 24 -9.27 -3.18 0.69
C SER A 24 -8.84 -3.80 -0.67
N TYR A 25 -7.53 -4.16 -0.78
CA TYR A 25 -6.95 -4.80 -1.99
C TYR A 25 -7.50 -6.24 -2.21
N LEU A 26 -7.74 -6.96 -1.09
CA LEU A 26 -8.30 -8.34 -1.11
C LEU A 26 -9.81 -8.34 -1.45
N LYS A 27 -10.51 -7.22 -1.15
CA LYS A 27 -11.90 -6.98 -1.63
C LYS A 27 -11.89 -6.70 -3.15
N ASN A 28 -11.10 -5.71 -3.54
CA ASN A 28 -10.95 -5.25 -4.92
C ASN A 28 -9.53 -4.64 -5.13
N GLN A 29 -8.77 -5.20 -6.09
CA GLN A 29 -7.38 -4.75 -6.38
C GLN A 29 -7.34 -3.38 -7.08
N PHE A 30 -8.53 -2.86 -7.45
CA PHE A 30 -8.72 -1.53 -8.07
C PHE A 30 -9.69 -0.69 -7.18
N PRO A 31 -9.15 0.13 -6.22
CA PRO A 31 -10.00 0.87 -5.24
C PRO A 31 -10.68 2.12 -5.84
N HIS A 32 -11.91 2.38 -5.39
CA HIS A 32 -12.67 3.61 -5.72
C HIS A 32 -12.15 4.80 -4.87
N ASP A 33 -12.18 6.02 -5.43
CA ASP A 33 -11.70 7.24 -4.73
C ASP A 33 -12.54 7.55 -3.47
N SER A 34 -13.86 7.27 -3.54
CA SER A 34 -14.78 7.39 -2.38
C SER A 34 -14.49 6.32 -1.30
N GLU A 35 -14.09 5.11 -1.75
CA GLU A 35 -13.64 4.02 -0.83
C GLU A 35 -12.34 4.43 -0.08
N ILE A 36 -11.47 5.16 -0.80
CA ILE A 36 -10.22 5.73 -0.24
C ILE A 36 -10.52 6.83 0.82
N ILE A 37 -11.59 7.64 0.61
CA ILE A 37 -12.06 8.65 1.61
C ILE A 37 -12.33 7.98 2.98
N ARG A 38 -12.98 6.81 2.94
CA ARG A 38 -13.24 5.96 4.12
C ARG A 38 -11.92 5.45 4.77
N LEU A 39 -10.98 4.99 3.92
CA LEU A 39 -9.66 4.47 4.36
C LEU A 39 -8.80 5.54 5.08
N MET A 40 -8.84 6.80 4.58
CA MET A 40 -8.02 7.93 5.13
C MET A 40 -8.35 8.23 6.62
N LYS A 41 -9.61 7.97 7.02
CA LYS A 41 -10.10 8.22 8.39
C LYS A 41 -9.44 7.27 9.43
N ILE A 42 -9.24 6.01 9.02
CA ILE A 42 -8.67 4.95 9.90
C ILE A 42 -7.12 4.91 9.83
N THR A 43 -6.58 5.17 8.62
CA THR A 43 -5.11 5.14 8.38
C THR A 43 -4.42 6.45 8.84
N GLY A 44 -4.96 7.59 8.37
CA GLY A 44 -4.32 8.90 8.55
C GLY A 44 -3.40 9.27 7.37
N LEU A 45 -3.68 8.67 6.20
CA LEU A 45 -2.96 8.95 4.93
C LEU A 45 -3.78 9.93 4.07
N THR A 46 -3.13 10.54 3.06
CA THR A 46 -3.85 11.30 2.01
C THR A 46 -4.32 10.35 0.90
N LYS A 47 -5.33 10.78 0.12
CA LYS A 47 -5.88 10.00 -1.00
C LYS A 47 -4.77 9.71 -2.05
N GLY A 48 -3.90 10.70 -2.29
CA GLY A 48 -2.73 10.55 -3.16
C GLY A 48 -1.78 9.41 -2.74
N GLU A 49 -1.39 9.38 -1.44
CA GLU A 49 -0.51 8.33 -0.84
C GLU A 49 -1.09 6.91 -1.01
N ILE A 50 -2.40 6.78 -0.78
CA ILE A 50 -3.12 5.50 -0.90
C ILE A 50 -3.12 4.99 -2.36
N LYS A 51 -3.41 5.90 -3.32
CA LYS A 51 -3.39 5.55 -4.77
C LYS A 51 -1.99 5.09 -5.24
N LYS A 52 -0.92 5.68 -4.65
CA LYS A 52 0.48 5.25 -4.90
C LYS A 52 0.69 3.78 -4.47
N TRP A 53 0.30 3.47 -3.21
CA TRP A 53 0.49 2.14 -2.60
C TRP A 53 -0.16 1.02 -3.45
N PHE A 54 -1.43 1.24 -3.85
CA PHE A 54 -2.20 0.27 -4.67
C PHE A 54 -1.57 0.05 -6.07
N SER A 55 -1.00 1.13 -6.66
CA SER A 55 -0.28 1.03 -7.96
C SER A 55 0.96 0.10 -7.84
N ASP A 56 1.76 0.30 -6.77
CA ASP A 56 2.95 -0.54 -6.49
C ASP A 56 2.56 -2.00 -6.12
N THR A 57 1.43 -2.19 -5.41
CA THR A 57 0.95 -3.53 -4.99
C THR A 57 0.42 -4.35 -6.19
N ARG A 58 -0.22 -3.64 -7.16
CA ARG A 58 -0.62 -4.22 -8.46
C ARG A 58 0.61 -4.80 -9.22
N TYR A 59 1.79 -4.17 -9.02
CA TYR A 59 3.08 -4.71 -9.50
C TYR A 59 3.61 -5.86 -8.61
N ASN A 60 3.49 -5.74 -7.28
CA ASN A 60 4.05 -6.72 -6.30
C ASN A 60 3.45 -8.13 -6.44
N GLN A 61 2.15 -8.19 -6.80
CA GLN A 61 1.41 -9.47 -7.01
C GLN A 61 1.75 -10.14 -8.38
N ARG A 62 2.64 -9.50 -9.15
CA ARG A 62 3.12 -10.01 -10.46
C ARG A 62 4.59 -9.56 -10.69
N ASN A 63 5.34 -9.36 -9.58
CA ASN A 63 6.70 -8.75 -9.57
C ASN A 63 7.70 -9.54 -10.45
N SER A 64 8.04 -8.95 -11.62
CA SER A 64 8.99 -9.53 -12.61
C SER A 64 8.51 -10.89 -13.19
N LYS A 65 7.21 -11.19 -13.01
CA LYS A 65 6.59 -12.48 -13.40
C LYS A 65 5.87 -12.35 -14.77
N SER A 66 5.95 -13.41 -15.60
CA SER A 66 5.41 -13.39 -16.98
C SER A 66 3.91 -13.76 -17.01
N ASN A 67 3.59 -14.97 -16.49
CA ASN A 67 2.24 -15.62 -16.59
C ASN A 67 1.84 -15.92 -18.06
N GLN A 68 0.62 -16.47 -18.26
CA GLN A 68 0.07 -16.70 -19.61
C GLN A 68 -0.33 -15.36 -20.28
N CYS A 69 -1.06 -14.52 -19.51
CA CYS A 69 -1.66 -13.26 -19.98
C CYS A 69 -2.67 -13.49 -21.13
N LEU A 70 -3.97 -13.63 -20.77
CA LEU A 70 -5.08 -13.76 -21.74
C LEU A 70 -5.16 -12.44 -22.57
N HIS A 71 -5.15 -11.30 -21.85
CA HIS A 71 -5.06 -9.95 -22.46
C HIS A 71 -3.58 -9.55 -22.64
N LEU A 72 -3.01 -9.87 -23.83
CA LEU A 72 -1.63 -9.48 -24.19
C LEU A 72 -1.54 -7.96 -24.42
N ASN A 73 -1.00 -7.22 -23.44
CA ASN A 73 -0.86 -5.75 -23.54
C ASN A 73 0.41 -5.39 -24.35
N ASN A 74 0.34 -5.58 -25.68
CA ASN A 74 1.44 -5.30 -26.64
C ASN A 74 0.93 -5.37 -28.12
N SER A 1 31.93 13.93 18.61
CA SER A 1 30.79 12.97 18.68
C SER A 1 29.44 13.69 18.55
N HIS A 2 28.56 13.16 17.67
CA HIS A 2 27.17 13.64 17.48
C HIS A 2 26.17 12.49 17.68
N MET A 3 26.60 11.24 17.37
CA MET A 3 25.76 10.01 17.43
C MET A 3 24.61 10.03 16.35
N PRO A 4 23.97 8.85 16.01
CA PRO A 4 22.84 8.79 15.02
C PRO A 4 21.48 9.36 15.55
N ASP A 5 21.52 10.46 16.32
CA ASP A 5 20.31 11.19 16.78
C ASP A 5 19.72 12.08 15.65
N SER A 6 19.09 11.41 14.67
CA SER A 6 18.33 12.06 13.55
C SER A 6 17.71 11.00 12.62
N PHE A 7 16.36 10.90 12.60
CA PHE A 7 15.62 10.01 11.67
C PHE A 7 14.35 10.73 11.14
N GLY A 8 14.17 10.73 9.82
CA GLY A 8 13.02 11.39 9.17
C GLY A 8 11.72 10.60 9.28
N ILE A 9 11.12 10.58 10.48
CA ILE A 9 9.84 9.89 10.74
C ILE A 9 8.66 10.76 10.23
N ARG A 10 8.43 10.71 8.91
CA ARG A 10 7.39 11.51 8.22
C ARG A 10 6.60 10.62 7.21
N ALA A 11 7.27 10.22 6.12
CA ALA A 11 6.64 9.51 4.98
C ALA A 11 6.57 7.96 5.19
N LYS A 12 6.79 7.50 6.44
CA LYS A 12 6.77 6.06 6.78
C LYS A 12 5.31 5.54 6.93
N LYS A 13 4.79 4.90 5.85
CA LYS A 13 3.49 4.24 5.85
C LYS A 13 3.58 2.94 6.70
N THR A 14 2.96 2.97 7.89
CA THR A 14 3.13 1.90 8.93
C THR A 14 2.35 0.62 8.58
N LYS A 15 2.78 -0.50 9.18
CA LYS A 15 2.14 -1.84 9.04
C LYS A 15 0.62 -1.82 9.38
N GLU A 16 0.26 -0.95 10.33
CA GLU A 16 -1.15 -0.73 10.76
C GLU A 16 -1.98 -0.10 9.62
N GLN A 17 -1.37 0.88 8.92
CA GLN A 17 -1.99 1.56 7.75
C GLN A 17 -2.09 0.58 6.55
N LEU A 18 -1.02 -0.21 6.34
CA LEU A 18 -0.95 -1.22 5.26
C LEU A 18 -2.10 -2.25 5.35
N ALA A 19 -2.45 -2.66 6.59
CA ALA A 19 -3.46 -3.70 6.89
C ALA A 19 -4.84 -3.43 6.25
N GLU A 20 -5.37 -2.22 6.46
CA GLU A 20 -6.71 -1.81 5.97
C GLU A 20 -6.73 -1.71 4.43
N LEU A 21 -5.60 -1.29 3.87
CA LEU A 21 -5.38 -1.19 2.42
C LEU A 21 -5.29 -2.59 1.76
N LYS A 22 -4.68 -3.56 2.49
CA LYS A 22 -4.56 -4.98 2.04
C LYS A 22 -5.94 -5.63 1.88
N VAL A 23 -6.77 -5.50 2.93
CA VAL A 23 -8.12 -6.09 2.97
C VAL A 23 -9.04 -5.45 1.87
N SER A 24 -8.79 -4.16 1.55
CA SER A 24 -9.46 -3.46 0.42
C SER A 24 -8.98 -4.03 -0.95
N TYR A 25 -7.64 -4.22 -1.08
CA TYR A 25 -6.98 -4.75 -2.31
C TYR A 25 -7.43 -6.20 -2.62
N LEU A 26 -7.68 -7.00 -1.57
CA LEU A 26 -8.13 -8.41 -1.66
C LEU A 26 -9.52 -8.56 -2.36
N LYS A 27 -10.29 -7.46 -2.42
CA LYS A 27 -11.49 -7.36 -3.27
C LYS A 27 -11.12 -6.70 -4.62
N ASN A 28 -10.51 -5.50 -4.55
CA ASN A 28 -10.14 -4.71 -5.75
C ASN A 28 -8.96 -3.72 -5.50
N GLN A 29 -8.11 -3.55 -6.51
CA GLN A 29 -7.12 -2.45 -6.58
C GLN A 29 -7.83 -1.09 -6.84
N PHE A 30 -8.97 -1.17 -7.54
CA PHE A 30 -9.80 0.00 -7.93
C PHE A 30 -11.10 0.02 -7.08
N PRO A 31 -11.10 0.67 -5.87
CA PRO A 31 -12.30 0.75 -5.00
C PRO A 31 -13.15 2.03 -5.26
N HIS A 32 -14.11 2.31 -4.36
CA HIS A 32 -15.02 3.47 -4.50
C HIS A 32 -14.41 4.75 -3.88
N ASP A 33 -14.72 5.91 -4.47
CA ASP A 33 -14.10 7.21 -4.11
C ASP A 33 -14.32 7.59 -2.61
N SER A 34 -15.59 7.56 -2.18
CA SER A 34 -15.99 7.85 -0.75
C SER A 34 -15.39 6.81 0.23
N GLU A 35 -15.24 5.57 -0.23
CA GLU A 35 -14.63 4.46 0.52
C GLU A 35 -13.11 4.73 0.79
N ILE A 36 -12.41 5.31 -0.22
CA ILE A 36 -10.98 5.73 -0.08
C ILE A 36 -10.85 6.92 0.89
N ILE A 37 -11.84 7.84 0.85
CA ILE A 37 -11.93 8.96 1.81
C ILE A 37 -12.00 8.45 3.27
N ARG A 38 -12.77 7.37 3.49
CA ARG A 38 -12.86 6.69 4.80
C ARG A 38 -11.53 5.97 5.14
N LEU A 39 -10.87 5.37 4.13
CA LEU A 39 -9.52 4.76 4.30
C LEU A 39 -8.48 5.83 4.76
N MET A 40 -8.62 7.10 4.28
CA MET A 40 -7.76 8.23 4.75
C MET A 40 -8.00 8.51 6.26
N LYS A 41 -9.27 8.39 6.68
CA LYS A 41 -9.69 8.62 8.09
C LYS A 41 -9.17 7.51 9.04
N ILE A 42 -9.10 6.27 8.53
CA ILE A 42 -8.64 5.09 9.32
C ILE A 42 -7.09 5.05 9.41
N THR A 43 -6.41 5.25 8.26
CA THR A 43 -4.94 5.13 8.15
C THR A 43 -4.21 6.42 8.60
N GLY A 44 -4.68 7.58 8.11
CA GLY A 44 -4.00 8.88 8.30
C GLY A 44 -3.23 9.33 7.05
N LEU A 45 -3.42 8.60 5.94
CA LEU A 45 -2.78 8.90 4.63
C LEU A 45 -3.66 9.86 3.79
N THR A 46 -3.15 10.30 2.62
CA THR A 46 -3.92 11.14 1.68
C THR A 46 -4.58 10.27 0.58
N LYS A 47 -5.47 10.90 -0.22
CA LYS A 47 -6.20 10.25 -1.33
C LYS A 47 -5.22 9.61 -2.35
N GLY A 48 -4.13 10.35 -2.63
CA GLY A 48 -3.08 9.92 -3.55
C GLY A 48 -2.16 8.82 -2.98
N GLU A 49 -1.84 8.88 -1.66
CA GLU A 49 -0.92 7.88 -1.00
C GLU A 49 -1.48 6.45 -1.03
N ILE A 50 -2.81 6.35 -0.89
CA ILE A 50 -3.55 5.08 -0.93
C ILE A 50 -3.50 4.45 -2.35
N LYS A 51 -3.66 5.30 -3.39
CA LYS A 51 -3.54 4.87 -4.80
C LYS A 51 -2.09 4.53 -5.19
N LYS A 52 -1.11 5.26 -4.61
CA LYS A 52 0.33 4.94 -4.75
C LYS A 52 0.62 3.54 -4.18
N TRP A 53 -0.03 3.22 -3.03
CA TRP A 53 0.08 1.91 -2.38
C TRP A 53 -0.48 0.80 -3.31
N PHE A 54 -1.70 1.01 -3.87
CA PHE A 54 -2.38 0.02 -4.74
C PHE A 54 -1.50 -0.39 -5.95
N SER A 55 -0.96 0.62 -6.66
CA SER A 55 -0.10 0.41 -7.85
C SER A 55 1.23 -0.30 -7.48
N ASP A 56 1.83 0.12 -6.35
CA ASP A 56 3.13 -0.40 -5.85
C ASP A 56 3.00 -1.87 -5.36
N THR A 57 1.86 -2.17 -4.71
CA THR A 57 1.55 -3.52 -4.19
C THR A 57 1.32 -4.52 -5.32
N ARG A 58 0.76 -4.04 -6.46
CA ARG A 58 0.57 -4.88 -7.66
C ARG A 58 1.92 -5.40 -8.20
N TYR A 59 2.98 -4.55 -8.05
CA TYR A 59 4.38 -4.97 -8.32
C TYR A 59 4.82 -6.07 -7.34
N ASN A 60 4.51 -5.88 -6.04
CA ASN A 60 4.87 -6.85 -4.97
C ASN A 60 4.17 -8.23 -5.16
N GLN A 61 2.98 -8.22 -5.79
CA GLN A 61 2.22 -9.46 -6.10
C GLN A 61 2.80 -10.20 -7.34
N ARG A 62 3.45 -9.45 -8.25
CA ARG A 62 4.14 -10.03 -9.45
C ARG A 62 5.68 -10.05 -9.29
N ASN A 63 6.16 -9.66 -8.09
CA ASN A 63 7.61 -9.60 -7.76
C ASN A 63 8.26 -11.00 -7.77
N SER A 64 9.54 -11.06 -8.18
CA SER A 64 10.31 -12.33 -8.23
C SER A 64 10.94 -12.65 -6.85
N LYS A 65 10.38 -13.65 -6.15
CA LYS A 65 10.86 -14.06 -4.80
C LYS A 65 12.14 -14.93 -4.90
N SER A 66 13.31 -14.27 -4.77
CA SER A 66 14.62 -14.95 -4.65
C SER A 66 14.79 -15.50 -3.22
N ASN A 67 15.12 -16.80 -3.08
CA ASN A 67 15.24 -17.52 -1.78
C ASN A 67 13.85 -17.69 -1.08
N GLN A 68 13.83 -18.49 0.01
CA GLN A 68 12.57 -18.81 0.75
C GLN A 68 11.95 -17.56 1.42
N CYS A 69 12.79 -16.76 2.12
CA CYS A 69 12.43 -15.44 2.70
C CYS A 69 11.34 -15.50 3.82
N LEU A 70 11.04 -16.70 4.34
CA LEU A 70 10.05 -16.88 5.43
C LEU A 70 10.68 -16.47 6.78
N HIS A 71 11.87 -17.02 7.08
CA HIS A 71 12.64 -16.82 8.34
C HIS A 71 11.93 -17.49 9.56
N LEU A 72 12.63 -18.43 10.20
CA LEU A 72 12.14 -19.16 11.40
C LEU A 72 11.96 -18.23 12.64
N ASN A 73 11.08 -18.65 13.57
CA ASN A 73 10.81 -17.93 14.84
C ASN A 73 10.91 -18.91 16.03
N ASN A 74 12.00 -18.83 16.81
CA ASN A 74 12.24 -19.72 17.98
C ASN A 74 11.33 -19.35 19.19
N SER A 1 17.79 3.19 -8.48
CA SER A 1 17.57 2.57 -9.82
C SER A 1 18.89 2.47 -10.63
N HIS A 2 19.63 3.60 -10.71
CA HIS A 2 20.93 3.69 -11.42
C HIS A 2 21.99 2.80 -10.73
N MET A 3 22.03 2.86 -9.39
CA MET A 3 22.78 1.92 -8.53
C MET A 3 21.79 0.94 -7.83
N PRO A 4 22.22 -0.33 -7.49
CA PRO A 4 21.45 -1.23 -6.59
C PRO A 4 21.37 -0.69 -5.13
N ASP A 5 20.42 -1.26 -4.35
CA ASP A 5 20.20 -0.90 -2.92
C ASP A 5 19.80 0.58 -2.72
N SER A 6 18.92 1.08 -3.61
CA SER A 6 18.34 2.44 -3.52
C SER A 6 17.39 2.56 -2.30
N PHE A 7 17.33 3.77 -1.71
CA PHE A 7 16.55 4.03 -0.46
C PHE A 7 15.03 3.80 -0.68
N GLY A 8 14.56 2.60 -0.30
CA GLY A 8 13.14 2.23 -0.38
C GLY A 8 12.36 2.55 0.90
N ILE A 9 11.57 1.56 1.39
CA ILE A 9 10.71 1.73 2.59
C ILE A 9 11.54 1.50 3.89
N ARG A 10 11.96 2.61 4.53
CA ARG A 10 12.58 2.58 5.86
C ARG A 10 11.49 2.50 6.96
N ALA A 11 10.51 3.40 6.84
CA ALA A 11 9.32 3.46 7.73
C ALA A 11 8.11 4.10 6.98
N LYS A 12 8.12 3.96 5.63
CA LYS A 12 7.13 4.57 4.73
C LYS A 12 5.80 3.78 4.73
N LYS A 13 4.77 4.37 5.40
CA LYS A 13 3.45 3.73 5.69
C LYS A 13 3.60 2.54 6.69
N THR A 14 2.99 2.72 7.89
CA THR A 14 3.06 1.74 8.99
C THR A 14 2.25 0.46 8.68
N LYS A 15 2.53 -0.65 9.40
CA LYS A 15 1.76 -1.92 9.26
C LYS A 15 0.28 -1.76 9.68
N GLU A 16 -0.03 -0.73 10.51
CA GLU A 16 -1.41 -0.34 10.88
C GLU A 16 -2.21 0.10 9.63
N GLN A 17 -1.58 1.00 8.86
CA GLN A 17 -2.14 1.57 7.63
C GLN A 17 -2.17 0.51 6.50
N LEU A 18 -1.03 -0.19 6.35
CA LEU A 18 -0.81 -1.27 5.35
C LEU A 18 -1.88 -2.39 5.51
N ALA A 19 -2.26 -2.69 6.77
CA ALA A 19 -3.31 -3.68 7.10
C ALA A 19 -4.68 -3.29 6.47
N GLU A 20 -5.09 -2.03 6.68
CA GLU A 20 -6.37 -1.49 6.12
C GLU A 20 -6.36 -1.50 4.58
N LEU A 21 -5.20 -1.15 4.01
CA LEU A 21 -4.98 -1.11 2.56
C LEU A 21 -5.03 -2.54 1.94
N LYS A 22 -4.50 -3.54 2.68
CA LYS A 22 -4.56 -4.98 2.28
C LYS A 22 -6.00 -5.53 2.31
N VAL A 23 -6.74 -5.19 3.38
CA VAL A 23 -8.17 -5.56 3.52
C VAL A 23 -9.01 -5.00 2.34
N SER A 24 -8.71 -3.75 1.93
CA SER A 24 -9.37 -3.10 0.76
C SER A 24 -8.90 -3.69 -0.59
N TYR A 25 -7.61 -4.14 -0.64
CA TYR A 25 -6.98 -4.70 -1.87
C TYR A 25 -7.57 -6.09 -2.23
N LEU A 26 -7.81 -6.92 -1.20
CA LEU A 26 -8.40 -8.27 -1.34
C LEU A 26 -9.90 -8.19 -1.77
N LYS A 27 -10.54 -7.05 -1.47
CA LYS A 27 -11.91 -6.74 -1.97
C LYS A 27 -11.86 -6.24 -3.43
N ASN A 28 -10.96 -5.25 -3.67
CA ASN A 28 -10.87 -4.51 -4.94
C ASN A 28 -9.47 -3.85 -5.07
N GLN A 29 -8.71 -4.25 -6.11
CA GLN A 29 -7.32 -3.79 -6.35
C GLN A 29 -7.26 -2.30 -6.77
N PHE A 30 -8.34 -1.85 -7.46
CA PHE A 30 -8.51 -0.45 -7.91
C PHE A 30 -9.73 0.18 -7.19
N PRO A 31 -9.58 0.68 -5.92
CA PRO A 31 -10.72 1.21 -5.13
C PRO A 31 -11.23 2.56 -5.65
N HIS A 32 -12.58 2.73 -5.63
CA HIS A 32 -13.23 4.01 -5.94
C HIS A 32 -12.89 5.06 -4.87
N ASP A 33 -12.95 6.35 -5.26
CA ASP A 33 -12.62 7.48 -4.37
C ASP A 33 -13.44 7.48 -3.05
N SER A 34 -14.71 7.02 -3.13
CA SER A 34 -15.59 6.85 -1.94
C SER A 34 -14.96 5.93 -0.86
N GLU A 35 -14.41 4.77 -1.31
CA GLU A 35 -13.69 3.81 -0.43
C GLU A 35 -12.37 4.42 0.12
N ILE A 36 -11.69 5.21 -0.73
CA ILE A 36 -10.42 5.86 -0.37
C ILE A 36 -10.58 6.97 0.71
N ILE A 37 -11.73 7.71 0.67
CA ILE A 37 -12.06 8.72 1.74
C ILE A 37 -12.22 7.99 3.11
N ARG A 38 -12.93 6.84 3.06
CA ARG A 38 -13.14 5.93 4.21
C ARG A 38 -11.79 5.38 4.76
N LEU A 39 -10.86 5.05 3.85
CA LEU A 39 -9.49 4.58 4.19
C LEU A 39 -8.66 5.73 4.82
N MET A 40 -8.81 6.98 4.35
CA MET A 40 -8.09 8.17 4.91
C MET A 40 -8.49 8.42 6.39
N LYS A 41 -9.76 8.10 6.71
CA LYS A 41 -10.30 8.23 8.10
C LYS A 41 -9.58 7.29 9.10
N ILE A 42 -9.19 6.09 8.63
CA ILE A 42 -8.63 5.02 9.49
C ILE A 42 -7.06 5.03 9.45
N THR A 43 -6.50 5.04 8.24
CA THR A 43 -5.03 5.04 8.02
C THR A 43 -4.39 6.40 8.40
N GLY A 44 -5.08 7.51 8.09
CA GLY A 44 -4.53 8.86 8.29
C GLY A 44 -3.72 9.36 7.07
N LEU A 45 -3.57 8.48 6.06
CA LEU A 45 -2.89 8.80 4.79
C LEU A 45 -3.78 9.68 3.89
N THR A 46 -3.19 10.25 2.83
CA THR A 46 -3.94 11.02 1.81
C THR A 46 -4.41 10.09 0.68
N LYS A 47 -5.33 10.59 -0.17
CA LYS A 47 -5.81 9.88 -1.38
C LYS A 47 -4.62 9.49 -2.32
N GLY A 48 -3.62 10.39 -2.38
CA GLY A 48 -2.40 10.17 -3.16
C GLY A 48 -1.52 9.02 -2.64
N GLU A 49 -1.33 8.97 -1.30
CA GLU A 49 -0.53 7.90 -0.63
C GLU A 49 -1.19 6.52 -0.80
N ILE A 50 -2.54 6.50 -0.76
CA ILE A 50 -3.36 5.29 -0.87
C ILE A 50 -3.34 4.71 -2.30
N LYS A 51 -3.70 5.52 -3.33
CA LYS A 51 -3.63 5.07 -4.75
C LYS A 51 -2.20 4.64 -5.16
N LYS A 52 -1.19 5.33 -4.60
CA LYS A 52 0.23 4.98 -4.80
C LYS A 52 0.53 3.56 -4.26
N TRP A 53 0.04 3.26 -3.03
CA TRP A 53 0.23 1.93 -2.41
C TRP A 53 -0.38 0.80 -3.28
N PHE A 54 -1.65 0.99 -3.72
CA PHE A 54 -2.40 -0.03 -4.51
C PHE A 54 -1.71 -0.33 -5.86
N SER A 55 -1.17 0.71 -6.52
CA SER A 55 -0.40 0.54 -7.79
C SER A 55 0.97 -0.14 -7.54
N ASP A 56 1.65 0.21 -6.41
CA ASP A 56 2.90 -0.45 -5.98
C ASP A 56 2.67 -1.92 -5.56
N THR A 57 1.45 -2.24 -5.08
CA THR A 57 1.06 -3.63 -4.71
C THR A 57 0.57 -4.42 -5.95
N ARG A 58 0.03 -3.70 -6.97
CA ARG A 58 -0.22 -4.27 -8.32
C ARG A 58 1.12 -4.74 -8.95
N TYR A 59 2.18 -3.96 -8.67
CA TYR A 59 3.57 -4.32 -9.00
C TYR A 59 4.08 -5.48 -8.11
N ASN A 60 3.87 -5.36 -6.79
CA ASN A 60 4.45 -6.30 -5.76
C ASN A 60 4.01 -7.77 -6.00
N GLN A 61 2.70 -7.96 -6.25
CA GLN A 61 2.10 -9.30 -6.46
C GLN A 61 2.63 -9.99 -7.75
N ARG A 62 2.74 -9.22 -8.86
CA ARG A 62 3.27 -9.74 -10.13
C ARG A 62 4.81 -9.90 -10.09
N ASN A 63 5.47 -9.07 -9.24
CA ASN A 63 6.93 -9.11 -9.03
C ASN A 63 7.28 -10.23 -8.02
N SER A 64 7.40 -11.46 -8.56
CA SER A 64 7.74 -12.66 -7.78
C SER A 64 8.74 -13.51 -8.57
N LYS A 65 9.99 -13.61 -8.07
CA LYS A 65 11.06 -14.38 -8.72
C LYS A 65 10.70 -15.89 -8.73
N SER A 66 10.63 -16.48 -9.93
CA SER A 66 10.18 -17.88 -10.13
C SER A 66 11.27 -18.91 -9.77
N ASN A 67 11.44 -19.15 -8.46
CA ASN A 67 12.29 -20.24 -7.93
C ASN A 67 11.43 -21.52 -7.74
N GLN A 68 12.09 -22.69 -7.75
CA GLN A 68 11.42 -24.00 -7.63
C GLN A 68 10.90 -24.23 -6.18
N CYS A 69 9.72 -23.67 -5.89
CA CYS A 69 9.08 -23.73 -4.54
C CYS A 69 8.15 -24.99 -4.43
N LEU A 70 6.85 -24.82 -4.75
CA LEU A 70 5.86 -25.94 -4.80
C LEU A 70 5.15 -25.98 -6.17
N HIS A 71 4.51 -27.13 -6.45
CA HIS A 71 3.61 -27.32 -7.61
C HIS A 71 2.13 -27.11 -7.19
N LEU A 72 1.89 -27.07 -5.86
CA LEU A 72 0.54 -26.92 -5.27
C LEU A 72 0.06 -25.46 -5.32
N ASN A 73 -1.22 -25.26 -5.66
CA ASN A 73 -1.90 -23.94 -5.63
C ASN A 73 -3.40 -24.12 -5.32
N ASN A 74 -3.99 -23.16 -4.58
CA ASN A 74 -5.39 -23.24 -4.09
C ASN A 74 -6.41 -22.98 -5.24
N SER A 1 29.23 6.05 -1.72
CA SER A 1 28.47 6.89 -2.67
C SER A 1 26.98 6.47 -2.72
N HIS A 2 26.15 7.11 -1.87
CA HIS A 2 24.68 6.94 -1.90
C HIS A 2 24.08 7.64 -3.14
N MET A 3 23.59 6.86 -4.12
CA MET A 3 22.96 7.39 -5.35
C MET A 3 21.41 7.39 -5.22
N PRO A 4 20.73 8.59 -5.18
CA PRO A 4 19.26 8.69 -5.04
C PRO A 4 18.52 8.69 -6.42
N ASP A 5 18.97 7.82 -7.34
CA ASP A 5 18.46 7.76 -8.73
C ASP A 5 17.00 7.23 -8.80
N SER A 6 16.77 6.06 -8.18
CA SER A 6 15.42 5.44 -8.05
C SER A 6 15.16 4.97 -6.61
N PHE A 7 16.03 5.39 -5.67
CA PHE A 7 16.08 4.85 -4.29
C PHE A 7 15.53 5.86 -3.24
N GLY A 8 15.09 7.05 -3.71
CA GLY A 8 14.48 8.08 -2.83
C GLY A 8 13.00 7.78 -2.53
N ILE A 9 12.75 6.69 -1.79
CA ILE A 9 11.40 6.19 -1.49
C ILE A 9 10.81 6.87 -0.23
N ARG A 10 9.61 7.43 -0.38
CA ARG A 10 8.84 8.06 0.73
C ARG A 10 8.24 6.96 1.65
N ALA A 11 9.06 6.41 2.55
CA ALA A 11 8.68 5.28 3.42
C ALA A 11 8.03 5.77 4.75
N LYS A 12 6.75 6.19 4.66
CA LYS A 12 5.93 6.56 5.85
C LYS A 12 4.84 5.50 6.14
N LYS A 13 4.42 4.75 5.09
CA LYS A 13 3.33 3.75 5.18
C LYS A 13 3.64 2.62 6.20
N THR A 14 2.99 2.70 7.39
CA THR A 14 3.16 1.72 8.50
C THR A 14 2.44 0.39 8.20
N LYS A 15 2.62 -0.61 9.07
CA LYS A 15 1.91 -1.90 8.97
C LYS A 15 0.42 -1.76 9.40
N GLU A 16 0.14 -0.73 10.24
CA GLU A 16 -1.24 -0.39 10.66
C GLU A 16 -2.04 0.18 9.46
N GLN A 17 -1.37 1.06 8.69
CA GLN A 17 -1.92 1.65 7.46
C GLN A 17 -2.03 0.59 6.34
N LEU A 18 -0.94 -0.20 6.19
CA LEU A 18 -0.80 -1.26 5.16
C LEU A 18 -1.88 -2.36 5.34
N ALA A 19 -2.26 -2.64 6.61
CA ALA A 19 -3.29 -3.64 6.97
C ALA A 19 -4.67 -3.30 6.33
N GLU A 20 -5.11 -2.04 6.52
CA GLU A 20 -6.38 -1.54 5.96
C GLU A 20 -6.35 -1.49 4.42
N LEU A 21 -5.18 -1.12 3.87
CA LEU A 21 -4.94 -1.08 2.42
C LEU A 21 -5.02 -2.50 1.78
N LYS A 22 -4.50 -3.52 2.51
CA LYS A 22 -4.59 -4.95 2.09
C LYS A 22 -6.07 -5.41 2.01
N VAL A 23 -6.85 -5.09 3.07
CA VAL A 23 -8.30 -5.39 3.13
C VAL A 23 -9.05 -4.76 1.94
N SER A 24 -8.73 -3.49 1.64
CA SER A 24 -9.34 -2.71 0.54
C SER A 24 -8.91 -3.26 -0.85
N TYR A 25 -7.68 -3.80 -0.94
CA TYR A 25 -7.13 -4.44 -2.17
C TYR A 25 -7.89 -5.76 -2.49
N LEU A 26 -8.36 -6.44 -1.44
CA LEU A 26 -9.21 -7.65 -1.56
C LEU A 26 -10.60 -7.32 -2.19
N LYS A 27 -11.15 -6.11 -1.88
CA LYS A 27 -12.35 -5.59 -2.59
C LYS A 27 -11.99 -5.31 -4.07
N ASN A 28 -10.99 -4.42 -4.25
CA ASN A 28 -10.55 -3.92 -5.57
C ASN A 28 -9.30 -3.02 -5.44
N GLN A 29 -8.37 -3.13 -6.41
CA GLN A 29 -7.16 -2.29 -6.47
C GLN A 29 -7.49 -0.85 -6.91
N PHE A 30 -8.58 -0.69 -7.67
CA PHE A 30 -9.01 0.63 -8.20
C PHE A 30 -10.38 1.02 -7.56
N PRO A 31 -10.41 1.54 -6.29
CA PRO A 31 -11.67 1.87 -5.57
C PRO A 31 -12.44 3.08 -6.16
N HIS A 32 -13.73 3.19 -5.81
CA HIS A 32 -14.63 4.25 -6.31
C HIS A 32 -14.31 5.62 -5.64
N ASP A 33 -14.76 5.79 -4.37
CA ASP A 33 -14.50 7.02 -3.59
C ASP A 33 -14.62 6.77 -2.07
N SER A 34 -15.80 6.30 -1.62
CA SER A 34 -16.09 6.06 -0.17
C SER A 34 -15.14 5.00 0.46
N GLU A 35 -14.69 4.05 -0.39
CA GLU A 35 -13.68 3.02 -0.01
C GLU A 35 -12.32 3.69 0.33
N ILE A 36 -11.89 4.66 -0.51
CA ILE A 36 -10.63 5.43 -0.30
C ILE A 36 -10.74 6.34 0.94
N ILE A 37 -11.86 7.07 1.05
CA ILE A 37 -12.11 8.04 2.14
C ILE A 37 -12.24 7.33 3.52
N ARG A 38 -12.75 6.08 3.49
CA ARG A 38 -12.77 5.18 4.66
C ARG A 38 -11.33 4.95 5.20
N LEU A 39 -10.41 4.65 4.26
CA LEU A 39 -8.97 4.47 4.55
C LEU A 39 -8.32 5.79 5.05
N MET A 40 -8.68 6.93 4.41
CA MET A 40 -8.16 8.28 4.81
C MET A 40 -8.49 8.62 6.29
N LYS A 41 -9.63 8.13 6.77
CA LYS A 41 -10.09 8.31 8.16
C LYS A 41 -9.41 7.32 9.16
N ILE A 42 -9.06 6.10 8.69
CA ILE A 42 -8.46 5.05 9.58
C ILE A 42 -6.92 5.02 9.50
N THR A 43 -6.37 4.83 8.27
CA THR A 43 -4.90 4.83 8.02
C THR A 43 -4.27 6.21 8.35
N GLY A 44 -4.97 7.29 7.96
CA GLY A 44 -4.44 8.66 8.11
C GLY A 44 -3.62 9.14 6.89
N LEU A 45 -3.49 8.26 5.87
CA LEU A 45 -2.85 8.60 4.59
C LEU A 45 -3.79 9.44 3.71
N THR A 46 -3.20 10.24 2.80
CA THR A 46 -3.95 11.04 1.83
C THR A 46 -4.41 10.16 0.65
N LYS A 47 -5.41 10.65 -0.13
CA LYS A 47 -5.96 9.95 -1.30
C LYS A 47 -4.84 9.60 -2.34
N GLY A 48 -3.85 10.50 -2.46
CA GLY A 48 -2.68 10.30 -3.33
C GLY A 48 -1.79 9.12 -2.90
N GLU A 49 -1.53 9.03 -1.58
CA GLU A 49 -0.75 7.91 -0.97
C GLU A 49 -1.44 6.55 -1.18
N ILE A 50 -2.75 6.52 -0.93
CA ILE A 50 -3.60 5.32 -1.05
C ILE A 50 -3.63 4.78 -2.50
N LYS A 51 -3.96 5.66 -3.47
CA LYS A 51 -3.93 5.35 -4.93
C LYS A 51 -2.53 4.86 -5.39
N LYS A 52 -1.47 5.48 -4.82
CA LYS A 52 -0.07 5.14 -5.14
C LYS A 52 0.25 3.69 -4.70
N TRP A 53 -0.13 3.35 -3.44
CA TRP A 53 0.14 2.02 -2.84
C TRP A 53 -0.46 0.90 -3.70
N PHE A 54 -1.74 1.07 -4.09
CA PHE A 54 -2.50 0.08 -4.91
C PHE A 54 -1.78 -0.25 -6.24
N SER A 55 -1.28 0.79 -6.92
CA SER A 55 -0.53 0.64 -8.20
C SER A 55 0.81 -0.13 -7.98
N ASP A 56 1.48 0.13 -6.84
CA ASP A 56 2.74 -0.56 -6.45
C ASP A 56 2.51 -2.02 -5.94
N THR A 57 1.30 -2.29 -5.38
CA THR A 57 0.98 -3.57 -4.68
C THR A 57 1.23 -4.82 -5.56
N ARG A 58 0.81 -4.78 -6.85
CA ARG A 58 0.98 -5.93 -7.78
C ARG A 58 2.47 -6.34 -7.94
N TYR A 59 3.39 -5.36 -7.90
CA TYR A 59 4.85 -5.64 -7.89
C TYR A 59 5.24 -6.38 -6.59
N ASN A 60 4.74 -5.89 -5.44
CA ASN A 60 5.00 -6.49 -4.11
C ASN A 60 4.31 -7.89 -3.98
N GLN A 61 3.28 -8.11 -4.82
CA GLN A 61 2.49 -9.36 -4.90
C GLN A 61 3.04 -10.29 -6.03
N ARG A 62 4.35 -10.13 -6.33
CA ARG A 62 5.08 -11.01 -7.29
C ARG A 62 6.62 -11.00 -7.02
N ASN A 63 7.09 -9.99 -6.27
CA ASN A 63 8.49 -9.86 -5.83
C ASN A 63 8.80 -10.88 -4.69
N SER A 64 10.11 -11.06 -4.38
CA SER A 64 10.57 -11.97 -3.29
C SER A 64 9.92 -11.61 -1.93
N LYS A 65 8.83 -12.33 -1.58
CA LYS A 65 8.02 -12.10 -0.36
C LYS A 65 8.86 -12.34 0.92
N SER A 66 8.48 -11.61 2.01
CA SER A 66 9.30 -11.45 3.25
C SER A 66 10.53 -10.56 2.96
N ASN A 67 10.23 -9.29 2.62
CA ASN A 67 11.22 -8.29 2.16
C ASN A 67 12.01 -7.66 3.35
N GLN A 68 12.92 -8.45 3.93
CA GLN A 68 13.78 -8.03 5.06
C GLN A 68 15.28 -8.32 4.71
N CYS A 69 16.20 -7.53 5.31
CA CYS A 69 17.67 -7.59 5.02
C CYS A 69 17.95 -7.22 3.54
N LEU A 70 17.81 -5.92 3.23
CA LEU A 70 17.90 -5.39 1.85
C LEU A 70 19.37 -5.27 1.39
N HIS A 71 19.59 -5.43 0.07
CA HIS A 71 20.91 -5.35 -0.60
C HIS A 71 21.72 -4.07 -0.20
N LEU A 72 22.70 -4.24 0.70
CA LEU A 72 23.61 -3.16 1.15
C LEU A 72 25.01 -3.28 0.52
N ASN A 73 25.76 -2.17 0.54
CA ASN A 73 27.15 -2.10 0.05
C ASN A 73 28.16 -2.54 1.16
N ASN A 74 29.46 -2.65 0.78
CA ASN A 74 30.58 -3.06 1.66
C ASN A 74 30.45 -4.55 2.15
N SER A 1 -3.86 7.82 22.91
CA SER A 1 -2.77 8.13 21.95
C SER A 1 -1.92 6.87 21.63
N HIS A 2 -1.28 6.30 22.69
CA HIS A 2 -0.26 5.22 22.57
C HIS A 2 1.00 5.74 21.83
N MET A 3 2.05 6.09 22.62
CA MET A 3 3.30 6.77 22.15
C MET A 3 3.04 8.26 21.72
N PRO A 4 4.09 9.17 21.79
CA PRO A 4 4.00 10.59 21.32
C PRO A 4 3.38 10.71 19.90
N ASP A 5 2.30 11.51 19.78
CA ASP A 5 1.49 11.63 18.55
C ASP A 5 2.29 12.23 17.37
N SER A 6 2.33 11.48 16.25
CA SER A 6 2.96 11.93 14.99
C SER A 6 1.94 12.78 14.18
N PHE A 7 1.82 14.05 14.56
CA PHE A 7 0.89 15.01 13.94
C PHE A 7 1.31 15.36 12.48
N GLY A 8 0.41 15.03 11.52
CA GLY A 8 0.71 15.16 10.08
C GLY A 8 1.58 14.02 9.53
N ILE A 9 2.19 14.22 8.34
CA ILE A 9 3.12 13.23 7.76
C ILE A 9 4.53 13.44 8.38
N ARG A 10 4.74 12.86 9.58
CA ARG A 10 6.05 12.81 10.28
C ARG A 10 6.55 11.35 10.36
N ALA A 11 5.60 10.43 10.62
CA ALA A 11 5.87 8.97 10.63
C ALA A 11 5.49 8.33 9.29
N LYS A 12 5.99 7.10 9.08
CA LYS A 12 5.70 6.29 7.88
C LYS A 12 4.57 5.26 8.14
N LYS A 13 4.24 4.41 7.13
CA LYS A 13 3.10 3.46 7.22
C LYS A 13 3.29 2.40 8.33
N THR A 14 2.47 2.50 9.41
CA THR A 14 2.39 1.45 10.46
C THR A 14 1.63 0.22 9.91
N LYS A 15 1.72 -0.93 10.60
CA LYS A 15 0.92 -2.13 10.23
C LYS A 15 -0.59 -1.91 10.52
N GLU A 16 -0.91 -0.96 11.42
CA GLU A 16 -2.31 -0.53 11.68
C GLU A 16 -2.91 0.19 10.45
N GLN A 17 -2.09 1.02 9.78
CA GLN A 17 -2.48 1.73 8.54
C GLN A 17 -2.47 0.79 7.30
N LEU A 18 -1.33 0.12 7.12
CA LEU A 18 -1.00 -0.66 5.90
C LEU A 18 -1.91 -1.92 5.75
N ALA A 19 -2.21 -2.61 6.87
CA ALA A 19 -3.05 -3.85 6.84
C ALA A 19 -4.49 -3.59 6.35
N GLU A 20 -5.03 -2.40 6.64
CA GLU A 20 -6.37 -1.98 6.16
C GLU A 20 -6.40 -1.79 4.63
N LEU A 21 -5.30 -1.23 4.10
CA LEU A 21 -5.10 -1.11 2.63
C LEU A 21 -4.86 -2.50 1.99
N LYS A 22 -4.16 -3.37 2.73
CA LYS A 22 -3.69 -4.70 2.25
C LYS A 22 -4.89 -5.65 2.01
N VAL A 23 -5.73 -5.77 3.04
CA VAL A 23 -6.96 -6.61 2.99
C VAL A 23 -8.00 -6.00 2.00
N SER A 24 -8.07 -4.65 1.94
CA SER A 24 -8.93 -3.93 0.96
C SER A 24 -8.48 -4.21 -0.50
N TYR A 25 -7.16 -4.36 -0.70
CA TYR A 25 -6.57 -4.72 -2.02
C TYR A 25 -6.94 -6.16 -2.43
N LEU A 26 -6.86 -7.08 -1.45
CA LEU A 26 -7.24 -8.51 -1.64
C LEU A 26 -8.73 -8.66 -2.04
N LYS A 27 -9.56 -7.69 -1.63
CA LYS A 27 -10.99 -7.60 -2.01
C LYS A 27 -11.17 -6.86 -3.37
N ASN A 28 -10.39 -5.79 -3.58
CA ASN A 28 -10.53 -4.89 -4.76
C ASN A 28 -9.22 -4.09 -5.02
N GLN A 29 -8.73 -4.13 -6.27
CA GLN A 29 -7.45 -3.52 -6.69
C GLN A 29 -7.60 -2.00 -6.97
N PHE A 30 -8.82 -1.59 -7.39
CA PHE A 30 -9.12 -0.17 -7.75
C PHE A 30 -10.42 0.30 -7.06
N PRO A 31 -10.33 0.82 -5.79
CA PRO A 31 -11.50 1.40 -5.07
C PRO A 31 -11.86 2.84 -5.55
N HIS A 32 -13.09 3.27 -5.23
CA HIS A 32 -13.60 4.63 -5.58
C HIS A 32 -12.87 5.71 -4.75
N ASP A 33 -12.67 6.91 -5.32
CA ASP A 33 -11.92 8.02 -4.66
C ASP A 33 -12.59 8.47 -3.33
N SER A 34 -13.93 8.45 -3.28
CA SER A 34 -14.72 8.78 -2.06
C SER A 34 -14.65 7.64 -1.02
N GLU A 35 -14.58 6.39 -1.51
CA GLU A 35 -14.37 5.18 -0.67
C GLU A 35 -12.94 5.17 -0.05
N ILE A 36 -11.98 5.75 -0.78
CA ILE A 36 -10.59 5.93 -0.32
C ILE A 36 -10.53 6.96 0.85
N ILE A 37 -11.42 7.97 0.83
CA ILE A 37 -11.52 8.98 1.93
C ILE A 37 -11.85 8.29 3.29
N ARG A 38 -12.67 7.23 3.25
CA ARG A 38 -12.93 6.35 4.42
C ARG A 38 -11.62 5.66 4.90
N LEU A 39 -10.86 5.08 3.95
CA LEU A 39 -9.54 4.47 4.23
C LEU A 39 -8.51 5.51 4.76
N MET A 40 -8.65 6.78 4.34
CA MET A 40 -7.79 7.91 4.81
C MET A 40 -8.10 8.27 6.29
N LYS A 41 -9.39 8.17 6.67
CA LYS A 41 -9.84 8.42 8.07
C LYS A 41 -9.57 7.23 9.00
N ILE A 42 -9.17 6.08 8.43
CA ILE A 42 -8.67 4.90 9.20
C ILE A 42 -7.13 4.97 9.35
N THR A 43 -6.43 5.19 8.22
CA THR A 43 -4.95 5.20 8.16
C THR A 43 -4.37 6.52 8.74
N GLY A 44 -4.76 7.65 8.15
CA GLY A 44 -4.15 8.97 8.41
C GLY A 44 -3.31 9.46 7.23
N LEU A 45 -3.29 8.67 6.15
CA LEU A 45 -2.56 8.98 4.89
C LEU A 45 -3.45 9.81 3.93
N THR A 46 -2.88 10.18 2.76
CA THR A 46 -3.60 10.98 1.74
C THR A 46 -4.28 10.07 0.70
N LYS A 47 -5.14 10.66 -0.14
CA LYS A 47 -5.80 9.95 -1.27
C LYS A 47 -4.76 9.54 -2.33
N GLY A 48 -3.72 10.40 -2.50
CA GLY A 48 -2.59 10.12 -3.40
C GLY A 48 -1.71 8.95 -2.93
N GLU A 49 -1.51 8.84 -1.60
CA GLU A 49 -0.82 7.70 -0.95
C GLU A 49 -1.50 6.36 -1.31
N ILE A 50 -2.83 6.32 -1.14
CA ILE A 50 -3.64 5.10 -1.30
C ILE A 50 -3.82 4.69 -2.81
N LYS A 51 -4.15 5.67 -3.67
CA LYS A 51 -4.21 5.46 -5.16
C LYS A 51 -2.90 4.87 -5.71
N LYS A 52 -1.77 5.46 -5.25
CA LYS A 52 -0.41 5.01 -5.59
C LYS A 52 -0.11 3.60 -5.02
N TRP A 53 -0.52 3.38 -3.74
CA TRP A 53 -0.21 2.13 -2.99
C TRP A 53 -0.81 0.88 -3.68
N PHE A 54 -2.11 0.95 -4.02
CA PHE A 54 -2.84 -0.19 -4.67
C PHE A 54 -2.21 -0.60 -6.02
N SER A 55 -1.69 0.38 -6.75
CA SER A 55 -0.98 0.15 -8.03
C SER A 55 0.41 -0.51 -7.83
N ASP A 56 1.17 -0.04 -6.82
CA ASP A 56 2.54 -0.55 -6.52
C ASP A 56 2.51 -1.97 -5.88
N THR A 57 1.45 -2.25 -5.12
CA THR A 57 1.21 -3.58 -4.52
C THR A 57 0.78 -4.59 -5.62
N ARG A 58 0.00 -4.10 -6.59
CA ARG A 58 -0.38 -4.84 -7.81
C ARG A 58 0.86 -5.18 -8.67
N TYR A 59 1.80 -4.23 -8.73
CA TYR A 59 3.12 -4.41 -9.38
C TYR A 59 4.00 -5.43 -8.61
N ASN A 60 3.96 -5.34 -7.28
CA ASN A 60 4.84 -6.11 -6.37
C ASN A 60 4.52 -7.62 -6.41
N GLN A 61 3.22 -7.97 -6.44
CA GLN A 61 2.77 -9.38 -6.51
C GLN A 61 3.08 -10.05 -7.87
N ARG A 62 2.82 -9.36 -9.00
CA ARG A 62 3.07 -9.93 -10.35
C ARG A 62 3.14 -8.86 -11.47
N ASN A 63 2.09 -8.01 -11.61
CA ASN A 63 1.94 -7.04 -12.74
C ASN A 63 1.86 -7.79 -14.13
N SER A 64 1.82 -7.04 -15.25
CA SER A 64 1.94 -7.63 -16.61
C SER A 64 2.75 -6.69 -17.54
N LYS A 65 2.32 -5.40 -17.65
CA LYS A 65 3.03 -4.38 -18.47
C LYS A 65 2.58 -2.93 -18.15
N SER A 66 1.26 -2.73 -17.94
CA SER A 66 0.64 -1.39 -17.77
C SER A 66 -0.04 -1.20 -16.40
N ASN A 67 -0.10 -2.30 -15.59
CA ASN A 67 -0.67 -2.31 -14.21
C ASN A 67 -2.18 -1.90 -14.19
N GLN A 68 -2.84 -2.00 -15.36
CA GLN A 68 -4.19 -1.47 -15.62
C GLN A 68 -4.30 0.05 -15.29
N CYS A 69 -3.90 0.89 -16.27
CA CYS A 69 -4.11 2.35 -16.18
C CYS A 69 -5.59 2.72 -16.49
N LEU A 70 -6.34 1.76 -17.06
CA LEU A 70 -7.74 1.92 -17.44
C LEU A 70 -8.71 1.88 -16.25
N HIS A 71 -9.69 2.79 -16.26
CA HIS A 71 -10.83 2.80 -15.33
C HIS A 71 -12.13 2.62 -16.12
N LEU A 72 -13.00 1.69 -15.67
CA LEU A 72 -14.35 1.50 -16.25
C LEU A 72 -15.18 2.80 -16.06
N ASN A 73 -15.92 3.22 -17.11
CA ASN A 73 -16.68 4.49 -17.12
C ASN A 73 -17.74 4.55 -15.98
N ASN A 74 -17.31 5.10 -14.82
CA ASN A 74 -18.18 5.28 -13.63
C ASN A 74 -18.91 6.68 -13.67
#